data_7KI3
#
_entry.id   7KI3
#
_cell.length_a   87.313
_cell.length_b   112.963
_cell.length_c   207.684
_cell.angle_alpha   90.000
_cell.angle_beta   90.000
_cell.angle_gamma   90.000
#
_symmetry.space_group_name_H-M   'P 21 21 21'
#
loop_
_entity.id
_entity.type
_entity.pdbx_description
1 polymer 'Protein argonaute-2'
2 polymer miR-122
3 polymer 'HCV genotype 1a miR-122 site-1'
4 non-polymer 'BARIUM ION'
#
loop_
_entity_poly.entity_id
_entity_poly.type
_entity_poly.pdbx_seq_one_letter_code
_entity_poly.pdbx_strand_id
1 'polypeptide(L)'
;MYSGAGPALAPPAPPPPIQGYAFKPPPRPDFGTSGRTIKLQANFFEMDIPKIDIYHYELDIKPEKCPRRVNREIVEHMVQ
HFKTQIFGDRKPVFDGRKNLYTAMPLPIGRDKVELEVTLPGEGKDRIFKVSIKWVSCVSLQALHDALSGRLPSVPFETIQ
ALDVVMRHLPSMRYTPVGRSFFTASEGCSNPLGGGREVWFGFHQSVRPSLWKMMLNIDVSATAFYKAQPVIEFVCEVLDF
KSIEEQQKPLTDSQRVKFTKEIKGLKVEITHCGQMKRKYRVCNVTRRPASHQTFPLQQESGQTVECTVAQYFKDRHKLVL
RYPHLPCLQVGQEQKHTYLPLEVCNIVAGQRCIKKLTDNQTSTMIRATARSAPDRQEEISKLMRSADFNTDPYVREFGIM
VKDEMTDVTGRVLQPPSILYGGRNKAIATPVQGVWDMRNKQFHTGIEIKVWAIACFAPQRQCTEVHLKSFTEQLRKISRD
AGMPIQGQPCFCKYAQGADSVEPMFRHLKNTYAGLQLVVVILPGKTPVYAEVKRVGDTVLGMATQCVQMKNVQRTTPQTL
SNLCLKINVKLGGVNNILLPQGRPPVFQQPVIFLGADVTHPPAGDGKKPSIAAVVGSMDAHPNRYCATVRVQQHRQEIIQ
DLAAMVRELLIQFYKSTRFKPTRIIFYRDGVSEGQFQQVLHHELLAIREACIKLEKDYQPGITFIVVQKRHHTRLFCTDK
NERVGKSGNIPAGTTVDTKITHPTEFDFYLCSHAGIQGTSRPSHYHVLWDDNRFSSDELQILTYQLCHTYVRCTRSVSIP
APAYYAHLVAFRARYHLVDKEHDAAEGDHTDGQANGRDHQALAKAVQVHQDTLRTMYFA
;
A,D
2 'polyribonucleotide' UGGAGUGUGACAAUGGUGUUUGU B,E
3 'polyribonucleotide' GCCAGCCGCCUGAUGGCGGCGACACUCCA C,F
#
loop_
_chem_comp.id
_chem_comp.type
_chem_comp.name
_chem_comp.formula
A RNA linking ADENOSINE-5'-MONOPHOSPHATE 'C10 H14 N5 O7 P'
BA non-polymer 'BARIUM ION' 'Ba 2'
C RNA linking CYTIDINE-5'-MONOPHOSPHATE 'C9 H14 N3 O8 P'
G RNA linking GUANOSINE-5'-MONOPHOSPHATE 'C10 H14 N5 O8 P'
U RNA linking URIDINE-5'-MONOPHOSPHATE 'C9 H13 N2 O9 P'
#
# COMPACT_ATOMS: atom_id res chain seq x y z
N ALA A 22 2.24 -10.45 -27.73
CA ALA A 22 2.58 -9.21 -27.04
C ALA A 22 2.79 -9.46 -25.55
N PHE A 23 3.51 -8.55 -24.90
CA PHE A 23 3.78 -8.60 -23.48
C PHE A 23 3.22 -7.34 -22.84
N LYS A 24 2.28 -7.50 -21.92
CA LYS A 24 1.74 -6.31 -21.29
C LYS A 24 2.30 -6.16 -19.87
N PRO A 25 2.60 -4.93 -19.43
CA PRO A 25 3.28 -4.77 -18.16
C PRO A 25 2.38 -5.12 -17.01
N PRO A 26 2.93 -5.70 -15.92
CA PRO A 26 2.07 -6.13 -14.82
C PRO A 26 1.44 -4.94 -14.12
N PRO A 27 0.23 -5.11 -13.59
CA PRO A 27 -0.38 -4.02 -12.80
C PRO A 27 0.39 -3.79 -11.51
N ARG A 28 0.12 -2.63 -10.92
CA ARG A 28 0.74 -2.28 -9.66
C ARG A 28 0.30 -3.28 -8.59
N PRO A 29 1.22 -4.00 -7.94
CA PRO A 29 0.79 -5.04 -7.00
C PRO A 29 0.19 -4.49 -5.72
N ASP A 30 0.76 -3.42 -5.18
CA ASP A 30 0.29 -2.80 -3.96
C ASP A 30 0.77 -1.35 -3.99
N PHE A 31 0.59 -0.63 -2.89
CA PHE A 31 0.88 0.79 -2.88
C PHE A 31 2.03 1.21 -1.96
N GLY A 32 2.59 0.29 -1.18
CA GLY A 32 3.83 0.60 -0.50
C GLY A 32 3.62 1.41 0.76
N THR A 33 4.23 0.96 1.86
CA THR A 33 4.01 1.56 3.16
C THR A 33 5.29 1.75 3.97
N SER A 34 6.45 1.39 3.42
CA SER A 34 7.69 1.48 4.15
C SER A 34 8.20 2.93 4.17
N GLY A 35 9.02 3.24 5.18
CA GLY A 35 9.61 4.54 5.32
C GLY A 35 8.73 5.50 6.13
N ARG A 36 9.33 6.63 6.50
CA ARG A 36 8.64 7.64 7.27
C ARG A 36 7.94 8.60 6.32
N THR A 37 6.67 8.90 6.57
CA THR A 37 5.92 9.72 5.63
C THR A 37 6.40 11.16 5.65
N ILE A 38 6.20 11.83 4.53
CA ILE A 38 6.64 13.20 4.30
C ILE A 38 5.63 13.84 3.36
N LYS A 39 5.24 15.06 3.68
CA LYS A 39 4.28 15.77 2.83
C LYS A 39 5.04 16.48 1.72
N LEU A 40 4.54 16.37 0.49
CA LEU A 40 5.21 16.92 -0.67
C LEU A 40 4.20 17.62 -1.57
N GLN A 41 4.73 18.45 -2.46
CA GLN A 41 3.97 19.05 -3.53
C GLN A 41 4.68 18.73 -4.84
N ALA A 42 3.89 18.40 -5.86
CA ALA A 42 4.41 18.04 -7.16
C ALA A 42 3.88 19.00 -8.21
N ASN A 43 4.71 19.22 -9.24
CA ASN A 43 4.38 20.14 -10.32
C ASN A 43 3.44 19.44 -11.30
N PHE A 44 2.39 18.86 -10.75
CA PHE A 44 1.26 18.33 -11.51
C PHE A 44 0.03 19.05 -11.00
N PHE A 45 -0.76 19.61 -11.90
CA PHE A 45 -1.96 20.35 -11.55
C PHE A 45 -3.16 19.56 -12.04
N GLU A 46 -4.07 19.21 -11.12
CA GLU A 46 -5.19 18.36 -11.47
C GLU A 46 -6.04 19.00 -12.55
N MET A 47 -6.46 18.20 -13.51
CA MET A 47 -7.37 18.64 -14.56
C MET A 47 -8.75 18.08 -14.29
N ASP A 48 -9.76 18.81 -14.76
CA ASP A 48 -11.15 18.36 -14.71
C ASP A 48 -11.56 18.08 -16.15
N ILE A 49 -11.75 16.80 -16.47
CA ILE A 49 -11.99 16.35 -17.84
C ILE A 49 -13.41 15.84 -17.92
N PRO A 50 -14.23 16.31 -18.87
CA PRO A 50 -15.59 15.78 -19.01
C PRO A 50 -15.57 14.36 -19.55
N LYS A 51 -16.75 13.73 -19.48
CA LYS A 51 -16.92 12.37 -19.95
C LYS A 51 -17.59 12.31 -21.32
N ILE A 52 -17.80 13.46 -21.97
CA ILE A 52 -18.39 13.48 -23.31
C ILE A 52 -17.34 13.15 -24.35
N ASP A 53 -17.80 12.80 -25.54
CA ASP A 53 -16.89 12.52 -26.64
C ASP A 53 -16.54 13.81 -27.37
N ILE A 54 -15.31 13.87 -27.87
CA ILE A 54 -14.87 14.96 -28.73
C ILE A 54 -14.64 14.38 -30.13
N TYR A 55 -14.48 15.27 -31.11
CA TYR A 55 -14.52 14.84 -32.50
C TYR A 55 -13.27 15.29 -33.24
N HIS A 56 -12.61 14.34 -33.90
CA HIS A 56 -11.30 14.54 -34.52
C HIS A 56 -11.47 14.56 -36.04
N TYR A 57 -11.04 15.67 -36.66
CA TYR A 57 -11.02 15.85 -38.10
C TYR A 57 -9.58 16.00 -38.58
N GLU A 58 -9.37 15.73 -39.85
CA GLU A 58 -8.05 15.80 -40.48
C GLU A 58 -8.01 16.95 -41.48
N LEU A 59 -6.86 17.61 -41.55
CA LEU A 59 -6.68 18.80 -42.37
C LEU A 59 -5.52 18.61 -43.33
N ASP A 60 -5.64 19.24 -44.50
CA ASP A 60 -4.57 19.31 -45.49
C ASP A 60 -4.62 20.68 -46.14
N ILE A 61 -3.58 21.48 -45.95
CA ILE A 61 -3.52 22.85 -46.42
C ILE A 61 -2.58 22.92 -47.60
N LYS A 62 -3.07 23.44 -48.73
CA LYS A 62 -2.23 23.64 -49.90
C LYS A 62 -1.91 25.12 -50.09
N PRO A 63 -0.66 25.49 -50.42
CA PRO A 63 0.48 24.56 -50.53
C PRO A 63 0.94 24.05 -49.18
N GLU A 64 1.97 23.21 -49.16
CA GLU A 64 2.52 22.67 -47.93
C GLU A 64 4.00 23.05 -47.80
N LYS A 65 4.31 24.30 -48.13
CA LYS A 65 5.66 24.83 -48.04
C LYS A 65 5.71 25.95 -47.00
N CYS A 66 5.09 25.73 -45.85
CA CYS A 66 4.84 26.75 -44.85
C CYS A 66 5.37 26.32 -43.48
N PRO A 67 5.76 27.28 -42.63
CA PRO A 67 6.05 26.95 -41.24
C PRO A 67 4.78 26.61 -40.48
N ARG A 68 4.95 25.99 -39.31
CA ARG A 68 3.79 25.57 -38.53
C ARG A 68 2.96 26.75 -38.05
N ARG A 69 3.60 27.91 -37.87
CA ARG A 69 2.89 29.08 -37.33
C ARG A 69 1.86 29.61 -38.32
N VAL A 70 2.20 29.65 -39.61
CA VAL A 70 1.27 30.22 -40.58
C VAL A 70 0.16 29.25 -40.93
N ASN A 71 0.39 27.94 -40.79
CA ASN A 71 -0.71 26.99 -40.89
C ASN A 71 -1.73 27.26 -39.78
N ARG A 72 -1.27 27.67 -38.60
CA ARG A 72 -2.18 28.01 -37.52
C ARG A 72 -2.94 29.28 -37.83
N GLU A 73 -2.27 30.27 -38.42
CA GLU A 73 -2.98 31.48 -38.86
C GLU A 73 -4.03 31.15 -39.92
N ILE A 74 -3.67 30.29 -40.87
CA ILE A 74 -4.62 29.87 -41.91
C ILE A 74 -5.85 29.25 -41.27
N VAL A 75 -5.66 28.33 -40.33
CA VAL A 75 -6.78 27.66 -39.71
C VAL A 75 -7.62 28.64 -38.90
N GLU A 76 -6.97 29.62 -38.25
CA GLU A 76 -7.74 30.59 -37.49
C GLU A 76 -8.62 31.45 -38.39
N HIS A 77 -8.07 31.93 -39.51
CA HIS A 77 -8.90 32.71 -40.42
C HIS A 77 -9.97 31.85 -41.06
N MET A 78 -9.69 30.55 -41.27
CA MET A 78 -10.72 29.65 -41.76
C MET A 78 -11.88 29.55 -40.78
N VAL A 79 -11.58 29.49 -39.48
CA VAL A 79 -12.64 29.37 -38.49
C VAL A 79 -13.41 30.68 -38.38
N GLN A 80 -12.73 31.82 -38.53
CA GLN A 80 -13.44 33.10 -38.45
C GLN A 80 -14.26 33.38 -39.69
N HIS A 81 -13.82 32.90 -40.86
CA HIS A 81 -14.51 33.19 -42.11
C HIS A 81 -15.74 32.32 -42.28
N PHE A 82 -15.55 30.99 -42.31
CA PHE A 82 -16.67 30.09 -42.46
C PHE A 82 -17.35 29.84 -41.12
N LYS A 83 -17.65 30.90 -40.38
CA LYS A 83 -18.24 30.74 -39.06
C LYS A 83 -19.69 30.25 -39.18
N THR A 84 -20.51 30.96 -39.97
CA THR A 84 -21.91 30.59 -40.10
C THR A 84 -22.10 29.36 -40.95
N GLN A 85 -21.18 29.10 -41.88
CA GLN A 85 -21.33 27.96 -42.77
C GLN A 85 -20.94 26.65 -42.09
N ILE A 86 -19.78 26.63 -41.44
CA ILE A 86 -19.19 25.39 -40.91
C ILE A 86 -19.19 25.38 -39.38
N PHE A 87 -18.49 26.32 -38.76
CA PHE A 87 -18.14 26.20 -37.35
C PHE A 87 -19.17 26.84 -36.41
N GLY A 88 -19.36 28.16 -36.51
CA GLY A 88 -20.28 28.85 -35.63
C GLY A 88 -19.64 29.22 -34.31
N ASP A 89 -20.40 29.10 -33.21
CA ASP A 89 -19.85 29.39 -31.89
C ASP A 89 -18.70 28.45 -31.54
N ARG A 90 -18.63 27.28 -32.17
CA ARG A 90 -17.57 26.32 -31.91
C ARG A 90 -16.20 26.98 -32.04
N LYS A 91 -15.32 26.71 -31.07
CA LYS A 91 -13.95 27.22 -31.05
C LYS A 91 -12.99 26.03 -31.07
N PRO A 92 -12.65 25.51 -32.24
CA PRO A 92 -11.82 24.30 -32.32
C PRO A 92 -10.37 24.56 -31.96
N VAL A 93 -9.59 23.48 -31.88
CA VAL A 93 -8.15 23.51 -31.62
C VAL A 93 -7.43 22.80 -32.77
N PHE A 94 -6.14 23.09 -32.91
CA PHE A 94 -5.39 22.66 -34.08
C PHE A 94 -3.97 22.25 -33.68
N ASP A 95 -3.53 21.09 -34.17
CA ASP A 95 -2.21 20.55 -33.84
C ASP A 95 -1.11 21.37 -34.49
N GLY A 96 -1.39 22.00 -35.62
CA GLY A 96 -0.41 22.72 -36.40
C GLY A 96 -0.13 22.10 -37.75
N ARG A 97 -0.39 20.79 -37.91
CA ARG A 97 -0.13 20.12 -39.18
C ARG A 97 -1.40 19.57 -39.81
N LYS A 98 -2.08 18.58 -39.19
CA LYS A 98 -3.21 17.94 -39.85
C LYS A 98 -4.33 17.51 -38.92
N ASN A 99 -4.42 18.03 -37.70
CA ASN A 99 -5.38 17.52 -36.72
C ASN A 99 -6.18 18.67 -36.15
N LEU A 100 -7.49 18.64 -36.36
CA LEU A 100 -8.42 19.58 -35.78
C LEU A 100 -9.36 18.82 -34.85
N TYR A 101 -9.79 19.47 -33.78
CA TYR A 101 -10.68 18.85 -32.81
C TYR A 101 -11.80 19.81 -32.43
N THR A 102 -13.01 19.28 -32.36
CA THR A 102 -14.16 20.05 -31.91
C THR A 102 -14.83 19.38 -30.72
N ALA A 103 -15.48 20.21 -29.89
CA ALA A 103 -16.28 19.75 -28.78
C ALA A 103 -17.70 19.37 -29.21
N MET A 104 -18.10 19.75 -30.42
CA MET A 104 -19.38 19.40 -31.01
C MET A 104 -19.13 19.01 -32.45
N PRO A 105 -19.91 18.09 -33.00
CA PRO A 105 -19.73 17.72 -34.41
C PRO A 105 -20.00 18.91 -35.33
N LEU A 106 -19.23 18.98 -36.41
CA LEU A 106 -19.44 20.01 -37.41
C LEU A 106 -20.54 19.60 -38.37
N PRO A 107 -21.20 20.56 -39.02
CA PRO A 107 -22.30 20.22 -39.93
C PRO A 107 -21.85 19.61 -41.24
N ILE A 108 -20.55 19.34 -41.40
CA ILE A 108 -20.04 18.87 -42.68
C ILE A 108 -20.28 17.39 -42.90
N GLY A 109 -20.66 16.65 -41.86
CA GLY A 109 -20.86 15.23 -42.00
C GLY A 109 -19.55 14.47 -41.86
N ARG A 110 -19.53 13.27 -42.45
CA ARG A 110 -18.37 12.39 -42.35
C ARG A 110 -17.57 12.36 -43.64
N ASP A 111 -17.82 13.29 -44.57
CA ASP A 111 -17.16 13.32 -45.87
C ASP A 111 -16.31 14.57 -46.00
N LYS A 112 -15.36 14.54 -46.93
CA LYS A 112 -14.40 15.65 -47.07
C LYS A 112 -15.10 16.89 -47.60
N VAL A 113 -14.59 18.05 -47.19
CA VAL A 113 -15.09 19.35 -47.63
C VAL A 113 -13.90 20.23 -47.97
N GLU A 114 -14.04 21.02 -49.03
CA GLU A 114 -13.00 21.90 -49.53
C GLU A 114 -13.37 23.35 -49.27
N LEU A 115 -12.45 24.09 -48.67
CA LEU A 115 -12.64 25.50 -48.36
C LEU A 115 -11.48 26.31 -48.93
N GLU A 116 -11.77 27.56 -49.26
CA GLU A 116 -10.78 28.50 -49.80
C GLU A 116 -10.55 29.60 -48.78
N VAL A 117 -9.32 29.72 -48.31
CA VAL A 117 -8.95 30.66 -47.26
C VAL A 117 -7.98 31.67 -47.86
N THR A 118 -8.33 32.97 -47.75
CA THR A 118 -7.42 34.04 -48.21
C THR A 118 -6.53 34.43 -47.02
N LEU A 119 -5.29 34.88 -47.28
CA LEU A 119 -4.43 35.35 -46.16
C LEU A 119 -4.28 36.87 -46.24
N PRO A 120 -4.57 37.62 -45.16
CA PRO A 120 -4.45 39.09 -45.14
C PRO A 120 -3.01 39.58 -45.09
N GLY A 121 -2.79 40.87 -45.37
CA GLY A 121 -1.42 41.42 -45.39
C GLY A 121 -1.29 42.52 -46.43
N GLU A 122 -1.98 42.39 -47.57
CA GLU A 122 -1.97 43.42 -48.65
C GLU A 122 -0.62 43.40 -49.39
N GLY A 123 0.49 43.62 -48.68
CA GLY A 123 1.82 43.50 -49.33
C GLY A 123 2.02 42.08 -49.82
N LYS A 124 1.40 41.09 -49.19
CA LYS A 124 1.47 39.71 -49.77
C LYS A 124 0.18 38.96 -49.47
N ASP A 125 -0.55 38.48 -50.49
CA ASP A 125 -1.85 37.80 -50.27
C ASP A 125 -1.88 36.43 -50.96
N ARG A 126 -1.67 35.35 -50.15
CA ARG A 126 -1.65 33.98 -50.72
C ARG A 126 -3.01 33.30 -50.54
N ILE A 127 -3.41 32.46 -51.51
CA ILE A 127 -4.73 31.78 -51.42
C ILE A 127 -4.46 30.33 -51.05
N PHE A 128 -5.26 29.77 -50.16
CA PHE A 128 -5.00 28.42 -49.67
C PHE A 128 -6.23 27.55 -49.81
N LYS A 129 -6.01 26.31 -50.26
CA LYS A 129 -7.07 25.32 -50.39
C LYS A 129 -6.97 24.35 -49.21
N VAL A 130 -7.94 24.42 -48.30
CA VAL A 130 -7.96 23.59 -47.11
C VAL A 130 -9.03 22.53 -47.28
N SER A 131 -8.81 21.38 -46.64
CA SER A 131 -9.76 20.27 -46.70
C SER A 131 -9.99 19.73 -45.30
N ILE A 132 -11.26 19.68 -44.88
CA ILE A 132 -11.65 19.14 -43.58
C ILE A 132 -12.31 17.79 -43.80
N LYS A 133 -11.93 16.81 -42.99
CA LYS A 133 -12.45 15.44 -43.11
C LYS A 133 -12.64 14.82 -41.74
N TRP A 134 -13.83 14.27 -41.51
CA TRP A 134 -14.13 13.59 -40.25
C TRP A 134 -13.28 12.33 -40.12
N VAL A 135 -12.52 12.25 -39.03
CA VAL A 135 -11.68 11.08 -38.76
C VAL A 135 -12.34 10.17 -37.74
N SER A 136 -12.56 10.66 -36.53
CA SER A 136 -12.94 9.77 -35.44
C SER A 136 -13.74 10.50 -34.37
N CYS A 137 -14.30 9.69 -33.47
CA CYS A 137 -15.02 10.14 -32.28
C CYS A 137 -14.21 9.69 -31.07
N VAL A 138 -13.36 10.58 -30.56
CA VAL A 138 -12.54 10.26 -29.40
C VAL A 138 -13.39 10.28 -28.15
N SER A 139 -13.35 9.20 -27.37
CA SER A 139 -14.19 9.04 -26.19
C SER A 139 -13.40 9.40 -24.94
N LEU A 140 -13.80 10.47 -24.27
CA LEU A 140 -13.23 10.79 -22.96
C LEU A 140 -13.71 9.82 -21.88
N GLN A 141 -14.85 9.18 -22.09
CA GLN A 141 -15.32 8.16 -21.15
C GLN A 141 -14.34 7.00 -21.09
N ALA A 142 -13.79 6.60 -22.25
CA ALA A 142 -12.76 5.58 -22.26
C ALA A 142 -11.53 6.05 -21.47
N LEU A 143 -11.19 7.32 -21.59
CA LEU A 143 -10.06 7.84 -20.82
C LEU A 143 -10.35 7.71 -19.32
N HIS A 144 -11.54 8.10 -18.89
CA HIS A 144 -11.89 7.97 -17.48
C HIS A 144 -11.85 6.51 -17.03
N ASP A 145 -12.26 5.60 -17.91
CA ASP A 145 -12.19 4.18 -17.59
C ASP A 145 -10.75 3.74 -17.37
N ALA A 146 -9.84 4.21 -18.21
CA ALA A 146 -8.42 3.91 -18.00
C ALA A 146 -7.88 4.60 -16.74
N LEU A 147 -8.42 5.76 -16.40
CA LEU A 147 -7.93 6.47 -15.22
C LEU A 147 -8.41 5.81 -13.94
N SER A 148 -9.53 5.09 -14.00
CA SER A 148 -10.00 4.33 -12.85
C SER A 148 -9.38 2.94 -12.77
N GLY A 149 -8.86 2.43 -13.88
CA GLY A 149 -8.33 1.08 -13.93
C GLY A 149 -9.26 0.05 -14.56
N ARG A 150 -10.49 0.44 -14.90
CA ARG A 150 -11.39 -0.47 -15.60
C ARG A 150 -10.79 -0.90 -16.93
N LEU A 151 -10.38 0.05 -17.77
CA LEU A 151 -9.58 -0.26 -18.94
C LEU A 151 -8.11 -0.31 -18.54
N PRO A 152 -7.37 -1.37 -18.88
CA PRO A 152 -5.99 -1.46 -18.37
C PRO A 152 -5.05 -0.42 -18.96
N SER A 153 -5.13 -0.17 -20.27
CA SER A 153 -4.18 0.69 -20.95
C SER A 153 -4.78 2.06 -21.26
N VAL A 154 -3.97 3.10 -21.13
CA VAL A 154 -4.44 4.48 -21.35
C VAL A 154 -4.36 4.83 -22.83
N PRO A 155 -5.47 5.33 -23.45
CA PRO A 155 -5.41 5.67 -24.88
C PRO A 155 -4.50 6.84 -25.18
N PHE A 156 -3.41 6.58 -25.91
CA PHE A 156 -2.44 7.63 -26.24
C PHE A 156 -3.05 8.70 -27.14
N GLU A 157 -3.91 8.29 -28.07
CA GLU A 157 -4.50 9.25 -29.00
C GLU A 157 -5.37 10.27 -28.27
N THR A 158 -6.13 9.83 -27.27
CA THR A 158 -6.95 10.75 -26.50
C THR A 158 -6.09 11.71 -25.69
N ILE A 159 -4.97 11.21 -25.15
CA ILE A 159 -4.03 12.06 -24.46
C ILE A 159 -3.49 13.13 -25.41
N GLN A 160 -3.21 12.73 -26.65
CA GLN A 160 -2.72 13.69 -27.64
C GLN A 160 -3.77 14.74 -27.95
N ALA A 161 -5.04 14.32 -28.06
CA ALA A 161 -6.12 15.28 -28.31
C ALA A 161 -6.20 16.31 -27.19
N LEU A 162 -6.20 15.83 -25.94
CA LEU A 162 -6.23 16.75 -24.82
C LEU A 162 -5.02 17.68 -24.81
N ASP A 163 -3.85 17.15 -25.19
CA ASP A 163 -2.66 17.98 -25.25
C ASP A 163 -2.82 19.09 -26.28
N VAL A 164 -3.21 18.73 -27.50
CA VAL A 164 -3.47 19.73 -28.54
C VAL A 164 -4.43 20.79 -28.02
N VAL A 165 -5.47 20.36 -27.30
CA VAL A 165 -6.43 21.33 -26.75
C VAL A 165 -5.74 22.29 -25.79
N MET A 166 -4.83 21.77 -24.96
CA MET A 166 -4.24 22.60 -23.91
C MET A 166 -3.10 23.49 -24.39
N ARG A 167 -2.57 23.28 -25.59
CA ARG A 167 -1.49 24.12 -26.11
C ARG A 167 -1.86 24.79 -27.43
N HIS A 168 -3.16 24.92 -27.72
CA HIS A 168 -3.57 25.62 -28.94
C HIS A 168 -3.22 27.10 -28.87
N LEU A 169 -3.66 27.77 -27.81
CA LEU A 169 -3.48 29.21 -27.69
C LEU A 169 -2.02 29.55 -27.35
N PRO A 170 -1.37 28.83 -26.44
CA PRO A 170 0.06 29.10 -26.19
C PRO A 170 0.93 28.97 -27.42
N SER A 171 0.59 28.08 -28.36
CA SER A 171 1.39 27.93 -29.56
C SER A 171 1.33 29.16 -30.46
N MET A 172 0.39 30.07 -30.22
CA MET A 172 0.23 31.26 -31.03
C MET A 172 0.55 32.54 -30.31
N ARG A 173 0.28 32.64 -29.00
CA ARG A 173 0.65 33.84 -28.26
C ARG A 173 2.08 33.82 -27.76
N TYR A 174 2.69 32.64 -27.61
CA TYR A 174 4.07 32.51 -27.15
C TYR A 174 4.90 31.89 -28.26
N THR A 175 6.20 31.74 -27.99
CA THR A 175 7.10 31.15 -28.98
C THR A 175 7.27 29.67 -28.67
N PRO A 176 6.82 28.76 -29.53
CA PRO A 176 6.95 27.33 -29.24
C PRO A 176 8.36 26.84 -29.53
N VAL A 177 8.91 26.06 -28.59
CA VAL A 177 10.19 25.41 -28.75
C VAL A 177 10.04 24.00 -28.18
N GLY A 178 9.92 23.01 -29.06
CA GLY A 178 9.61 21.67 -28.59
C GLY A 178 8.31 21.69 -27.83
N ARG A 179 8.34 21.16 -26.60
CA ARG A 179 7.16 21.14 -25.74
C ARG A 179 7.17 22.27 -24.72
N SER A 180 7.96 23.31 -24.96
CA SER A 180 8.00 24.48 -24.09
C SER A 180 7.57 25.72 -24.85
N PHE A 181 7.23 26.77 -24.09
CA PHE A 181 6.82 28.05 -24.63
C PHE A 181 7.64 29.15 -23.97
N PHE A 182 8.15 30.09 -24.78
CA PHE A 182 9.00 31.16 -24.28
C PHE A 182 8.48 32.53 -24.70
N THR A 183 8.78 33.54 -23.87
CA THR A 183 8.42 34.93 -24.12
C THR A 183 9.57 35.85 -23.70
N ALA A 184 9.42 37.15 -23.97
CA ALA A 184 10.50 38.11 -23.65
C ALA A 184 10.21 38.83 -22.32
N SER A 185 9.84 38.07 -21.28
CA SER A 185 9.57 38.66 -19.94
C SER A 185 8.51 39.75 -20.03
N GLU A 186 8.75 40.91 -19.43
CA GLU A 186 7.77 42.04 -19.48
C GLU A 186 8.51 43.34 -19.78
N GLY A 187 9.33 43.83 -18.84
CA GLY A 187 10.07 45.09 -19.03
C GLY A 187 11.57 44.87 -18.96
N CYS A 188 12.19 45.14 -17.81
CA CYS A 188 13.62 44.87 -17.64
C CYS A 188 13.95 43.49 -18.18
N SER A 189 14.75 43.42 -19.22
CA SER A 189 15.13 42.14 -19.79
C SER A 189 16.17 41.49 -18.86
N ASN A 190 16.73 40.38 -19.30
CA ASN A 190 17.81 39.69 -18.59
C ASN A 190 19.02 39.67 -19.53
N PRO A 191 19.82 40.73 -19.56
CA PRO A 191 20.95 40.79 -20.50
C PRO A 191 21.94 39.68 -20.25
N LEU A 192 22.43 39.10 -21.35
CA LEU A 192 23.34 37.95 -21.30
C LEU A 192 24.75 38.31 -21.75
N GLY A 193 24.88 38.83 -22.96
CA GLY A 193 26.19 39.05 -23.54
C GLY A 193 26.10 40.02 -24.70
N GLY A 194 26.81 39.71 -25.79
CA GLY A 194 26.85 40.62 -26.93
C GLY A 194 25.47 40.97 -27.43
N GLY A 195 24.78 40.02 -28.05
CA GLY A 195 23.49 40.32 -28.65
C GLY A 195 22.39 39.40 -28.17
N ARG A 196 22.45 38.96 -26.93
CA ARG A 196 21.59 37.90 -26.44
C ARG A 196 20.97 38.26 -25.10
N GLU A 197 19.93 37.51 -24.75
CA GLU A 197 19.23 37.68 -23.49
C GLU A 197 18.52 36.37 -23.16
N VAL A 198 18.33 36.12 -21.86
CA VAL A 198 17.64 34.92 -21.42
C VAL A 198 16.15 35.14 -21.53
N TRP A 199 15.47 34.20 -22.19
CA TRP A 199 14.02 34.14 -22.18
C TRP A 199 13.58 33.02 -21.26
N PHE A 200 12.63 33.35 -20.38
CA PHE A 200 12.06 32.38 -19.47
C PHE A 200 10.78 31.80 -20.07
N GLY A 201 10.65 30.48 -19.97
CA GLY A 201 9.49 29.81 -20.51
C GLY A 201 9.07 28.64 -19.65
N PHE A 202 8.22 27.78 -20.21
CA PHE A 202 7.72 26.64 -19.45
C PHE A 202 7.43 25.45 -20.36
N HIS A 203 7.83 24.28 -19.87
CA HIS A 203 7.37 23.02 -20.45
C HIS A 203 6.00 22.66 -19.91
N GLN A 204 5.16 22.12 -20.80
CA GLN A 204 3.79 21.75 -20.49
C GLN A 204 3.48 20.42 -21.15
N SER A 205 2.88 19.50 -20.39
CA SER A 205 2.49 18.22 -20.98
C SER A 205 1.35 17.61 -20.18
N VAL A 206 0.45 16.93 -20.86
CA VAL A 206 -0.70 16.30 -20.23
C VAL A 206 -0.34 14.86 -19.88
N ARG A 207 -0.55 14.46 -18.62
CA ARG A 207 -0.18 13.13 -18.19
C ARG A 207 -1.34 12.45 -17.48
N PRO A 208 -1.53 11.15 -17.67
CA PRO A 208 -2.57 10.46 -16.91
C PRO A 208 -2.08 10.01 -15.54
N SER A 209 -3.04 9.86 -14.64
CA SER A 209 -2.77 9.36 -13.30
C SER A 209 -4.07 8.79 -12.74
N LEU A 210 -3.94 8.06 -11.63
CA LEU A 210 -5.10 7.49 -10.96
C LEU A 210 -6.21 8.53 -10.77
N TRP A 211 -7.37 8.23 -11.38
CA TRP A 211 -8.62 8.97 -11.22
C TRP A 211 -8.68 10.32 -11.91
N LYS A 212 -7.55 10.84 -12.39
CA LYS A 212 -7.54 12.22 -12.86
C LYS A 212 -6.38 12.46 -13.81
N MET A 213 -6.63 13.25 -14.85
CA MET A 213 -5.57 13.81 -15.67
C MET A 213 -4.83 14.90 -14.91
N MET A 214 -3.56 15.09 -15.26
CA MET A 214 -2.74 16.13 -14.66
C MET A 214 -2.07 16.93 -15.76
N LEU A 215 -1.88 18.22 -15.49
CA LEU A 215 -1.10 19.09 -16.35
C LEU A 215 0.26 19.28 -15.68
N ASN A 216 1.29 18.77 -16.33
CA ASN A 216 2.65 18.81 -15.80
C ASN A 216 3.34 20.04 -16.36
N ILE A 217 3.77 20.92 -15.44
CA ILE A 217 4.33 22.21 -15.78
C ILE A 217 5.68 22.35 -15.10
N ASP A 218 6.70 22.71 -15.88
CA ASP A 218 7.99 23.05 -15.28
C ASP A 218 8.52 24.29 -15.97
N VAL A 219 9.39 25.02 -15.28
CA VAL A 219 9.95 26.26 -15.83
C VAL A 219 11.27 25.93 -16.52
N SER A 220 11.66 26.82 -17.43
CA SER A 220 12.89 26.63 -18.19
C SER A 220 13.33 27.98 -18.73
N ALA A 221 14.47 27.99 -19.43
CA ALA A 221 14.98 29.21 -20.01
C ALA A 221 15.88 28.86 -21.18
N THR A 222 15.96 29.77 -22.14
CA THR A 222 16.88 29.63 -23.26
C THR A 222 17.42 31.01 -23.58
N ALA A 223 18.21 31.11 -24.66
CA ALA A 223 18.83 32.35 -25.07
C ALA A 223 18.24 32.78 -26.40
N PHE A 224 17.90 34.06 -26.50
CA PHE A 224 17.39 34.64 -27.74
C PHE A 224 18.21 35.87 -28.08
N TYR A 225 18.20 36.24 -29.36
CA TYR A 225 18.87 37.45 -29.80
C TYR A 225 17.98 38.65 -29.52
N LYS A 226 18.56 39.70 -28.94
CA LYS A 226 17.84 40.93 -28.72
C LYS A 226 17.39 41.53 -30.05
N ALA A 227 16.11 41.90 -30.12
CA ALA A 227 15.55 42.53 -31.31
C ALA A 227 15.95 44.00 -31.32
N GLN A 228 17.20 44.25 -31.70
CA GLN A 228 17.75 45.59 -31.75
C GLN A 228 18.36 45.85 -33.12
N PRO A 229 18.46 47.11 -33.53
CA PRO A 229 19.14 47.42 -34.79
C PRO A 229 20.58 46.94 -34.76
N VAL A 230 21.05 46.49 -35.93
CA VAL A 230 22.37 45.88 -36.01
C VAL A 230 23.46 46.82 -35.50
N ILE A 231 23.21 48.13 -35.50
CA ILE A 231 24.17 49.05 -34.91
C ILE A 231 24.38 48.72 -33.43
N GLU A 232 23.27 48.61 -32.69
CA GLU A 232 23.36 48.18 -31.29
C GLU A 232 24.04 46.82 -31.18
N PHE A 233 23.74 45.93 -32.12
CA PHE A 233 24.37 44.61 -32.14
C PHE A 233 25.89 44.75 -32.14
N VAL A 234 26.42 45.57 -33.05
CA VAL A 234 27.87 45.70 -33.15
C VAL A 234 28.43 46.39 -31.92
N CYS A 235 27.71 47.41 -31.42
CA CYS A 235 28.17 48.10 -30.22
C CYS A 235 28.34 47.13 -29.06
N GLU A 236 27.37 46.23 -28.86
CA GLU A 236 27.45 45.29 -27.76
C GLU A 236 28.44 44.16 -28.05
N VAL A 237 28.66 43.83 -29.32
CA VAL A 237 29.61 42.78 -29.68
C VAL A 237 31.04 43.29 -29.60
N LEU A 238 31.28 44.51 -30.06
CA LEU A 238 32.61 45.09 -30.10
C LEU A 238 32.86 46.10 -28.99
N ASP A 239 31.95 46.19 -28.02
CA ASP A 239 32.18 46.96 -26.79
C ASP A 239 32.45 48.43 -27.09
N PHE A 240 31.43 49.08 -27.63
CA PHE A 240 31.44 50.51 -27.89
C PHE A 240 30.38 51.18 -27.02
N LYS A 241 30.79 52.22 -26.27
CA LYS A 241 29.82 52.96 -25.47
C LYS A 241 28.72 53.52 -26.35
N SER A 242 29.05 53.87 -27.59
CA SER A 242 28.09 54.34 -28.57
C SER A 242 28.67 54.05 -29.94
N ILE A 243 27.89 54.30 -30.99
CA ILE A 243 28.38 54.03 -32.33
C ILE A 243 29.40 55.08 -32.76
N GLU A 244 29.34 56.28 -32.20
CA GLU A 244 30.32 57.31 -32.53
C GLU A 244 31.72 56.95 -32.04
N GLU A 245 31.86 55.95 -31.18
CA GLU A 245 33.18 55.45 -30.81
C GLU A 245 34.00 55.13 -32.05
N GLN A 246 33.42 54.37 -32.99
CA GLN A 246 34.13 53.90 -34.17
C GLN A 246 34.12 55.01 -35.21
N GLN A 247 35.01 56.00 -35.00
CA GLN A 247 35.27 57.05 -35.97
C GLN A 247 36.47 56.74 -36.86
N LYS A 248 36.76 55.44 -37.06
CA LYS A 248 37.79 54.89 -37.93
C LYS A 248 37.20 53.65 -38.59
N PRO A 249 37.89 52.98 -39.52
CA PRO A 249 37.37 51.71 -40.03
C PRO A 249 37.70 50.54 -39.10
N LEU A 250 36.98 49.44 -39.31
CA LEU A 250 37.12 48.28 -38.43
C LEU A 250 38.48 47.61 -38.61
N THR A 251 39.01 47.07 -37.51
CA THR A 251 40.30 46.41 -37.50
C THR A 251 40.13 44.94 -37.90
N ASP A 252 41.27 44.28 -38.10
CA ASP A 252 41.25 42.89 -38.55
C ASP A 252 40.44 42.02 -37.60
N SER A 253 40.84 41.97 -36.34
CA SER A 253 40.17 41.08 -35.38
C SER A 253 38.71 41.46 -35.18
N GLN A 254 38.37 42.73 -35.39
CA GLN A 254 36.99 43.17 -35.16
C GLN A 254 36.06 42.64 -36.24
N ARG A 255 36.53 42.59 -37.48
CA ARG A 255 35.68 42.05 -38.55
C ARG A 255 35.35 40.59 -38.27
N VAL A 256 36.37 39.79 -37.93
CA VAL A 256 36.12 38.37 -37.69
C VAL A 256 35.30 38.16 -36.42
N LYS A 257 35.50 39.02 -35.41
CA LYS A 257 34.68 38.94 -34.20
C LYS A 257 33.21 39.20 -34.52
N PHE A 258 32.94 40.31 -35.21
CA PHE A 258 31.58 40.63 -35.63
C PHE A 258 31.01 39.58 -36.60
N THR A 259 31.88 38.86 -37.31
CA THR A 259 31.44 37.84 -38.25
C THR A 259 30.99 36.58 -37.51
N LYS A 260 31.78 36.13 -36.53
CA LYS A 260 31.46 34.92 -35.79
C LYS A 260 30.18 35.03 -34.97
N GLU A 261 29.62 36.24 -34.84
CA GLU A 261 28.39 36.43 -34.08
C GLU A 261 27.17 36.69 -34.97
N ILE A 262 27.36 36.96 -36.26
CA ILE A 262 26.24 37.21 -37.15
C ILE A 262 26.32 36.35 -38.41
N LYS A 263 27.19 35.34 -38.40
CA LYS A 263 27.48 34.62 -39.65
C LYS A 263 26.23 34.08 -40.34
N GLY A 264 25.17 33.77 -39.57
CA GLY A 264 23.99 33.15 -40.16
C GLY A 264 22.67 33.67 -39.63
N LEU A 265 22.68 34.78 -38.89
CA LEU A 265 21.46 35.31 -38.32
C LEU A 265 20.57 35.90 -39.41
N LYS A 266 19.38 36.36 -39.00
CA LYS A 266 18.40 36.93 -39.91
C LYS A 266 18.14 38.38 -39.53
N VAL A 267 18.10 39.25 -40.55
CA VAL A 267 17.97 40.69 -40.36
C VAL A 267 16.76 41.19 -41.14
N GLU A 268 16.28 42.38 -40.77
CA GLU A 268 15.15 43.03 -41.43
C GLU A 268 15.64 44.32 -42.09
N ILE A 269 15.71 44.33 -43.42
CA ILE A 269 16.02 45.57 -44.14
C ILE A 269 14.93 46.59 -43.84
N THR A 270 15.31 47.74 -43.31
CA THR A 270 14.36 48.78 -42.95
C THR A 270 14.47 50.04 -43.79
N HIS A 271 15.36 50.07 -44.79
CA HIS A 271 15.40 51.27 -45.67
C HIS A 271 14.10 51.36 -46.47
N CYS A 272 13.22 50.37 -46.30
CA CYS A 272 11.90 50.37 -47.01
C CYS A 272 10.86 51.13 -46.18
N GLY A 273 9.61 51.18 -46.65
CA GLY A 273 8.52 51.86 -45.92
C GLY A 273 7.92 50.97 -44.85
N GLN A 274 6.64 51.17 -44.50
CA GLN A 274 5.96 50.26 -43.54
C GLN A 274 6.29 48.81 -43.90
N MET A 275 6.53 48.53 -45.19
CA MET A 275 6.88 47.19 -45.64
C MET A 275 8.22 46.78 -45.04
N LYS A 276 8.32 45.53 -44.62
CA LYS A 276 9.50 45.00 -43.95
C LYS A 276 10.10 43.88 -44.79
N ARG A 277 11.16 43.26 -44.25
CA ARG A 277 11.79 42.11 -44.88
C ARG A 277 12.23 41.13 -43.81
N LYS A 278 12.54 39.91 -44.22
CA LYS A 278 13.09 38.89 -43.32
C LYS A 278 14.21 38.13 -44.04
N TYR A 279 15.15 38.86 -44.64
CA TYR A 279 16.28 38.26 -45.36
C TYR A 279 17.35 37.75 -44.39
N ARG A 280 17.87 36.55 -44.65
CA ARG A 280 18.95 35.98 -43.84
C ARG A 280 20.29 36.63 -44.18
N VAL A 281 21.31 36.35 -43.35
CA VAL A 281 22.64 36.99 -43.43
C VAL A 281 23.70 35.92 -43.72
N CYS A 282 24.83 36.34 -44.33
CA CYS A 282 25.90 35.38 -44.65
C CYS A 282 27.31 35.63 -44.12
N ASN A 283 27.96 36.74 -44.52
CA ASN A 283 29.34 37.04 -44.12
C ASN A 283 29.47 38.55 -43.96
N VAL A 284 30.67 39.01 -43.62
CA VAL A 284 30.95 40.44 -43.42
C VAL A 284 32.15 40.83 -44.27
N THR A 285 32.06 41.97 -44.95
CA THR A 285 33.14 42.41 -45.81
C THR A 285 34.19 43.18 -45.01
N ARG A 286 35.38 43.40 -45.59
CA ARG A 286 36.46 44.22 -44.95
C ARG A 286 36.52 45.49 -45.76
N ARG A 287 35.48 45.74 -46.56
CA ARG A 287 35.43 46.99 -47.34
C ARG A 287 34.40 47.89 -46.68
N PRO A 288 34.75 49.12 -46.26
CA PRO A 288 33.82 49.96 -45.51
C PRO A 288 32.81 50.68 -46.42
N ALA A 289 32.12 49.95 -47.31
CA ALA A 289 31.08 50.53 -48.20
C ALA A 289 31.72 51.45 -49.24
N SER A 290 32.43 52.50 -48.80
CA SER A 290 33.06 53.49 -49.71
C SER A 290 34.10 52.79 -50.59
N HIS A 291 34.84 51.82 -50.04
CA HIS A 291 35.93 51.20 -50.82
C HIS A 291 35.56 49.77 -51.26
N GLN A 292 34.34 49.54 -51.77
CA GLN A 292 34.05 48.18 -52.30
C GLN A 292 33.47 48.23 -53.72
N THR A 293 34.27 47.90 -54.75
CA THR A 293 33.76 47.91 -56.12
C THR A 293 32.59 46.93 -56.24
N PHE A 294 31.42 47.46 -56.59
CA PHE A 294 30.22 46.65 -56.81
C PHE A 294 29.79 46.80 -58.27
N PRO A 295 30.12 45.84 -59.15
CA PRO A 295 29.70 45.93 -60.54
C PRO A 295 28.36 45.25 -60.81
N THR A 307 30.88 51.81 -56.35
CA THR A 307 31.01 51.24 -55.01
C THR A 307 29.63 50.96 -54.42
N VAL A 308 29.62 50.52 -53.16
CA VAL A 308 28.37 50.27 -52.45
C VAL A 308 27.87 51.52 -51.75
N ALA A 309 28.74 52.20 -51.01
CA ALA A 309 28.38 53.47 -50.40
C ALA A 309 27.83 54.43 -51.45
N GLN A 310 28.51 54.54 -52.59
CA GLN A 310 28.02 55.36 -53.69
C GLN A 310 26.63 54.90 -54.12
N TYR A 311 26.42 53.58 -54.20
CA TYR A 311 25.14 53.05 -54.64
C TYR A 311 23.98 53.53 -53.79
N PHE A 312 24.21 53.76 -52.50
CA PHE A 312 23.14 54.13 -51.58
C PHE A 312 22.81 55.62 -51.59
N LYS A 313 23.55 56.43 -52.33
CA LYS A 313 23.22 57.84 -52.51
C LYS A 313 22.41 58.09 -53.78
N ASP A 314 22.57 57.24 -54.79
CA ASP A 314 21.93 57.43 -56.09
C ASP A 314 20.69 56.55 -56.24
N ARG A 315 20.82 55.25 -55.99
CA ARG A 315 19.68 54.35 -56.12
C ARG A 315 18.52 54.83 -55.25
N HIS A 316 18.72 54.82 -53.94
CA HIS A 316 17.83 55.49 -53.00
C HIS A 316 18.56 56.70 -52.42
N LYS A 317 17.81 57.75 -52.12
CA LYS A 317 18.40 59.01 -51.70
C LYS A 317 18.67 58.98 -50.20
N LEU A 318 19.59 58.10 -49.79
CA LEU A 318 19.89 57.88 -48.37
C LEU A 318 21.39 57.96 -48.15
N VAL A 319 21.87 59.17 -47.86
CA VAL A 319 23.26 59.33 -47.45
C VAL A 319 23.53 58.48 -46.21
N LEU A 320 24.59 57.70 -46.26
CA LEU A 320 24.94 56.82 -45.16
C LEU A 320 25.49 57.64 -43.99
N ARG A 321 25.00 57.34 -42.78
CA ARG A 321 25.48 58.03 -41.59
C ARG A 321 26.84 57.55 -41.13
N TYR A 322 27.25 56.34 -41.53
CA TYR A 322 28.53 55.77 -41.11
C TYR A 322 29.19 55.09 -42.31
N PRO A 323 29.87 55.86 -43.17
CA PRO A 323 30.51 55.25 -44.33
C PRO A 323 31.90 54.72 -44.02
N HIS A 324 32.05 54.05 -42.88
CA HIS A 324 33.31 53.43 -42.53
C HIS A 324 33.12 52.05 -41.90
N LEU A 325 31.89 51.61 -41.68
CA LEU A 325 31.60 50.26 -41.21
C LEU A 325 31.50 49.32 -42.40
N PRO A 326 31.58 48.02 -42.17
CA PRO A 326 31.62 47.07 -43.28
C PRO A 326 30.21 46.63 -43.70
N CYS A 327 30.17 45.87 -44.80
CA CYS A 327 28.94 45.40 -45.38
C CYS A 327 28.64 43.97 -44.94
N LEU A 328 27.35 43.62 -44.93
CA LEU A 328 26.89 42.28 -44.59
C LEU A 328 26.67 41.51 -45.88
N GLN A 329 27.60 40.61 -46.21
CA GLN A 329 27.37 39.71 -47.33
C GLN A 329 26.17 38.81 -47.02
N VAL A 330 25.42 38.47 -48.06
CA VAL A 330 24.11 37.83 -47.89
C VAL A 330 24.10 36.49 -48.59
N GLY A 331 23.46 35.50 -47.96
CA GLY A 331 23.26 34.18 -48.52
C GLY A 331 24.55 33.47 -48.90
N GLN A 332 24.81 33.38 -50.20
CA GLN A 332 26.10 32.99 -50.73
C GLN A 332 26.40 33.93 -51.90
N GLU A 333 27.58 33.78 -52.48
CA GLU A 333 28.01 34.69 -53.54
C GLU A 333 27.06 34.65 -54.72
N LEU A 339 25.61 44.81 -47.52
CA LEU A 339 24.73 45.89 -47.11
C LEU A 339 25.27 46.59 -45.86
N PRO A 340 24.99 47.87 -45.70
CA PRO A 340 25.47 48.60 -44.52
C PRO A 340 24.91 48.01 -43.24
N LEU A 341 25.49 48.44 -42.12
CA LEU A 341 25.04 48.01 -40.81
C LEU A 341 23.99 48.95 -40.22
N GLU A 342 23.75 50.09 -40.85
CA GLU A 342 22.73 51.04 -40.40
C GLU A 342 21.38 50.78 -41.03
N VAL A 343 21.33 49.98 -42.09
CA VAL A 343 20.06 49.68 -42.74
C VAL A 343 19.37 48.46 -42.13
N CYS A 344 20.15 47.52 -41.59
CA CYS A 344 19.63 46.25 -41.10
C CYS A 344 19.21 46.34 -39.63
N ASN A 345 18.26 45.48 -39.27
CA ASN A 345 17.86 45.21 -37.90
C ASN A 345 18.02 43.71 -37.64
N ILE A 346 17.79 43.28 -36.40
CA ILE A 346 17.84 41.85 -36.06
C ILE A 346 16.41 41.35 -35.93
N VAL A 347 16.12 40.24 -36.61
CA VAL A 347 14.76 39.70 -36.69
C VAL A 347 14.39 39.14 -35.32
N ALA A 348 13.40 39.74 -34.67
CA ALA A 348 13.03 39.35 -33.32
C ALA A 348 12.62 37.88 -33.29
N GLY A 349 12.88 37.24 -32.15
CA GLY A 349 12.43 35.88 -31.90
C GLY A 349 13.39 34.80 -32.29
N GLN A 350 14.56 35.12 -32.83
CA GLN A 350 15.54 34.10 -33.17
C GLN A 350 16.03 33.41 -31.90
N ARG A 351 16.17 32.09 -31.97
CA ARG A 351 16.40 31.28 -30.77
C ARG A 351 17.87 31.18 -30.39
N CYS A 352 18.79 31.70 -31.18
CA CYS A 352 20.21 31.64 -30.86
C CYS A 352 20.67 30.19 -30.69
N ILE A 353 20.61 29.45 -31.80
CA ILE A 353 21.01 28.05 -31.84
C ILE A 353 22.52 27.93 -31.64
N LYS A 354 23.20 29.08 -31.55
CA LYS A 354 24.63 29.13 -31.31
C LYS A 354 24.98 28.64 -29.90
N LYS A 355 26.24 28.26 -29.72
CA LYS A 355 26.77 27.95 -28.40
C LYS A 355 27.07 29.24 -27.65
N LEU A 356 27.09 29.13 -26.32
CA LEU A 356 27.22 30.29 -25.45
C LEU A 356 28.61 30.38 -24.86
N THR A 357 29.00 31.60 -24.51
CA THR A 357 30.26 31.83 -23.82
C THR A 357 30.18 31.23 -22.42
N ASP A 358 31.33 30.80 -21.90
CA ASP A 358 31.34 30.23 -20.56
C ASP A 358 30.81 31.24 -19.54
N ASN A 359 30.88 32.54 -19.87
CA ASN A 359 30.30 33.59 -19.06
C ASN A 359 28.80 33.77 -19.32
N GLN A 360 28.33 33.38 -20.50
CA GLN A 360 26.89 33.35 -20.74
C GLN A 360 26.29 32.08 -20.17
N THR A 361 27.05 30.97 -20.18
CA THR A 361 26.63 29.77 -19.47
C THR A 361 26.56 30.01 -17.97
N SER A 362 27.54 30.77 -17.41
CA SER A 362 27.52 31.03 -15.98
C SER A 362 26.31 31.87 -15.58
N THR A 363 26.00 32.91 -16.34
CA THR A 363 24.84 33.72 -16.03
C THR A 363 23.54 32.95 -16.26
N MET A 364 23.52 32.08 -17.27
CA MET A 364 22.37 31.21 -17.47
C MET A 364 22.13 30.34 -16.24
N ILE A 365 23.19 29.78 -15.65
CA ILE A 365 22.98 28.90 -14.50
C ILE A 365 22.62 29.72 -13.27
N ARG A 366 23.12 30.95 -13.15
CA ARG A 366 22.61 31.85 -12.11
C ARG A 366 21.10 32.01 -12.23
N ALA A 367 20.59 32.07 -13.46
CA ALA A 367 19.15 32.30 -13.66
C ALA A 367 18.31 31.02 -13.59
N THR A 368 18.87 29.86 -13.94
CA THR A 368 18.08 28.65 -14.15
C THR A 368 18.15 27.66 -13.00
N ALA A 369 19.33 27.45 -12.41
CA ALA A 369 19.51 26.43 -11.37
C ALA A 369 19.10 27.01 -10.03
N ARG A 370 17.80 27.25 -9.89
CA ARG A 370 17.25 27.83 -8.68
C ARG A 370 17.17 26.78 -7.59
N SER A 371 17.18 27.23 -6.34
CA SER A 371 16.88 26.33 -5.24
C SER A 371 15.47 25.76 -5.43
N ALA A 372 15.22 24.63 -4.75
CA ALA A 372 13.93 23.97 -4.92
C ALA A 372 12.77 24.89 -4.54
N PRO A 373 12.81 25.62 -3.43
CA PRO A 373 11.73 26.58 -3.17
C PRO A 373 11.62 27.66 -4.22
N ASP A 374 12.75 28.13 -4.75
CA ASP A 374 12.70 29.13 -5.82
C ASP A 374 11.94 28.61 -7.02
N ARG A 375 12.30 27.41 -7.49
CA ARG A 375 11.61 26.83 -8.65
C ARG A 375 10.16 26.52 -8.35
N GLN A 376 9.87 26.11 -7.11
CA GLN A 376 8.49 25.86 -6.71
C GLN A 376 7.66 27.14 -6.83
N GLU A 377 8.13 28.22 -6.21
CA GLU A 377 7.43 29.50 -6.29
C GLU A 377 7.31 29.97 -7.73
N GLU A 378 8.34 29.75 -8.54
CA GLU A 378 8.28 30.20 -9.93
C GLU A 378 7.22 29.43 -10.72
N ILE A 379 7.13 28.12 -10.52
CA ILE A 379 6.10 27.34 -11.20
C ILE A 379 4.72 27.79 -10.74
N SER A 380 4.54 28.02 -9.43
CA SER A 380 3.23 28.45 -8.94
C SER A 380 2.84 29.80 -9.51
N LYS A 381 3.80 30.73 -9.58
CA LYS A 381 3.53 32.06 -10.14
C LYS A 381 3.18 31.96 -11.62
N LEU A 382 3.93 31.16 -12.37
CA LEU A 382 3.61 30.95 -13.77
C LEU A 382 2.20 30.40 -13.93
N MET A 383 1.83 29.42 -13.12
CA MET A 383 0.50 28.85 -13.25
C MET A 383 -0.58 29.84 -12.84
N ARG A 384 -0.26 30.76 -11.92
CA ARG A 384 -1.20 31.78 -11.51
C ARG A 384 -1.32 32.88 -12.56
N SER A 385 -0.35 33.01 -13.47
CA SER A 385 -0.41 34.05 -14.49
C SER A 385 -0.84 33.53 -15.86
N ALA A 386 -0.58 32.26 -16.18
CA ALA A 386 -0.94 31.71 -17.48
C ALA A 386 -2.45 31.63 -17.67
N ASP A 387 -3.21 31.57 -16.57
CA ASP A 387 -4.66 31.65 -16.60
C ASP A 387 -5.25 30.63 -17.58
N PHE A 388 -4.99 29.35 -17.28
CA PHE A 388 -5.59 28.28 -18.09
C PHE A 388 -7.09 28.24 -17.94
N ASN A 389 -7.62 28.62 -16.77
CA ASN A 389 -9.06 28.63 -16.55
C ASN A 389 -9.72 29.88 -17.14
N THR A 390 -9.02 30.59 -18.02
CA THR A 390 -9.63 31.61 -18.86
C THR A 390 -9.36 31.40 -20.34
N ASP A 391 -8.50 30.45 -20.70
CA ASP A 391 -8.29 30.08 -22.09
C ASP A 391 -9.63 29.66 -22.72
N PRO A 392 -10.12 30.38 -23.73
CA PRO A 392 -11.43 30.01 -24.29
C PRO A 392 -11.46 28.62 -24.91
N TYR A 393 -10.32 28.08 -25.31
CA TYR A 393 -10.32 26.77 -25.96
C TYR A 393 -10.41 25.63 -24.96
N VAL A 394 -9.70 25.72 -23.82
CA VAL A 394 -9.83 24.68 -22.82
C VAL A 394 -11.20 24.75 -22.15
N ARG A 395 -11.84 25.92 -22.20
CA ARG A 395 -13.18 26.07 -21.68
C ARG A 395 -14.24 25.59 -22.67
N GLU A 396 -13.95 25.71 -23.97
CA GLU A 396 -14.83 25.13 -24.99
C GLU A 396 -14.98 23.63 -24.81
N PHE A 397 -13.97 22.97 -24.25
CA PHE A 397 -14.00 21.53 -24.01
C PHE A 397 -14.32 21.19 -22.57
N GLY A 398 -14.82 22.14 -21.79
CA GLY A 398 -15.26 21.86 -20.44
C GLY A 398 -14.17 21.39 -19.51
N ILE A 399 -12.97 21.96 -19.65
CA ILE A 399 -11.82 21.59 -18.83
C ILE A 399 -11.54 22.71 -17.84
N MET A 400 -11.05 22.32 -16.67
CA MET A 400 -10.59 23.27 -15.65
C MET A 400 -9.28 22.76 -15.08
N VAL A 401 -8.37 23.67 -14.76
CA VAL A 401 -7.05 23.33 -14.25
C VAL A 401 -6.88 24.01 -12.90
N LYS A 402 -6.44 23.25 -11.92
CA LYS A 402 -6.21 23.80 -10.59
C LYS A 402 -4.97 24.69 -10.58
N ASP A 403 -4.99 25.68 -9.68
CA ASP A 403 -3.90 26.65 -9.54
C ASP A 403 -2.80 26.18 -8.61
N GLU A 404 -3.06 25.18 -7.77
CA GLU A 404 -2.09 24.72 -6.79
C GLU A 404 -1.46 23.41 -7.24
N MET A 405 -0.18 23.24 -6.91
CA MET A 405 0.50 21.97 -7.14
C MET A 405 -0.24 20.84 -6.43
N THR A 406 -0.01 19.62 -6.90
CA THR A 406 -0.71 18.47 -6.33
C THR A 406 -0.02 18.02 -5.05
N ASP A 407 -0.80 17.84 -3.99
CA ASP A 407 -0.25 17.33 -2.74
C ASP A 407 -0.01 15.83 -2.87
N VAL A 408 1.18 15.38 -2.48
CA VAL A 408 1.59 13.99 -2.59
C VAL A 408 2.21 13.56 -1.27
N THR A 409 1.70 12.47 -0.71
CA THR A 409 2.29 11.89 0.49
C THR A 409 3.39 10.94 0.07
N GLY A 410 4.65 11.37 0.23
CA GLY A 410 5.78 10.50 -0.06
C GLY A 410 6.28 9.80 1.17
N ARG A 411 7.24 8.90 0.96
CA ARG A 411 7.82 8.09 2.01
C ARG A 411 9.34 8.15 1.88
N VAL A 412 10.02 8.47 2.97
CA VAL A 412 11.47 8.43 3.02
C VAL A 412 11.88 7.04 3.48
N LEU A 413 12.47 6.27 2.56
CA LEU A 413 12.88 4.91 2.85
C LEU A 413 14.13 4.91 3.71
N GLN A 414 14.21 3.93 4.59
CA GLN A 414 15.36 3.78 5.46
C GLN A 414 16.59 3.47 4.62
N PRO A 415 17.72 4.13 4.84
CA PRO A 415 18.92 3.83 4.06
C PRO A 415 19.59 2.57 4.56
N PRO A 416 20.25 1.82 3.68
CA PRO A 416 20.96 0.61 4.14
C PRO A 416 22.22 0.97 4.89
N SER A 417 22.60 0.07 5.80
CA SER A 417 23.89 0.18 6.45
C SER A 417 24.97 -0.47 5.57
N ILE A 418 26.17 0.11 5.63
CA ILE A 418 27.26 -0.26 4.72
C ILE A 418 28.36 -0.87 5.59
N LEU A 419 28.65 -2.15 5.37
CA LEU A 419 29.65 -2.87 6.16
C LEU A 419 31.04 -2.70 5.53
N TYR A 420 31.98 -2.21 6.32
CA TYR A 420 33.37 -2.07 5.94
C TYR A 420 34.18 -3.19 6.57
N GLY A 421 35.52 -3.12 6.43
CA GLY A 421 36.39 -4.20 6.82
C GLY A 421 37.41 -3.79 7.87
N GLY A 422 38.29 -4.75 8.19
CA GLY A 422 39.32 -4.57 9.18
C GLY A 422 38.90 -5.09 10.54
N ARG A 423 39.83 -4.99 11.49
CA ARG A 423 39.53 -5.43 12.86
C ARG A 423 38.34 -4.69 13.45
N ASN A 424 37.99 -3.53 12.88
CA ASN A 424 36.88 -2.73 13.40
C ASN A 424 35.54 -3.26 12.91
N LYS A 425 35.47 -3.63 11.63
CA LYS A 425 34.21 -4.04 11.01
C LYS A 425 33.20 -2.90 11.09
N ALA A 426 33.66 -1.71 10.73
CA ALA A 426 32.87 -0.51 10.90
C ALA A 426 31.63 -0.55 10.03
N ILE A 427 30.53 -0.06 10.57
CA ILE A 427 29.29 0.11 9.84
C ILE A 427 29.12 1.60 9.58
N ALA A 428 28.80 1.95 8.34
CA ALA A 428 28.51 3.32 7.97
C ALA A 428 27.01 3.48 7.79
N THR A 429 26.48 4.57 8.31
CA THR A 429 25.08 4.91 8.13
C THR A 429 24.99 6.12 7.21
N PRO A 430 24.47 5.99 6.00
CA PRO A 430 24.30 7.19 5.16
C PRO A 430 23.44 8.21 5.88
N VAL A 431 23.95 9.43 5.96
CA VAL A 431 23.25 10.55 6.59
C VAL A 431 23.01 11.58 5.49
N GLN A 432 21.74 11.77 5.14
CA GLN A 432 21.37 12.59 3.99
C GLN A 432 22.11 12.11 2.74
N GLY A 433 22.13 10.79 2.55
CA GLY A 433 22.68 10.21 1.35
C GLY A 433 24.19 10.23 1.25
N VAL A 434 24.89 10.47 2.36
CA VAL A 434 26.34 10.64 2.31
C VAL A 434 26.99 9.97 3.51
N TRP A 435 28.15 9.37 3.29
CA TRP A 435 29.02 8.92 4.37
C TRP A 435 30.46 9.07 3.89
N ASP A 436 31.39 8.88 4.83
CA ASP A 436 32.81 9.07 4.57
C ASP A 436 33.58 7.84 5.06
N MET A 437 34.74 7.62 4.46
CA MET A 437 35.56 6.46 4.77
C MET A 437 36.57 6.72 5.89
N ARG A 438 36.55 7.90 6.49
CA ARG A 438 37.47 8.19 7.59
C ARG A 438 37.26 7.20 8.73
N ASN A 439 38.36 6.61 9.20
CA ASN A 439 38.34 5.66 10.29
C ASN A 439 37.66 4.35 9.88
N LYS A 440 37.84 3.97 8.61
CA LYS A 440 37.27 2.74 8.08
C LYS A 440 38.24 2.14 7.07
N GLN A 441 38.19 0.82 6.93
CA GLN A 441 39.03 0.09 5.99
C GLN A 441 38.15 -0.77 5.09
N PHE A 442 38.64 -0.99 3.88
CA PHE A 442 37.87 -1.74 2.88
C PHE A 442 37.45 -3.09 3.42
N HIS A 443 36.33 -3.59 2.90
CA HIS A 443 35.85 -4.93 3.27
C HIS A 443 36.91 -5.98 2.99
N THR A 444 37.49 -5.95 1.80
CA THR A 444 38.68 -6.74 1.49
C THR A 444 39.61 -5.84 0.67
N GLY A 445 40.76 -5.50 1.24
CA GLY A 445 41.67 -4.55 0.62
C GLY A 445 42.86 -5.26 -0.01
N ILE A 446 43.18 -4.86 -1.23
CA ILE A 446 44.28 -5.47 -1.97
C ILE A 446 45.61 -4.96 -1.43
N GLU A 447 46.57 -5.88 -1.27
CA GLU A 447 47.93 -5.51 -0.93
C GLU A 447 48.67 -5.22 -2.23
N ILE A 448 49.05 -3.96 -2.44
CA ILE A 448 49.77 -3.56 -3.64
C ILE A 448 51.26 -3.63 -3.33
N LYS A 449 51.99 -4.42 -4.11
CA LYS A 449 53.41 -4.62 -3.86
C LYS A 449 54.25 -4.57 -5.14
N VAL A 450 53.64 -4.42 -6.31
CA VAL A 450 54.37 -4.20 -7.56
C VAL A 450 53.53 -3.25 -8.39
N TRP A 451 54.01 -2.02 -8.56
CA TRP A 451 53.28 -1.03 -9.34
C TRP A 451 54.28 -0.08 -9.98
N ALA A 452 53.87 0.52 -11.11
CA ALA A 452 54.73 1.39 -11.89
C ALA A 452 54.03 2.72 -12.13
N ILE A 453 54.86 3.72 -12.47
CA ILE A 453 54.40 5.07 -12.78
C ILE A 453 54.93 5.46 -14.14
N ALA A 454 54.02 5.76 -15.06
CA ALA A 454 54.35 6.28 -16.39
C ALA A 454 53.78 7.69 -16.46
N CYS A 455 54.66 8.69 -16.33
CA CYS A 455 54.25 10.09 -16.31
C CYS A 455 54.38 10.66 -17.72
N PHE A 456 53.23 10.85 -18.38
CA PHE A 456 53.19 11.51 -19.67
C PHE A 456 53.05 13.02 -19.54
N ALA A 457 53.25 13.55 -18.37
CA ALA A 457 53.30 14.99 -18.19
C ALA A 457 54.73 15.50 -18.34
N PRO A 458 54.92 16.74 -18.75
CA PRO A 458 56.29 17.29 -18.82
C PRO A 458 56.96 17.24 -17.45
N GLN A 459 58.21 16.74 -17.44
CA GLN A 459 58.97 16.69 -16.20
C GLN A 459 59.22 18.09 -15.63
N ARG A 460 59.33 19.10 -16.50
CA ARG A 460 59.49 20.47 -16.02
C ARG A 460 58.33 20.87 -15.12
N GLN A 461 57.10 20.49 -15.50
CA GLN A 461 55.91 20.86 -14.74
C GLN A 461 55.60 19.85 -13.64
N CYS A 462 55.67 18.56 -13.95
CA CYS A 462 55.45 17.50 -12.96
C CYS A 462 56.81 16.97 -12.53
N THR A 463 57.40 17.65 -11.55
CA THR A 463 58.76 17.38 -11.13
C THR A 463 58.84 16.07 -10.34
N GLU A 464 60.06 15.67 -9.99
CA GLU A 464 60.27 14.46 -9.20
C GLU A 464 59.89 14.66 -7.74
N VAL A 465 60.02 15.89 -7.21
CA VAL A 465 59.52 16.16 -5.87
C VAL A 465 58.01 15.92 -5.82
N HIS A 466 57.30 16.35 -6.86
CA HIS A 466 55.87 16.08 -6.94
C HIS A 466 55.60 14.59 -6.88
N LEU A 467 56.31 13.80 -7.68
CA LEU A 467 56.11 12.35 -7.68
C LEU A 467 56.37 11.76 -6.31
N LYS A 468 57.46 12.18 -5.66
CA LYS A 468 57.80 11.62 -4.35
C LYS A 468 56.72 11.93 -3.32
N SER A 469 56.31 13.20 -3.23
CA SER A 469 55.32 13.58 -2.22
C SER A 469 53.95 12.98 -2.54
N PHE A 470 53.61 12.89 -3.81
CA PHE A 470 52.36 12.24 -4.21
C PHE A 470 52.36 10.77 -3.82
N THR A 471 53.47 10.07 -4.09
CA THR A 471 53.57 8.68 -3.69
C THR A 471 53.42 8.54 -2.18
N GLU A 472 54.11 9.41 -1.42
CA GLU A 472 54.02 9.33 0.03
C GLU A 472 52.58 9.50 0.51
N GLN A 473 51.88 10.52 -0.02
CA GLN A 473 50.52 10.78 0.44
C GLN A 473 49.57 9.66 0.00
N LEU A 474 49.71 9.19 -1.23
CA LEU A 474 48.88 8.09 -1.71
C LEU A 474 49.08 6.86 -0.85
N ARG A 475 50.32 6.56 -0.46
CA ARG A 475 50.56 5.39 0.37
C ARG A 475 50.00 5.57 1.77
N LYS A 476 50.10 6.79 2.32
CA LYS A 476 49.48 7.05 3.62
C LYS A 476 47.98 6.79 3.58
N ILE A 477 47.29 7.37 2.59
CA ILE A 477 45.84 7.18 2.46
C ILE A 477 45.51 5.71 2.21
N SER A 478 46.34 5.03 1.41
CA SER A 478 46.13 3.63 1.11
C SER A 478 46.18 2.79 2.39
N ARG A 479 47.29 2.91 3.14
CA ARG A 479 47.39 2.19 4.41
C ARG A 479 46.20 2.51 5.31
N ASP A 480 45.76 3.78 5.32
CA ASP A 480 44.62 4.14 6.15
C ASP A 480 43.36 3.37 5.75
N ALA A 481 43.20 3.07 4.46
CA ALA A 481 41.99 2.44 3.96
C ALA A 481 42.07 0.92 3.91
N GLY A 482 43.17 0.32 4.36
CA GLY A 482 43.31 -1.11 4.30
C GLY A 482 43.77 -1.66 2.96
N MET A 483 44.31 -0.80 2.09
CA MET A 483 44.86 -1.21 0.81
C MET A 483 46.32 -0.78 0.75
N PRO A 484 47.18 -1.40 1.57
CA PRO A 484 48.55 -0.90 1.73
C PRO A 484 49.38 -1.10 0.47
N ILE A 485 50.17 -0.09 0.15
CA ILE A 485 51.13 -0.14 -0.95
C ILE A 485 52.50 -0.41 -0.33
N GLN A 486 52.99 -1.64 -0.48
CA GLN A 486 54.19 -2.09 0.21
C GLN A 486 55.41 -1.70 -0.62
N GLY A 487 55.93 -0.50 -0.36
CA GLY A 487 57.17 -0.05 -0.94
C GLY A 487 56.96 0.85 -2.14
N GLN A 488 58.07 1.39 -2.61
CA GLN A 488 58.09 2.37 -3.69
C GLN A 488 57.83 1.68 -5.02
N PRO A 489 57.52 2.44 -6.07
CA PRO A 489 57.24 1.82 -7.37
C PRO A 489 58.51 1.21 -7.96
N CYS A 490 58.37 -0.02 -8.47
CA CYS A 490 59.50 -0.69 -9.11
C CYS A 490 59.95 0.04 -10.36
N PHE A 491 59.08 0.85 -10.96
CA PHE A 491 59.36 1.52 -12.23
C PHE A 491 58.68 2.88 -12.19
N CYS A 492 59.41 3.93 -12.60
CA CYS A 492 58.87 5.28 -12.54
C CYS A 492 59.61 6.12 -13.57
N LYS A 493 58.97 6.37 -14.70
CA LYS A 493 59.64 7.07 -15.79
C LYS A 493 58.67 8.03 -16.47
N TYR A 494 59.24 9.02 -17.14
CA TYR A 494 58.48 9.93 -17.99
C TYR A 494 58.40 9.38 -19.41
N ALA A 495 57.50 9.95 -20.20
CA ALA A 495 57.34 9.56 -21.59
C ALA A 495 56.49 10.63 -22.27
N GLN A 496 56.34 10.50 -23.57
CA GLN A 496 55.60 11.47 -24.36
C GLN A 496 55.04 10.79 -25.60
N GLY A 497 53.86 11.26 -26.03
CA GLY A 497 53.25 10.76 -27.25
C GLY A 497 52.52 9.45 -27.07
N ALA A 498 51.41 9.31 -27.82
CA ALA A 498 50.65 8.06 -27.78
C ALA A 498 51.48 6.89 -28.28
N ASP A 499 52.34 7.13 -29.27
CA ASP A 499 53.13 6.05 -29.84
C ASP A 499 53.99 5.34 -28.80
N SER A 500 54.28 6.00 -27.68
CA SER A 500 55.12 5.41 -26.65
C SER A 500 54.35 4.43 -25.76
N VAL A 501 53.02 4.47 -25.77
CA VAL A 501 52.24 3.73 -24.79
C VAL A 501 52.46 2.24 -24.94
N GLU A 502 52.11 1.68 -26.10
CA GLU A 502 52.12 0.22 -26.24
C GLU A 502 53.49 -0.38 -26.00
N PRO A 503 54.59 0.14 -26.56
CA PRO A 503 55.91 -0.44 -26.25
C PRO A 503 56.19 -0.48 -24.75
N MET A 504 56.11 0.69 -24.10
CA MET A 504 56.38 0.77 -22.67
C MET A 504 55.63 -0.34 -21.91
N PHE A 505 54.30 -0.36 -22.04
CA PHE A 505 53.51 -1.36 -21.33
C PHE A 505 54.04 -2.77 -21.60
N ARG A 506 54.33 -3.08 -22.86
CA ARG A 506 54.91 -4.38 -23.17
C ARG A 506 56.11 -4.63 -22.28
N HIS A 507 57.09 -3.73 -22.33
CA HIS A 507 58.24 -3.82 -21.45
C HIS A 507 57.81 -4.08 -20.02
N LEU A 508 56.89 -3.26 -19.50
CA LEU A 508 56.46 -3.41 -18.12
C LEU A 508 55.87 -4.79 -17.86
N LYS A 509 55.07 -5.31 -18.81
CA LYS A 509 54.48 -6.62 -18.59
C LYS A 509 55.53 -7.72 -18.61
N ASN A 510 56.64 -7.51 -19.34
CA ASN A 510 57.62 -8.57 -19.52
C ASN A 510 58.74 -8.52 -18.51
N THR A 511 59.14 -7.35 -18.03
CA THR A 511 60.30 -7.21 -17.17
C THR A 511 59.95 -7.12 -15.69
N TYR A 512 58.68 -6.95 -15.33
CA TYR A 512 58.28 -6.86 -13.93
C TYR A 512 57.16 -7.87 -13.68
N ALA A 513 57.52 -8.97 -13.01
CA ALA A 513 56.58 -10.04 -12.75
C ALA A 513 55.71 -9.69 -11.55
N GLY A 514 54.44 -10.04 -11.64
CA GLY A 514 53.49 -9.68 -10.60
C GLY A 514 53.01 -8.26 -10.67
N LEU A 515 53.16 -7.60 -11.81
CA LEU A 515 52.76 -6.20 -11.94
C LEU A 515 51.25 -6.08 -11.77
N GLN A 516 50.83 -5.38 -10.72
CA GLN A 516 49.42 -5.21 -10.41
C GLN A 516 48.81 -3.97 -11.04
N LEU A 517 49.59 -2.90 -11.20
CA LEU A 517 49.02 -1.60 -11.49
C LEU A 517 50.04 -0.73 -12.18
N VAL A 518 49.58 0.05 -13.14
CA VAL A 518 50.36 1.11 -13.75
C VAL A 518 49.60 2.41 -13.51
N VAL A 519 50.20 3.30 -12.71
CA VAL A 519 49.66 4.65 -12.55
C VAL A 519 50.14 5.49 -13.72
N VAL A 520 49.21 6.16 -14.40
CA VAL A 520 49.51 6.93 -15.60
C VAL A 520 49.13 8.39 -15.32
N ILE A 521 50.14 9.22 -15.14
CA ILE A 521 49.93 10.65 -14.93
C ILE A 521 49.82 11.34 -16.27
N LEU A 522 48.79 12.15 -16.44
CA LEU A 522 48.52 12.82 -17.71
C LEU A 522 48.46 14.33 -17.51
N PRO A 523 48.73 15.10 -18.57
CA PRO A 523 48.69 16.57 -18.48
C PRO A 523 47.34 17.20 -18.75
N GLY A 524 46.27 16.42 -18.82
CA GLY A 524 44.96 16.90 -19.19
C GLY A 524 44.41 16.09 -20.33
N LYS A 525 43.44 16.67 -21.04
CA LYS A 525 42.84 15.98 -22.17
C LYS A 525 43.92 15.70 -23.22
N THR A 526 44.26 14.43 -23.42
CA THR A 526 45.36 14.03 -24.29
C THR A 526 44.98 12.78 -25.04
N PRO A 527 45.45 12.63 -26.29
CA PRO A 527 45.24 11.34 -26.99
C PRO A 527 45.89 10.17 -26.30
N VAL A 528 46.77 10.42 -25.32
CA VAL A 528 47.45 9.33 -24.62
C VAL A 528 46.46 8.50 -23.81
N TYR A 529 45.37 9.10 -23.34
CA TYR A 529 44.43 8.38 -22.48
C TYR A 529 43.77 7.23 -23.21
N ALA A 530 43.17 7.51 -24.37
CA ALA A 530 42.54 6.47 -25.17
C ALA A 530 43.52 5.36 -25.51
N GLU A 531 44.78 5.73 -25.77
CA GLU A 531 45.78 4.71 -26.11
C GLU A 531 46.12 3.86 -24.89
N VAL A 532 46.27 4.50 -23.72
CA VAL A 532 46.51 3.77 -22.48
C VAL A 532 45.41 2.75 -22.27
N LYS A 533 44.15 3.17 -22.47
CA LYS A 533 43.04 2.26 -22.20
C LYS A 533 42.95 1.17 -23.25
N ARG A 534 43.19 1.51 -24.53
CA ARG A 534 43.21 0.47 -25.56
C ARG A 534 44.25 -0.59 -25.26
N VAL A 535 45.45 -0.16 -24.84
CA VAL A 535 46.52 -1.13 -24.59
C VAL A 535 46.22 -1.94 -23.34
N GLY A 536 45.87 -1.27 -22.24
CA GLY A 536 45.70 -1.97 -20.98
C GLY A 536 44.46 -2.83 -20.91
N ASP A 537 43.40 -2.44 -21.60
CA ASP A 537 42.12 -3.16 -21.51
C ASP A 537 42.01 -4.25 -22.56
N THR A 538 42.31 -3.93 -23.82
CA THR A 538 42.02 -4.85 -24.93
C THR A 538 43.23 -5.60 -25.45
N VAL A 539 44.44 -5.03 -25.36
CA VAL A 539 45.61 -5.64 -25.98
C VAL A 539 46.33 -6.53 -24.99
N LEU A 540 46.86 -5.96 -23.91
CA LEU A 540 47.66 -6.71 -22.96
C LEU A 540 46.89 -7.22 -21.75
N GLY A 541 45.78 -6.58 -21.40
CA GLY A 541 45.06 -6.96 -20.20
C GLY A 541 45.81 -6.56 -18.95
N MET A 542 46.18 -5.30 -18.86
CA MET A 542 46.89 -4.75 -17.72
C MET A 542 46.02 -3.68 -17.07
N ALA A 543 45.99 -3.68 -15.74
CA ALA A 543 45.21 -2.69 -15.01
C ALA A 543 45.97 -1.38 -14.97
N THR A 544 45.27 -0.28 -15.27
CA THR A 544 45.86 1.04 -15.23
C THR A 544 44.96 1.99 -14.46
N GLN A 545 45.58 2.98 -13.83
CA GLN A 545 44.85 4.04 -13.13
C GLN A 545 45.45 5.38 -13.55
N CYS A 546 44.68 6.18 -14.28
CA CYS A 546 45.16 7.47 -14.71
C CYS A 546 44.86 8.55 -13.68
N VAL A 547 45.67 9.59 -13.68
CA VAL A 547 45.53 10.68 -12.73
C VAL A 547 46.04 11.95 -13.41
N GLN A 548 45.31 13.05 -13.22
CA GLN A 548 45.69 14.32 -13.84
C GLN A 548 46.87 14.94 -13.09
N MET A 549 47.69 15.67 -13.85
CA MET A 549 48.87 16.32 -13.28
C MET A 549 48.51 17.14 -12.05
N LYS A 550 47.40 17.88 -12.11
CA LYS A 550 47.05 18.79 -11.03
C LYS A 550 46.80 18.06 -9.72
N ASN A 551 46.52 16.77 -9.76
CA ASN A 551 46.29 16.00 -8.55
C ASN A 551 47.52 15.25 -8.07
N VAL A 552 48.65 15.38 -8.78
CA VAL A 552 49.93 14.91 -8.31
C VAL A 552 50.77 16.06 -7.75
N GLN A 553 50.72 17.23 -8.41
CA GLN A 553 51.44 18.40 -7.91
C GLN A 553 50.93 18.80 -6.54
N ARG A 554 49.61 18.80 -6.35
CA ARG A 554 48.99 19.08 -5.06
C ARG A 554 47.94 18.01 -4.80
N THR A 555 47.96 17.43 -3.61
CA THR A 555 47.03 16.39 -3.22
C THR A 555 46.11 16.89 -2.12
N THR A 556 44.94 16.27 -2.04
CA THR A 556 44.03 16.42 -0.92
C THR A 556 43.57 15.04 -0.49
N PRO A 557 43.13 14.89 0.75
CA PRO A 557 42.66 13.56 1.19
C PRO A 557 41.49 13.03 0.39
N GLN A 558 40.52 13.89 0.04
CA GLN A 558 39.32 13.43 -0.65
C GLN A 558 39.66 12.83 -2.01
N THR A 559 40.46 13.54 -2.79
CA THR A 559 40.81 13.08 -4.13
C THR A 559 41.58 11.77 -4.07
N LEU A 560 42.58 11.70 -3.18
CA LEU A 560 43.35 10.47 -3.03
C LEU A 560 42.48 9.32 -2.56
N SER A 561 41.48 9.60 -1.72
CA SER A 561 40.65 8.53 -1.18
C SER A 561 39.72 7.97 -2.24
N ASN A 562 39.07 8.84 -3.01
CA ASN A 562 38.21 8.33 -4.08
C ASN A 562 39.05 7.62 -5.15
N LEU A 563 40.28 8.10 -5.36
CA LEU A 563 41.20 7.39 -6.26
C LEU A 563 41.55 6.02 -5.69
N CYS A 564 41.75 5.91 -4.39
CA CYS A 564 42.02 4.62 -3.77
C CYS A 564 40.84 3.68 -3.91
N LEU A 565 39.62 4.22 -3.82
CA LEU A 565 38.42 3.42 -4.09
C LEU A 565 38.53 2.77 -5.45
N LYS A 566 38.79 3.59 -6.48
CA LYS A 566 38.88 3.07 -7.83
C LYS A 566 40.03 2.07 -7.99
N ILE A 567 41.18 2.38 -7.39
CA ILE A 567 42.34 1.49 -7.50
C ILE A 567 42.02 0.13 -6.88
N ASN A 568 41.39 0.14 -5.71
CA ASN A 568 41.07 -1.10 -5.03
C ASN A 568 40.14 -1.95 -5.87
N VAL A 569 39.04 -1.37 -6.37
CA VAL A 569 38.12 -2.24 -7.11
C VAL A 569 38.72 -2.67 -8.44
N LYS A 570 39.68 -1.91 -9.00
CA LYS A 570 40.32 -2.32 -10.24
C LYS A 570 41.30 -3.46 -10.04
N LEU A 571 41.76 -3.69 -8.81
CA LEU A 571 42.63 -4.81 -8.50
C LEU A 571 41.87 -5.93 -7.82
N GLY A 572 40.55 -5.91 -7.93
CA GLY A 572 39.76 -6.96 -7.38
C GLY A 572 39.26 -6.76 -5.97
N GLY A 573 39.54 -5.63 -5.34
CA GLY A 573 39.12 -5.43 -3.98
C GLY A 573 37.60 -5.40 -3.85
N VAL A 574 37.15 -5.35 -2.60
CA VAL A 574 35.75 -5.17 -2.26
C VAL A 574 35.72 -4.01 -1.25
N ASN A 575 35.34 -2.82 -1.70
CA ASN A 575 35.40 -1.66 -0.83
C ASN A 575 34.45 -1.81 0.35
N ASN A 576 33.24 -2.30 0.09
CA ASN A 576 32.24 -2.45 1.14
C ASN A 576 31.09 -3.27 0.56
N ILE A 577 30.22 -3.73 1.47
CA ILE A 577 29.03 -4.47 1.08
C ILE A 577 27.86 -3.96 1.90
N LEU A 578 26.66 -4.12 1.35
CA LEU A 578 25.45 -3.89 2.13
C LEU A 578 25.46 -4.80 3.36
N LEU A 579 24.99 -4.27 4.48
CA LEU A 579 24.87 -5.09 5.68
C LEU A 579 24.01 -6.30 5.36
N PRO A 580 24.56 -7.52 5.40
CA PRO A 580 23.82 -8.68 4.87
C PRO A 580 22.40 -8.83 5.41
N GLN A 581 22.19 -8.66 6.72
CA GLN A 581 20.86 -8.91 7.26
C GLN A 581 19.86 -7.81 6.88
N GLY A 582 20.32 -6.63 6.53
CA GLY A 582 19.44 -5.53 6.19
C GLY A 582 18.83 -5.57 4.81
N ARG A 583 19.15 -6.58 4.00
CA ARG A 583 18.71 -6.62 2.61
C ARG A 583 17.31 -7.23 2.50
N PRO A 584 16.62 -6.97 1.39
CA PRO A 584 15.28 -7.54 1.20
C PRO A 584 15.33 -9.05 1.07
N PRO A 585 14.18 -9.72 1.13
CA PRO A 585 14.17 -11.20 1.03
C PRO A 585 14.65 -11.74 -0.30
N VAL A 586 14.76 -10.92 -1.34
CA VAL A 586 15.15 -11.43 -2.65
C VAL A 586 16.53 -12.07 -2.61
N PHE A 587 17.36 -11.67 -1.64
CA PHE A 587 18.71 -12.21 -1.54
C PHE A 587 18.75 -13.56 -0.84
N GLN A 588 17.61 -14.12 -0.43
CA GLN A 588 17.59 -15.44 0.16
C GLN A 588 17.88 -16.54 -0.85
N GLN A 589 17.92 -16.22 -2.14
CA GLN A 589 18.24 -17.16 -3.20
C GLN A 589 19.19 -16.48 -4.17
N PRO A 590 19.96 -17.24 -4.93
CA PRO A 590 20.91 -16.60 -5.87
C PRO A 590 20.17 -15.70 -6.83
N VAL A 591 20.64 -14.44 -6.93
CA VAL A 591 20.05 -13.45 -7.81
C VAL A 591 21.17 -12.74 -8.55
N ILE A 592 20.93 -12.44 -9.82
CA ILE A 592 21.87 -11.66 -10.62
C ILE A 592 21.18 -10.35 -11.00
N PHE A 593 21.93 -9.26 -10.90
CA PHE A 593 21.45 -7.92 -11.25
C PHE A 593 22.12 -7.47 -12.54
N LEU A 594 21.32 -7.06 -13.51
CA LEU A 594 21.83 -6.58 -14.79
C LEU A 594 21.54 -5.10 -14.95
N GLY A 595 22.50 -4.39 -15.55
CA GLY A 595 22.30 -3.00 -15.95
C GLY A 595 22.65 -2.79 -17.40
N ALA A 596 21.78 -2.15 -18.17
CA ALA A 596 21.99 -2.05 -19.62
C ALA A 596 21.74 -0.63 -20.08
N ASP A 597 22.56 -0.17 -21.03
CA ASP A 597 22.44 1.19 -21.55
C ASP A 597 22.95 1.24 -22.98
N VAL A 598 22.37 2.13 -23.77
CA VAL A 598 22.80 2.38 -25.14
C VAL A 598 23.14 3.85 -25.27
N THR A 599 24.35 4.13 -25.78
CA THR A 599 24.78 5.49 -26.06
C THR A 599 24.86 5.68 -27.57
N HIS A 600 24.36 6.83 -28.03
CA HIS A 600 24.28 7.15 -29.44
C HIS A 600 25.14 8.38 -29.76
N PRO A 601 25.59 8.52 -31.00
CA PRO A 601 26.33 9.72 -31.38
C PRO A 601 25.38 10.80 -31.83
N PRO A 602 25.84 12.05 -31.94
CA PRO A 602 24.95 13.11 -32.44
C PRO A 602 24.45 12.82 -33.84
N ALA A 603 23.26 13.31 -34.13
CA ALA A 603 22.64 13.07 -35.43
C ALA A 603 23.51 13.64 -36.55
N GLY A 604 23.59 12.91 -37.66
CA GLY A 604 24.34 13.30 -38.83
C GLY A 604 25.48 12.34 -39.17
N ASP A 605 25.98 11.62 -38.17
CA ASP A 605 27.07 10.68 -38.41
C ASP A 605 26.56 9.49 -39.21
N GLY A 606 27.29 9.14 -40.28
CA GLY A 606 26.83 8.07 -41.14
C GLY A 606 26.74 6.74 -40.43
N LYS A 607 27.82 6.35 -39.74
CA LYS A 607 27.84 5.07 -39.03
C LYS A 607 28.04 5.27 -37.53
N LYS A 608 29.23 5.72 -37.08
CA LYS A 608 29.50 5.97 -35.66
C LYS A 608 28.62 5.05 -34.82
N PRO A 609 28.77 3.73 -34.93
CA PRO A 609 27.76 2.84 -34.37
C PRO A 609 27.37 3.22 -32.96
N SER A 610 26.10 3.01 -32.62
CA SER A 610 25.71 3.20 -31.24
C SER A 610 26.25 2.03 -30.41
N ILE A 611 26.61 2.33 -29.16
CA ILE A 611 27.28 1.37 -28.29
C ILE A 611 26.28 0.88 -27.26
N ALA A 612 26.05 -0.43 -27.22
CA ALA A 612 25.21 -1.05 -26.21
C ALA A 612 26.09 -1.75 -25.19
N ALA A 613 25.85 -1.50 -23.91
CA ALA A 613 26.62 -2.10 -22.83
C ALA A 613 25.67 -2.77 -21.85
N VAL A 614 26.08 -3.93 -21.35
CA VAL A 614 25.31 -4.68 -20.37
C VAL A 614 26.26 -5.21 -19.31
N VAL A 615 25.93 -4.99 -18.05
CA VAL A 615 26.75 -5.42 -16.93
C VAL A 615 25.92 -6.35 -16.06
N GLY A 616 26.61 -7.27 -15.39
CA GLY A 616 25.96 -8.23 -14.52
C GLY A 616 26.71 -8.48 -13.24
N SER A 617 25.99 -8.57 -12.13
CA SER A 617 26.61 -8.87 -10.84
C SER A 617 27.18 -10.28 -10.85
N MET A 618 28.24 -10.46 -10.05
CA MET A 618 29.01 -11.68 -10.04
C MET A 618 29.14 -12.29 -8.65
N ASP A 619 28.44 -11.73 -7.67
CA ASP A 619 28.46 -12.26 -6.31
C ASP A 619 27.14 -11.90 -5.65
N ALA A 620 26.98 -12.35 -4.41
CA ALA A 620 25.73 -12.14 -3.69
C ALA A 620 25.65 -10.80 -2.96
N HIS A 621 26.75 -10.04 -2.90
CA HIS A 621 26.78 -8.87 -2.04
C HIS A 621 25.70 -7.86 -2.36
N PRO A 622 25.56 -7.35 -3.59
CA PRO A 622 26.36 -7.55 -4.80
C PRO A 622 27.38 -6.43 -5.03
N ASN A 623 28.65 -6.77 -5.23
CA ASN A 623 29.69 -5.78 -5.40
C ASN A 623 30.37 -5.87 -6.76
N ARG A 624 30.91 -6.97 -7.13
CA ARG A 624 31.65 -7.11 -8.40
C ARG A 624 30.71 -7.27 -9.59
N TYR A 625 30.97 -6.57 -10.63
CA TYR A 625 30.18 -6.62 -11.86
C TYR A 625 31.10 -6.90 -13.03
N CYS A 626 30.57 -7.64 -14.00
CA CYS A 626 31.28 -7.97 -15.23
C CYS A 626 30.57 -7.31 -16.40
N ALA A 627 31.33 -6.87 -17.39
CA ALA A 627 30.80 -6.04 -18.46
C ALA A 627 30.85 -6.75 -19.81
N THR A 628 29.91 -6.40 -20.67
CA THR A 628 29.89 -6.80 -22.06
C THR A 628 29.44 -5.60 -22.88
N VAL A 629 29.89 -5.52 -24.13
CA VAL A 629 29.61 -4.37 -24.96
C VAL A 629 29.59 -4.77 -26.43
N ARG A 630 28.79 -4.06 -27.21
CA ARG A 630 28.66 -4.30 -28.63
C ARG A 630 28.47 -2.98 -29.35
N VAL A 631 28.88 -2.95 -30.61
CA VAL A 631 28.52 -1.88 -31.54
C VAL A 631 27.32 -2.36 -32.33
N GLN A 632 26.40 -1.45 -32.62
CA GLN A 632 25.22 -1.82 -33.38
C GLN A 632 24.71 -0.62 -34.15
N GLN A 633 23.68 -0.85 -34.95
CA GLN A 633 23.21 0.09 -35.96
C GLN A 633 23.20 1.51 -35.40
N HIS A 634 23.55 2.46 -36.26
CA HIS A 634 23.55 3.86 -35.90
C HIS A 634 22.19 4.26 -35.33
N ARG A 635 22.19 4.69 -34.07
CA ARG A 635 21.00 5.18 -33.41
C ARG A 635 19.89 4.12 -33.41
N GLN A 636 20.18 3.00 -32.75
CA GLN A 636 19.19 1.97 -32.46
C GLN A 636 19.16 1.77 -30.95
N GLU A 637 17.96 1.84 -30.36
CA GLU A 637 17.84 1.71 -28.92
C GLU A 637 17.86 0.24 -28.49
N ILE A 638 17.20 -0.63 -29.26
CA ILE A 638 17.15 -2.04 -28.88
C ILE A 638 18.54 -2.64 -28.95
N ILE A 639 18.88 -3.42 -27.93
CA ILE A 639 20.19 -4.08 -27.86
C ILE A 639 20.10 -5.37 -28.68
N GLN A 640 20.62 -5.33 -29.91
CA GLN A 640 20.42 -6.43 -30.85
C GLN A 640 20.99 -7.73 -30.31
N ASP A 641 22.24 -7.71 -29.86
CA ASP A 641 22.95 -8.91 -29.45
C ASP A 641 22.83 -9.19 -27.95
N LEU A 642 21.70 -8.81 -27.35
CA LEU A 642 21.55 -8.93 -25.90
C LEU A 642 21.61 -10.38 -25.45
N ALA A 643 21.09 -11.31 -26.25
CA ALA A 643 21.08 -12.72 -25.85
C ALA A 643 22.49 -13.22 -25.60
N ALA A 644 23.41 -12.95 -26.53
CA ALA A 644 24.80 -13.38 -26.36
C ALA A 644 25.42 -12.76 -25.12
N MET A 645 25.21 -11.46 -24.92
CA MET A 645 25.82 -10.76 -23.80
C MET A 645 25.33 -11.33 -22.47
N VAL A 646 24.02 -11.54 -22.37
CA VAL A 646 23.44 -12.09 -21.15
C VAL A 646 23.93 -13.52 -20.94
N ARG A 647 24.11 -14.28 -22.02
CA ARG A 647 24.70 -15.61 -21.89
C ARG A 647 26.08 -15.52 -21.27
N GLU A 648 26.93 -14.63 -21.79
CA GLU A 648 28.25 -14.44 -21.19
C GLU A 648 28.14 -14.15 -19.71
N LEU A 649 27.24 -13.23 -19.34
CA LEU A 649 27.12 -12.81 -17.95
C LEU A 649 26.65 -13.96 -17.07
N LEU A 650 25.69 -14.75 -17.54
CA LEU A 650 25.22 -15.91 -16.79
C LEU A 650 26.33 -16.94 -16.62
N ILE A 651 27.12 -17.17 -17.67
CA ILE A 651 28.22 -18.10 -17.58
C ILE A 651 29.20 -17.65 -16.50
N GLN A 652 29.55 -16.36 -16.51
CA GLN A 652 30.47 -15.84 -15.51
C GLN A 652 29.87 -15.94 -14.10
N PHE A 653 28.57 -15.68 -13.97
CA PHE A 653 27.93 -15.76 -12.66
C PHE A 653 27.97 -17.19 -12.13
N TYR A 654 27.63 -18.16 -12.98
CA TYR A 654 27.66 -19.56 -12.60
C TYR A 654 29.07 -19.98 -12.21
N LYS A 655 30.07 -19.51 -12.94
CA LYS A 655 31.45 -19.83 -12.63
C LYS A 655 31.87 -19.23 -11.29
N SER A 656 31.46 -18.00 -11.02
CA SER A 656 31.95 -17.28 -9.85
C SER A 656 31.24 -17.70 -8.57
N THR A 657 29.94 -18.00 -8.65
CA THR A 657 29.15 -18.35 -7.48
C THR A 657 28.84 -19.83 -7.37
N ARG A 658 29.06 -20.61 -8.44
CA ARG A 658 28.72 -22.03 -8.51
C ARG A 658 27.21 -22.28 -8.49
N PHE A 659 26.40 -21.26 -8.72
CA PHE A 659 24.96 -21.42 -8.78
C PHE A 659 24.40 -20.58 -9.92
N LYS A 660 23.27 -21.04 -10.46
CA LYS A 660 22.60 -20.23 -11.46
C LYS A 660 21.57 -19.33 -10.77
N PRO A 661 21.44 -18.07 -11.18
CA PRO A 661 20.43 -17.22 -10.56
C PRO A 661 19.05 -17.82 -10.73
N THR A 662 18.25 -17.75 -9.67
CA THR A 662 16.83 -18.06 -9.77
C THR A 662 16.02 -16.83 -10.15
N ARG A 663 16.61 -15.65 -10.05
CA ARG A 663 15.94 -14.41 -10.44
C ARG A 663 16.91 -13.53 -11.22
N ILE A 664 16.36 -12.82 -12.21
CA ILE A 664 17.14 -11.88 -13.01
C ILE A 664 16.48 -10.52 -12.87
N ILE A 665 17.17 -9.59 -12.22
CA ILE A 665 16.69 -8.23 -12.04
C ILE A 665 17.40 -7.36 -13.07
N PHE A 666 16.64 -6.85 -14.03
CA PHE A 666 17.18 -6.16 -15.21
C PHE A 666 16.81 -4.69 -15.12
N TYR A 667 17.81 -3.84 -14.89
CA TYR A 667 17.63 -2.40 -14.89
C TYR A 667 18.07 -1.83 -16.24
N ARG A 668 17.11 -1.27 -16.97
CA ARG A 668 17.30 -0.85 -18.35
C ARG A 668 17.14 0.67 -18.41
N ASP A 669 18.17 1.35 -18.88
CA ASP A 669 18.17 2.82 -18.86
C ASP A 669 17.82 3.37 -20.23
N GLY A 670 17.08 4.48 -20.23
CA GLY A 670 16.87 5.28 -21.43
C GLY A 670 15.90 4.69 -22.43
N VAL A 671 14.68 4.40 -22.00
CA VAL A 671 13.64 3.87 -22.88
C VAL A 671 12.41 4.73 -22.69
N SER A 672 11.91 5.29 -23.79
CA SER A 672 10.71 6.11 -23.76
C SER A 672 9.46 5.24 -23.78
N GLU A 673 8.34 5.83 -23.37
CA GLU A 673 7.07 5.12 -23.36
C GLU A 673 6.81 4.45 -24.70
N GLY A 674 7.02 5.18 -25.79
CA GLY A 674 6.72 4.68 -27.12
C GLY A 674 7.61 3.55 -27.57
N GLN A 675 8.72 3.29 -26.88
CA GLN A 675 9.62 2.20 -27.21
C GLN A 675 9.42 0.97 -26.34
N PHE A 676 8.49 1.04 -25.37
CA PHE A 676 8.33 -0.04 -24.42
C PHE A 676 8.00 -1.36 -25.12
N GLN A 677 6.93 -1.37 -25.93
CA GLN A 677 6.52 -2.60 -26.59
C GLN A 677 7.71 -3.24 -27.31
N GLN A 678 8.40 -2.47 -28.14
CA GLN A 678 9.51 -2.98 -28.94
C GLN A 678 10.60 -3.56 -28.04
N VAL A 679 11.17 -2.72 -27.17
CA VAL A 679 12.34 -3.16 -26.40
C VAL A 679 11.98 -4.32 -25.51
N LEU A 680 10.82 -4.28 -24.87
CA LEU A 680 10.41 -5.41 -24.03
C LEU A 680 10.33 -6.68 -24.85
N HIS A 681 9.58 -6.63 -25.97
CA HIS A 681 9.40 -7.82 -26.78
C HIS A 681 10.73 -8.42 -27.21
N HIS A 682 11.69 -7.57 -27.60
CA HIS A 682 12.96 -8.11 -28.09
C HIS A 682 13.86 -8.58 -26.95
N GLU A 683 13.99 -7.78 -25.89
CA GLU A 683 15.00 -8.04 -24.87
C GLU A 683 14.54 -9.06 -23.84
N LEU A 684 13.26 -9.09 -23.49
CA LEU A 684 12.73 -10.18 -22.66
C LEU A 684 12.98 -11.53 -23.32
N LEU A 685 12.62 -11.62 -24.61
CA LEU A 685 12.89 -12.85 -25.36
C LEU A 685 14.38 -13.15 -25.42
N ALA A 686 15.21 -12.12 -25.63
CA ALA A 686 16.66 -12.34 -25.67
C ALA A 686 17.15 -12.96 -24.36
N ILE A 687 16.68 -12.43 -23.22
CA ILE A 687 17.09 -12.96 -21.93
C ILE A 687 16.62 -14.40 -21.76
N ARG A 688 15.37 -14.68 -22.15
CA ARG A 688 14.87 -16.04 -22.04
C ARG A 688 15.71 -17.00 -22.88
N GLU A 689 16.06 -16.59 -24.10
CA GLU A 689 16.92 -17.41 -24.98
C GLU A 689 18.25 -17.65 -24.29
N ALA A 690 18.91 -16.59 -23.84
CA ALA A 690 20.18 -16.74 -23.15
C ALA A 690 20.05 -17.73 -21.99
N CYS A 691 18.90 -17.74 -21.31
CA CYS A 691 18.71 -18.68 -20.22
C CYS A 691 18.65 -20.12 -20.73
N ILE A 692 17.78 -20.39 -21.70
CA ILE A 692 17.63 -21.78 -22.15
C ILE A 692 18.88 -22.25 -22.88
N LYS A 693 19.65 -21.34 -23.45
CA LYS A 693 20.92 -21.76 -24.06
C LYS A 693 21.93 -22.17 -22.99
N LEU A 694 21.80 -21.62 -21.77
CA LEU A 694 22.65 -22.07 -20.66
C LEU A 694 22.28 -23.48 -20.21
N GLU A 695 20.98 -23.78 -20.12
CA GLU A 695 20.50 -25.11 -19.75
C GLU A 695 19.10 -25.29 -20.32
N LYS A 696 18.75 -26.54 -20.60
CA LYS A 696 17.53 -26.84 -21.35
C LYS A 696 16.30 -26.21 -20.71
N ASP A 697 16.04 -26.54 -19.44
CA ASP A 697 14.82 -26.13 -18.76
C ASP A 697 15.08 -25.02 -17.74
N TYR A 698 16.01 -24.12 -18.07
CA TYR A 698 16.38 -23.03 -17.16
C TYR A 698 15.50 -21.83 -17.44
N GLN A 699 14.56 -21.54 -16.53
CA GLN A 699 13.62 -20.42 -16.68
C GLN A 699 13.54 -19.65 -15.37
N PRO A 700 14.55 -18.85 -15.04
CA PRO A 700 14.45 -18.00 -13.85
C PRO A 700 13.45 -16.88 -14.08
N GLY A 701 12.94 -16.34 -12.98
CA GLY A 701 12.01 -15.23 -13.06
C GLY A 701 12.72 -13.93 -13.41
N ILE A 702 12.13 -13.19 -14.35
CA ILE A 702 12.73 -11.98 -14.90
C ILE A 702 11.95 -10.77 -14.40
N THR A 703 12.66 -9.78 -13.88
CA THR A 703 12.09 -8.48 -13.55
C THR A 703 12.74 -7.43 -14.44
N PHE A 704 11.98 -6.90 -15.38
CA PHE A 704 12.43 -5.93 -16.36
C PHE A 704 11.91 -4.56 -15.94
N ILE A 705 12.85 -3.67 -15.59
CA ILE A 705 12.60 -2.33 -15.04
C ILE A 705 13.32 -1.31 -15.91
N VAL A 706 12.61 -0.29 -16.39
CA VAL A 706 13.24 0.79 -17.15
C VAL A 706 13.47 1.97 -16.23
N VAL A 707 14.70 2.51 -16.25
CA VAL A 707 15.12 3.65 -15.44
C VAL A 707 15.16 4.87 -16.33
N GLN A 708 14.46 5.94 -15.92
CA GLN A 708 14.35 7.16 -16.72
C GLN A 708 14.64 8.37 -15.83
N LYS A 709 15.71 9.10 -16.14
CA LYS A 709 16.01 10.38 -15.50
C LYS A 709 15.47 11.56 -16.28
N ARG A 710 15.21 11.40 -17.57
CA ARG A 710 14.86 12.51 -18.45
C ARG A 710 13.34 12.67 -18.44
N HIS A 711 12.86 13.52 -17.53
CA HIS A 711 11.44 13.84 -17.42
C HIS A 711 11.33 15.20 -16.72
N HIS A 712 10.10 15.66 -16.53
CA HIS A 712 9.84 17.00 -16.02
C HIS A 712 9.07 16.96 -14.69
N THR A 713 9.31 15.94 -13.88
CA THR A 713 8.65 15.80 -12.58
C THR A 713 9.56 16.36 -11.51
N ARG A 714 9.00 17.24 -10.67
CA ARG A 714 9.72 17.85 -9.57
C ARG A 714 8.91 17.64 -8.29
N LEU A 715 9.61 17.40 -7.19
CA LEU A 715 8.99 17.21 -5.89
C LEU A 715 9.56 18.22 -4.90
N PHE A 716 8.69 18.81 -4.10
CA PHE A 716 9.07 19.87 -3.19
C PHE A 716 8.53 19.56 -1.80
N CYS A 717 9.33 19.83 -0.78
CA CYS A 717 8.86 19.65 0.59
C CYS A 717 7.77 20.66 0.90
N THR A 718 6.69 20.19 1.53
CA THR A 718 5.66 21.09 2.02
C THR A 718 6.07 21.76 3.31
N ASP A 719 6.78 21.04 4.18
CA ASP A 719 7.26 21.57 5.45
C ASP A 719 8.69 22.05 5.27
N LYS A 720 8.92 23.34 5.54
CA LYS A 720 10.26 23.90 5.41
C LYS A 720 11.28 23.15 6.24
N ASN A 721 10.86 22.48 7.32
CA ASN A 721 11.77 21.73 8.16
C ASN A 721 12.33 20.50 7.45
N GLU A 722 11.63 19.99 6.45
CA GLU A 722 12.12 18.72 5.87
C GLU A 722 13.09 19.04 4.74
N ARG A 723 13.25 20.31 4.40
CA ARG A 723 14.15 20.72 3.30
C ARG A 723 15.59 20.44 3.69
N VAL A 724 16.42 20.02 2.73
CA VAL A 724 17.82 19.60 3.04
C VAL A 724 18.89 20.38 2.28
N GLY A 725 19.90 20.90 3.00
CA GLY A 725 21.09 21.52 2.42
C GLY A 725 21.07 22.70 1.49
N LYS A 726 20.57 23.86 1.90
CA LYS A 726 20.69 25.09 1.09
C LYS A 726 19.82 25.04 -0.15
N SER A 727 19.98 24.00 -0.95
CA SER A 727 19.16 23.80 -2.16
C SER A 727 17.71 23.64 -1.74
N GLY A 728 17.47 22.93 -0.66
CA GLY A 728 16.12 22.80 -0.12
C GLY A 728 15.41 21.63 -0.73
N ASN A 729 16.15 20.57 -1.04
CA ASN A 729 15.54 19.47 -1.76
C ASN A 729 14.96 18.43 -0.81
N ILE A 730 14.19 17.51 -1.39
CA ILE A 730 13.66 16.36 -0.68
C ILE A 730 14.81 15.50 -0.17
N PRO A 731 14.65 14.80 0.95
CA PRO A 731 15.73 13.94 1.44
C PRO A 731 15.99 12.77 0.51
N ALA A 732 17.24 12.31 0.52
CA ALA A 732 17.58 11.08 -0.18
C ALA A 732 16.68 9.94 0.31
N GLY A 733 16.22 9.15 -0.64
CA GLY A 733 15.29 8.08 -0.34
C GLY A 733 13.83 8.45 -0.45
N THR A 734 13.52 9.67 -0.89
CA THR A 734 12.11 10.08 -0.96
C THR A 734 11.42 9.35 -2.10
N THR A 735 10.31 8.71 -1.79
CA THR A 735 9.64 7.80 -2.71
C THR A 735 8.19 8.24 -2.92
N VAL A 736 7.71 8.10 -4.15
CA VAL A 736 6.35 8.46 -4.52
C VAL A 736 5.83 7.42 -5.48
N ASP A 737 4.73 6.76 -5.11
CA ASP A 737 4.04 5.87 -6.04
C ASP A 737 2.54 6.13 -6.04
N THR A 738 2.14 7.37 -5.74
CA THR A 738 0.74 7.78 -5.78
C THR A 738 0.61 9.15 -6.42
N LYS A 739 -0.59 9.41 -6.94
CA LYS A 739 -1.09 10.72 -7.35
C LYS A 739 -0.49 11.30 -8.62
N ILE A 740 0.67 10.80 -9.06
CA ILE A 740 1.27 11.30 -10.30
C ILE A 740 1.81 10.12 -11.11
N THR A 741 1.69 8.92 -10.57
CA THR A 741 2.17 7.72 -11.24
C THR A 741 1.06 7.13 -12.11
N HIS A 742 1.34 5.98 -12.70
CA HIS A 742 0.40 5.39 -13.63
C HIS A 742 -0.86 4.93 -12.89
N PRO A 743 -2.03 5.01 -13.53
CA PRO A 743 -3.27 4.58 -12.86
C PRO A 743 -3.37 3.08 -12.65
N THR A 744 -2.68 2.26 -13.45
CA THR A 744 -2.79 0.82 -13.34
C THR A 744 -1.45 0.09 -13.30
N GLU A 745 -0.37 0.69 -13.82
CA GLU A 745 0.87 -0.02 -14.00
C GLU A 745 1.82 0.23 -12.83
N PHE A 746 2.94 -0.47 -12.86
CA PHE A 746 3.88 -0.56 -11.73
C PHE A 746 5.03 0.40 -11.99
N ASP A 747 4.85 1.65 -11.57
CA ASP A 747 5.88 2.67 -11.70
C ASP A 747 5.97 3.49 -10.43
N PHE A 748 7.12 4.13 -10.23
CA PHE A 748 7.33 4.93 -9.03
C PHE A 748 8.52 5.87 -9.22
N TYR A 749 8.44 7.04 -8.58
CA TYR A 749 9.57 7.93 -8.47
C TYR A 749 10.33 7.61 -7.19
N LEU A 750 11.65 7.55 -7.31
CA LEU A 750 12.53 7.42 -6.16
C LEU A 750 13.66 8.43 -6.35
N CYS A 751 13.79 9.35 -5.40
CA CYS A 751 14.94 10.25 -5.32
C CYS A 751 15.84 9.68 -4.25
N SER A 752 16.88 8.97 -4.69
CA SER A 752 17.80 8.25 -3.82
C SER A 752 19.04 9.05 -3.48
N HIS A 753 19.24 10.20 -4.11
CA HIS A 753 20.44 10.99 -3.91
C HIS A 753 20.09 12.29 -3.21
N ALA A 754 21.12 12.90 -2.63
CA ALA A 754 20.99 14.21 -2.01
C ALA A 754 21.29 15.29 -3.05
N GLY A 755 20.37 16.24 -3.20
CA GLY A 755 20.58 17.32 -4.14
C GLY A 755 21.55 18.35 -3.59
N ILE A 756 22.44 18.83 -4.45
CA ILE A 756 23.48 19.76 -4.04
C ILE A 756 23.09 21.19 -4.41
N GLN A 757 22.96 21.47 -5.70
CA GLN A 757 22.52 22.79 -6.17
C GLN A 757 21.44 22.59 -7.23
N GLY A 758 20.46 23.49 -7.23
CA GLY A 758 19.33 23.35 -8.11
C GLY A 758 18.23 22.53 -7.45
N THR A 759 17.40 21.93 -8.28
CA THR A 759 16.31 21.08 -7.82
C THR A 759 16.59 19.65 -8.26
N SER A 760 16.49 18.72 -7.30
CA SER A 760 16.80 17.33 -7.58
C SER A 760 15.86 16.78 -8.65
N ARG A 761 16.39 15.87 -9.46
CA ARG A 761 15.61 15.16 -10.47
C ARG A 761 15.35 13.74 -9.97
N PRO A 762 14.19 13.43 -9.39
CA PRO A 762 13.95 12.07 -8.92
C PRO A 762 13.98 11.09 -10.09
N SER A 763 14.62 9.96 -9.89
CA SER A 763 14.61 8.95 -10.95
C SER A 763 13.25 8.30 -11.01
N HIS A 764 12.81 7.96 -12.22
CA HIS A 764 11.55 7.27 -12.41
C HIS A 764 11.83 5.82 -12.83
N TYR A 765 11.06 4.89 -12.25
CA TYR A 765 11.21 3.48 -12.52
C TYR A 765 9.87 2.92 -12.98
N HIS A 766 9.90 2.10 -14.03
CA HIS A 766 8.69 1.52 -14.60
C HIS A 766 8.95 0.04 -14.84
N VAL A 767 8.19 -0.82 -14.16
CA VAL A 767 8.38 -2.25 -14.26
C VAL A 767 7.62 -2.75 -15.48
N LEU A 768 8.35 -3.09 -16.54
CA LEU A 768 7.72 -3.63 -17.74
C LEU A 768 7.42 -5.11 -17.62
N TRP A 769 8.12 -5.84 -16.75
CA TRP A 769 7.83 -7.26 -16.60
C TRP A 769 8.27 -7.72 -15.21
N ASP A 770 7.53 -8.66 -14.61
CA ASP A 770 7.92 -9.16 -13.29
C ASP A 770 7.34 -10.56 -13.08
N ASP A 771 8.17 -11.58 -13.32
CA ASP A 771 7.81 -12.95 -12.95
C ASP A 771 7.88 -13.18 -11.45
N ASN A 772 8.65 -12.38 -10.72
CA ASN A 772 8.95 -12.67 -9.32
C ASN A 772 7.96 -12.04 -8.35
N ARG A 773 6.89 -11.43 -8.85
CA ARG A 773 5.83 -10.89 -8.00
C ARG A 773 6.39 -10.06 -6.86
N PHE A 774 7.28 -9.13 -7.19
CA PHE A 774 7.75 -8.19 -6.18
C PHE A 774 6.60 -7.39 -5.62
N SER A 775 6.68 -7.10 -4.33
CA SER A 775 5.83 -6.07 -3.74
C SER A 775 6.44 -4.69 -4.02
N SER A 776 5.58 -3.66 -3.98
CA SER A 776 6.07 -2.30 -4.17
C SER A 776 7.19 -1.99 -3.18
N ASP A 777 6.99 -2.30 -1.90
CA ASP A 777 8.00 -1.99 -0.89
C ASP A 777 9.30 -2.73 -1.17
N GLU A 778 9.22 -4.02 -1.51
CA GLU A 778 10.42 -4.81 -1.71
C GLU A 778 11.25 -4.26 -2.87
N LEU A 779 10.58 -3.95 -3.98
CA LEU A 779 11.29 -3.47 -5.16
C LEU A 779 11.83 -2.05 -4.96
N GLN A 780 11.04 -1.18 -4.35
CA GLN A 780 11.52 0.17 -4.08
C GLN A 780 12.72 0.16 -3.14
N ILE A 781 12.68 -0.69 -2.11
CA ILE A 781 13.78 -0.78 -1.17
C ILE A 781 15.01 -1.37 -1.84
N LEU A 782 14.82 -2.39 -2.68
CA LEU A 782 15.96 -2.99 -3.38
C LEU A 782 16.62 -1.97 -4.30
N THR A 783 15.82 -1.23 -5.06
CA THR A 783 16.39 -0.18 -5.90
C THR A 783 17.19 0.80 -5.07
N TYR A 784 16.61 1.28 -3.95
CA TYR A 784 17.32 2.21 -3.09
C TYR A 784 18.64 1.63 -2.61
N GLN A 785 18.62 0.37 -2.14
CA GLN A 785 19.83 -0.22 -1.60
C GLN A 785 20.90 -0.40 -2.68
N LEU A 786 20.49 -0.85 -3.87
CA LEU A 786 21.43 -0.92 -4.99
C LEU A 786 22.02 0.44 -5.31
N CYS A 787 21.28 1.52 -5.05
CA CYS A 787 21.85 2.86 -5.24
C CYS A 787 22.99 3.17 -4.28
N HIS A 788 23.24 2.32 -3.28
CA HIS A 788 24.32 2.51 -2.32
C HIS A 788 25.51 1.59 -2.57
N THR A 789 25.52 0.89 -3.70
CA THR A 789 26.60 -0.04 -4.04
C THR A 789 27.50 0.49 -5.14
N TYR A 790 27.39 1.77 -5.46
CA TYR A 790 28.27 2.40 -6.44
C TYR A 790 29.66 2.57 -5.86
N VAL A 791 30.64 1.89 -6.43
CA VAL A 791 31.96 1.80 -5.80
C VAL A 791 32.75 3.10 -5.94
N ARG A 792 32.45 3.94 -6.92
CA ARG A 792 33.29 5.10 -7.17
C ARG A 792 33.11 6.21 -6.13
N CYS A 793 32.22 6.05 -5.16
CA CYS A 793 32.03 7.12 -4.18
C CYS A 793 31.18 6.60 -3.03
N THR A 794 31.34 7.23 -1.87
CA THR A 794 30.61 6.87 -0.66
C THR A 794 29.37 7.75 -0.49
N ARG A 795 28.46 7.65 -1.45
CA ARG A 795 27.18 8.35 -1.34
C ARG A 795 26.15 7.63 -2.18
N SER A 796 24.88 7.78 -1.79
CA SER A 796 23.79 7.25 -2.59
C SER A 796 23.66 8.05 -3.87
N VAL A 797 23.64 7.36 -5.01
CA VAL A 797 23.63 8.01 -6.30
C VAL A 797 22.23 7.93 -6.90
N SER A 798 22.03 8.63 -8.01
CA SER A 798 20.69 8.84 -8.55
C SER A 798 20.09 7.61 -9.20
N ILE A 799 20.89 6.63 -9.60
CA ILE A 799 20.36 5.41 -10.21
C ILE A 799 21.10 4.20 -9.67
N PRO A 800 20.50 3.01 -9.81
CA PRO A 800 21.13 1.80 -9.27
C PRO A 800 22.49 1.54 -9.93
N ALA A 801 23.43 1.09 -9.12
CA ALA A 801 24.79 0.86 -9.60
C ALA A 801 24.84 0.06 -10.89
N PRO A 802 24.03 -0.97 -11.12
CA PRO A 802 24.08 -1.66 -12.42
C PRO A 802 23.96 -0.71 -13.60
N ALA A 803 22.93 0.14 -13.57
CA ALA A 803 22.70 1.07 -14.68
C ALA A 803 23.86 2.06 -14.84
N TYR A 804 24.35 2.61 -13.72
CA TYR A 804 25.45 3.55 -13.78
C TYR A 804 26.69 2.89 -14.39
N TYR A 805 26.99 1.67 -13.94
CA TYR A 805 28.14 0.94 -14.50
C TYR A 805 27.95 0.73 -16.00
N ALA A 806 26.73 0.42 -16.44
CA ALA A 806 26.51 0.22 -17.86
C ALA A 806 26.85 1.48 -18.64
N HIS A 807 26.44 2.64 -18.13
CA HIS A 807 26.85 3.90 -18.73
C HIS A 807 28.36 4.03 -18.81
N LEU A 808 29.06 3.74 -17.69
CA LEU A 808 30.52 3.84 -17.68
C LEU A 808 31.14 2.93 -18.74
N VAL A 809 30.60 1.72 -18.89
CA VAL A 809 31.15 0.76 -19.83
C VAL A 809 31.01 1.28 -21.25
N ALA A 810 29.85 1.86 -21.58
CA ALA A 810 29.68 2.46 -22.92
C ALA A 810 30.67 3.59 -23.13
N PHE A 811 30.88 4.43 -22.11
CA PHE A 811 31.87 5.51 -22.20
C PHE A 811 33.25 4.97 -22.54
N ARG A 812 33.72 3.99 -21.76
CA ARG A 812 35.04 3.42 -22.01
C ARG A 812 35.10 2.79 -23.40
N ALA A 813 34.03 2.13 -23.83
CA ALA A 813 34.00 1.53 -25.16
C ALA A 813 34.20 2.59 -26.23
N ARG A 814 33.49 3.71 -26.11
CA ARG A 814 33.69 4.82 -27.03
C ARG A 814 35.16 5.24 -27.05
N TYR A 815 35.81 5.25 -25.88
CA TYR A 815 37.23 5.57 -25.86
C TYR A 815 38.06 4.54 -26.62
N HIS A 816 37.66 3.25 -26.55
CA HIS A 816 38.43 2.19 -27.18
C HIS A 816 38.38 2.23 -28.71
N LEU A 817 37.53 3.06 -29.29
CA LEU A 817 37.36 3.14 -30.75
C LEU A 817 38.07 4.35 -31.35
N VAL A 818 39.02 4.94 -30.62
CA VAL A 818 39.51 6.27 -31.00
C VAL A 818 40.45 6.22 -32.21
N ASP A 819 41.19 5.13 -32.41
CA ASP A 819 42.19 5.07 -33.48
C ASP A 819 41.51 4.81 -34.84
N ASP A 838 35.65 -1.18 -40.85
CA ASP A 838 34.63 -2.20 -41.04
C ASP A 838 33.94 -2.48 -39.70
N HIS A 839 32.68 -2.92 -39.79
CA HIS A 839 31.91 -3.14 -38.57
C HIS A 839 32.59 -4.15 -37.66
N GLN A 840 32.98 -5.31 -38.20
CA GLN A 840 33.66 -6.30 -37.38
C GLN A 840 34.97 -5.77 -36.82
N ALA A 841 35.64 -4.88 -37.55
CA ALA A 841 36.84 -4.24 -37.00
C ALA A 841 36.52 -3.48 -35.74
N LEU A 842 35.44 -2.69 -35.76
CA LEU A 842 35.01 -1.97 -34.55
C LEU A 842 34.64 -2.94 -33.44
N ALA A 843 33.82 -3.95 -33.76
CA ALA A 843 33.40 -4.93 -32.77
C ALA A 843 34.61 -5.59 -32.10
N LYS A 844 35.70 -5.79 -32.86
CA LYS A 844 36.91 -6.33 -32.26
C LYS A 844 37.61 -5.27 -31.42
N ALA A 845 37.69 -4.03 -31.91
CA ALA A 845 38.37 -2.97 -31.19
C ALA A 845 37.75 -2.73 -29.83
N VAL A 846 36.45 -3.01 -29.70
CA VAL A 846 35.73 -2.75 -28.45
C VAL A 846 35.67 -4.00 -27.57
N GLN A 847 36.42 -5.05 -27.92
CA GLN A 847 36.45 -6.29 -27.16
C GLN A 847 37.59 -6.22 -26.14
N VAL A 848 37.25 -6.43 -24.87
CA VAL A 848 38.23 -6.31 -23.79
C VAL A 848 39.00 -7.61 -23.64
N HIS A 849 40.27 -7.47 -23.28
CA HIS A 849 41.12 -8.63 -23.03
C HIS A 849 40.51 -9.51 -21.95
N GLN A 850 40.75 -10.82 -22.06
CA GLN A 850 40.12 -11.78 -21.16
C GLN A 850 40.55 -11.58 -19.71
N ASP A 851 41.74 -11.02 -19.47
CA ASP A 851 42.23 -10.85 -18.12
C ASP A 851 41.58 -9.65 -17.43
N THR A 852 41.33 -8.57 -18.17
CA THR A 852 40.64 -7.42 -17.58
C THR A 852 39.14 -7.59 -17.55
N LEU A 853 38.58 -8.49 -18.36
CA LEU A 853 37.14 -8.74 -18.33
C LEU A 853 36.71 -9.20 -16.95
N ARG A 854 37.64 -9.82 -16.22
CA ARG A 854 37.40 -10.33 -14.89
C ARG A 854 37.31 -9.24 -13.84
N THR A 855 37.71 -8.02 -14.16
CA THR A 855 37.80 -6.91 -13.22
C THR A 855 36.80 -5.83 -13.60
N MET A 856 36.59 -4.89 -12.68
CA MET A 856 35.80 -3.70 -12.99
C MET A 856 36.70 -2.60 -13.55
N TYR A 857 37.27 -2.91 -14.72
CA TYR A 857 38.14 -1.97 -15.42
C TYR A 857 37.44 -0.65 -15.71
N PHE A 858 36.12 -0.64 -15.76
CA PHE A 858 35.35 0.55 -16.13
C PHE A 858 35.14 1.50 -14.96
N ALA A 859 35.55 1.14 -13.75
CA ALA A 859 35.45 2.05 -12.62
C ALA A 859 36.38 3.25 -12.81
N ALA D 22 -11.56 14.68 20.28
CA ALA D 22 -12.05 15.81 19.50
C ALA D 22 -13.27 15.41 18.68
N PHE D 23 -13.58 14.12 18.63
CA PHE D 23 -14.74 13.62 17.90
C PHE D 23 -15.70 12.99 18.90
N LYS D 24 -16.90 13.53 18.99
CA LYS D 24 -17.97 13.00 19.80
C LYS D 24 -19.03 12.38 18.91
N PRO D 25 -19.61 11.24 19.30
CA PRO D 25 -20.64 10.63 18.46
C PRO D 25 -21.86 11.51 18.37
N PRO D 26 -22.55 11.52 17.24
CA PRO D 26 -23.67 12.45 17.07
C PRO D 26 -24.80 12.11 18.01
N PRO D 27 -25.62 13.08 18.40
CA PRO D 27 -26.82 12.79 19.18
C PRO D 27 -27.88 12.11 18.32
N ARG D 28 -28.85 11.53 19.00
CA ARG D 28 -29.97 10.90 18.32
C ARG D 28 -30.78 11.95 17.56
N PRO D 29 -31.00 11.80 16.25
CA PRO D 29 -31.77 12.82 15.53
C PRO D 29 -33.25 12.79 15.85
N ASP D 30 -33.85 11.61 15.87
CA ASP D 30 -35.28 11.45 16.12
C ASP D 30 -35.50 10.04 16.63
N PHE D 31 -36.76 9.59 16.66
CA PHE D 31 -37.08 8.33 17.31
C PHE D 31 -37.67 7.26 16.40
N GLY D 32 -37.98 7.57 15.15
CA GLY D 32 -38.32 6.51 14.21
C GLY D 32 -39.76 6.04 14.36
N THR D 33 -40.47 5.94 13.24
CA THR D 33 -41.90 5.70 13.24
C THR D 33 -42.35 4.62 12.28
N SER D 34 -41.43 4.00 11.54
CA SER D 34 -41.79 3.01 10.55
C SER D 34 -42.08 1.66 11.22
N GLY D 35 -42.80 0.80 10.49
CA GLY D 35 -43.13 -0.53 10.95
C GLY D 35 -44.37 -0.56 11.81
N ARG D 36 -44.86 -1.77 12.08
CA ARG D 36 -46.06 -1.93 12.89
C ARG D 36 -45.67 -2.12 14.35
N THR D 37 -46.35 -1.41 15.25
CA THR D 37 -45.98 -1.43 16.65
C THR D 37 -46.29 -2.79 17.27
N ILE D 38 -45.50 -3.16 18.26
CA ILE D 38 -45.60 -4.44 18.95
C ILE D 38 -45.24 -4.21 20.41
N LYS D 39 -46.11 -4.64 21.31
CA LYS D 39 -45.85 -4.48 22.74
C LYS D 39 -44.81 -5.50 23.17
N LEU D 40 -43.81 -5.06 23.94
CA LEU D 40 -42.70 -5.91 24.32
C LEU D 40 -42.34 -5.64 25.77
N GLN D 41 -41.61 -6.60 26.34
CA GLN D 41 -40.99 -6.46 27.64
C GLN D 41 -39.50 -6.71 27.52
N ALA D 42 -38.71 -5.90 28.21
CA ALA D 42 -37.27 -5.98 28.15
C ALA D 42 -36.70 -6.24 29.53
N ASN D 43 -35.59 -6.99 29.56
CA ASN D 43 -34.97 -7.38 30.81
C ASN D 43 -34.12 -6.24 31.36
N PHE D 44 -34.74 -5.06 31.43
CA PHE D 44 -34.20 -3.89 32.09
C PHE D 44 -35.20 -3.50 33.16
N PHE D 45 -34.73 -3.40 34.40
CA PHE D 45 -35.59 -3.10 35.54
C PHE D 45 -35.26 -1.71 36.03
N GLU D 46 -36.26 -0.83 36.02
CA GLU D 46 -36.02 0.59 36.31
C GLU D 46 -35.45 0.76 37.71
N MET D 47 -34.42 1.60 37.79
CA MET D 47 -33.84 1.99 39.07
C MET D 47 -34.27 3.40 39.43
N ASP D 48 -34.40 3.65 40.72
CA ASP D 48 -34.67 4.99 41.24
C ASP D 48 -33.43 5.43 41.99
N ILE D 49 -32.71 6.40 41.44
CA ILE D 49 -31.44 6.85 41.99
C ILE D 49 -31.63 8.27 42.52
N PRO D 50 -31.27 8.55 43.76
CA PRO D 50 -31.41 9.93 44.28
C PRO D 50 -30.40 10.86 43.63
N LYS D 51 -30.62 12.15 43.86
CA LYS D 51 -29.73 13.19 43.35
C LYS D 51 -28.72 13.64 44.38
N ILE D 52 -28.63 12.95 45.51
CA ILE D 52 -27.62 13.27 46.51
C ILE D 52 -26.28 12.62 46.12
N ASP D 53 -25.22 13.08 46.74
CA ASP D 53 -23.88 12.61 46.42
C ASP D 53 -23.53 11.39 47.25
N ILE D 54 -22.69 10.52 46.67
CA ILE D 54 -22.08 9.42 47.39
C ILE D 54 -20.58 9.69 47.46
N TYR D 55 -19.90 8.95 48.34
CA TYR D 55 -18.52 9.26 48.70
C TYR D 55 -17.66 8.01 48.57
N HIS D 56 -16.52 8.16 47.89
CA HIS D 56 -15.66 7.06 47.50
C HIS D 56 -14.38 7.09 48.33
N TYR D 57 -14.09 5.98 49.00
CA TYR D 57 -12.85 5.78 49.74
C TYR D 57 -12.04 4.66 49.09
N GLU D 58 -10.72 4.72 49.28
CA GLU D 58 -9.81 3.73 48.74
C GLU D 58 -9.11 2.99 49.86
N LEU D 59 -8.75 1.74 49.60
CA LEU D 59 -8.11 0.87 50.58
C LEU D 59 -6.78 0.34 50.05
N ASP D 60 -5.85 0.12 50.97
CA ASP D 60 -4.55 -0.47 50.65
C ASP D 60 -4.21 -1.51 51.71
N ILE D 61 -4.11 -2.77 51.30
CA ILE D 61 -3.89 -3.90 52.20
C ILE D 61 -2.50 -4.48 51.95
N CYS D 66 -1.86 -13.01 47.81
CA CYS D 66 -2.56 -14.20 47.34
C CYS D 66 -3.62 -13.82 46.32
N PRO D 67 -4.39 -14.77 45.75
CA PRO D 67 -5.48 -14.37 44.85
C PRO D 67 -6.56 -13.60 45.58
N ARG D 68 -7.61 -13.18 44.85
CA ARG D 68 -8.57 -12.20 45.35
C ARG D 68 -9.65 -12.88 46.19
N ARG D 69 -9.28 -13.29 47.40
CA ARG D 69 -10.24 -13.96 48.27
C ARG D 69 -10.34 -13.37 49.67
N VAL D 70 -9.22 -12.99 50.29
CA VAL D 70 -9.30 -12.48 51.66
C VAL D 70 -9.63 -11.01 51.72
N ASN D 71 -9.46 -10.27 50.63
CA ASN D 71 -9.85 -8.87 50.61
C ASN D 71 -11.34 -8.73 50.93
N ARG D 72 -12.16 -9.53 50.22
CA ARG D 72 -13.59 -9.55 50.45
C ARG D 72 -13.92 -9.77 51.92
N GLU D 73 -13.13 -10.64 52.59
CA GLU D 73 -13.40 -11.01 53.98
C GLU D 73 -12.98 -9.90 54.95
N ILE D 74 -11.76 -9.39 54.79
CA ILE D 74 -11.24 -8.42 55.76
C ILE D 74 -12.02 -7.12 55.68
N VAL D 75 -12.46 -6.72 54.49
CA VAL D 75 -13.19 -5.45 54.43
C VAL D 75 -14.55 -5.60 55.11
N GLU D 76 -15.10 -6.81 55.13
CA GLU D 76 -16.32 -7.06 55.89
C GLU D 76 -16.06 -6.94 57.39
N HIS D 77 -14.94 -7.51 57.86
CA HIS D 77 -14.64 -7.40 59.28
C HIS D 77 -14.31 -5.96 59.69
N MET D 78 -13.83 -5.15 58.75
CA MET D 78 -13.54 -3.75 59.07
C MET D 78 -14.78 -3.03 59.59
N VAL D 79 -15.93 -3.26 58.94
CA VAL D 79 -17.16 -2.63 59.40
C VAL D 79 -17.57 -3.15 60.76
N GLN D 80 -17.22 -4.40 61.07
CA GLN D 80 -17.54 -4.97 62.38
C GLN D 80 -16.67 -4.39 63.48
N HIS D 81 -15.42 -4.03 63.16
CA HIS D 81 -14.46 -3.66 64.20
C HIS D 81 -14.67 -2.21 64.64
N PHE D 82 -14.49 -1.25 63.73
CA PHE D 82 -14.62 0.17 64.06
C PHE D 82 -16.07 0.64 63.87
N ILE D 86 -16.10 4.83 63.50
CA ILE D 86 -16.05 5.25 62.12
C ILE D 86 -17.43 5.20 61.47
N PHE D 87 -18.01 4.01 61.39
CA PHE D 87 -19.16 3.80 60.51
C PHE D 87 -20.47 4.25 61.17
N GLY D 88 -20.88 3.59 62.25
CA GLY D 88 -22.16 3.89 62.85
C GLY D 88 -23.32 3.28 62.09
N ASP D 89 -24.26 4.12 61.64
CA ASP D 89 -25.40 3.65 60.86
C ASP D 89 -25.11 3.52 59.37
N ARG D 90 -23.90 3.86 58.93
CA ARG D 90 -23.58 3.79 57.50
C ARG D 90 -23.27 2.35 57.11
N LYS D 91 -23.79 1.94 55.94
CA LYS D 91 -23.63 0.58 55.43
C LYS D 91 -22.87 0.65 54.10
N PRO D 92 -21.53 0.63 54.13
CA PRO D 92 -20.76 0.79 52.88
C PRO D 92 -20.83 -0.41 51.96
N VAL D 93 -20.23 -0.28 50.77
CA VAL D 93 -20.13 -1.36 49.81
C VAL D 93 -18.67 -1.48 49.36
N PHE D 94 -18.28 -2.66 48.91
CA PHE D 94 -16.90 -2.95 48.57
C PHE D 94 -16.82 -3.75 47.28
N ASP D 95 -15.92 -3.34 46.38
CA ASP D 95 -15.79 -3.97 45.07
C ASP D 95 -14.88 -5.19 45.07
N GLY D 96 -14.09 -5.39 46.13
CA GLY D 96 -13.23 -6.54 46.26
C GLY D 96 -11.75 -6.19 46.36
N ARG D 97 -11.33 -5.09 45.74
CA ARG D 97 -9.93 -4.68 45.81
C ARG D 97 -9.71 -3.36 46.53
N LYS D 98 -10.22 -2.24 46.00
CA LYS D 98 -9.84 -0.94 46.54
C LYS D 98 -10.92 0.13 46.52
N ASN D 99 -12.20 -0.22 46.43
CA ASN D 99 -13.25 0.78 46.25
C ASN D 99 -14.33 0.58 47.31
N LEU D 100 -14.52 1.59 48.16
CA LEU D 100 -15.61 1.63 49.11
C LEU D 100 -16.48 2.85 48.83
N TYR D 101 -17.78 2.71 49.06
CA TYR D 101 -18.71 3.81 48.80
C TYR D 101 -19.69 3.95 49.95
N LYS D 112 -6.31 11.40 54.77
CA LYS D 112 -6.03 9.97 54.81
C LYS D 112 -5.93 9.47 56.25
N VAL D 113 -6.24 8.18 56.42
CA VAL D 113 -6.07 7.50 57.70
C VAL D 113 -5.47 6.13 57.44
N GLU D 114 -4.75 5.60 58.43
CA GLU D 114 -4.04 4.31 58.30
C GLU D 114 -4.37 3.45 59.52
N LEU D 115 -5.41 2.61 59.39
CA LEU D 115 -5.90 1.80 60.48
C LEU D 115 -5.23 0.41 60.50
N GLU D 116 -5.38 -0.28 61.63
CA GLU D 116 -4.96 -1.66 61.79
C GLU D 116 -6.15 -2.46 62.27
N VAL D 117 -6.59 -3.43 61.46
CA VAL D 117 -7.80 -4.20 61.74
C VAL D 117 -7.39 -5.64 62.03
N THR D 118 -7.75 -6.11 63.22
CA THR D 118 -7.47 -7.49 63.60
C THR D 118 -8.55 -8.41 63.02
N LEU D 119 -8.11 -9.42 62.27
CA LEU D 119 -9.04 -10.37 61.66
C LEU D 119 -9.31 -11.49 62.64
N PRO D 120 -10.49 -11.55 63.28
CA PRO D 120 -10.76 -12.65 64.22
C PRO D 120 -10.80 -14.01 63.55
N GLY D 121 -11.00 -15.06 64.33
CA GLY D 121 -11.00 -16.41 63.82
C GLY D 121 -10.29 -17.38 64.74
N GLU D 122 -9.78 -18.48 64.19
CA GLU D 122 -8.97 -19.41 64.96
C GLU D 122 -8.21 -20.31 63.99
N GLY D 123 -6.89 -20.32 64.09
CA GLY D 123 -6.07 -21.22 63.29
C GLY D 123 -5.00 -20.51 62.50
N LYS D 124 -5.09 -20.61 61.17
CA LYS D 124 -4.13 -19.96 60.27
C LYS D 124 -4.63 -18.57 59.88
N ASP D 125 -4.87 -17.73 60.89
CA ASP D 125 -5.39 -16.39 60.65
C ASP D 125 -4.30 -15.47 60.11
N ARG D 126 -4.71 -14.24 59.74
CA ARG D 126 -3.80 -13.24 59.19
C ARG D 126 -4.26 -11.86 59.66
N ILE D 127 -3.28 -11.00 60.03
CA ILE D 127 -3.57 -9.63 60.46
C ILE D 127 -3.47 -8.73 59.24
N PHE D 128 -4.21 -7.62 59.26
CA PHE D 128 -4.35 -6.77 58.09
C PHE D 128 -4.14 -5.31 58.46
N LYS D 129 -3.35 -4.61 57.65
CA LYS D 129 -3.10 -3.18 57.79
C LYS D 129 -3.87 -2.46 56.70
N VAL D 130 -4.88 -1.68 57.10
CA VAL D 130 -5.76 -0.99 56.15
C VAL D 130 -5.49 0.51 56.21
N SER D 131 -5.76 1.17 55.09
CA SER D 131 -5.65 2.62 54.99
C SER D 131 -6.87 3.15 54.25
N ILE D 132 -7.61 4.05 54.88
CA ILE D 132 -8.78 4.68 54.26
C ILE D 132 -8.41 6.12 53.92
N LYS D 133 -8.77 6.54 52.70
CA LYS D 133 -8.51 7.90 52.25
C LYS D 133 -9.64 8.35 51.35
N VAL D 135 -11.02 9.83 48.33
CA VAL D 135 -10.47 10.04 47.00
C VAL D 135 -11.30 11.09 46.28
N SER D 136 -12.60 10.84 46.17
CA SER D 136 -13.49 11.69 45.40
C SER D 136 -14.88 11.67 46.01
N CYS D 137 -15.70 12.61 45.56
CA CYS D 137 -17.12 12.69 45.92
C CYS D 137 -17.91 12.41 44.64
N VAL D 138 -18.21 11.13 44.41
CA VAL D 138 -18.94 10.75 43.20
C VAL D 138 -20.36 11.28 43.31
N SER D 139 -20.76 12.08 42.33
CA SER D 139 -22.04 12.78 42.37
C SER D 139 -23.08 12.01 41.56
N LEU D 140 -24.15 11.57 42.23
CA LEU D 140 -25.31 11.08 41.50
C LEU D 140 -25.99 12.22 40.75
N GLN D 141 -25.75 13.46 41.15
CA GLN D 141 -26.23 14.60 40.35
C GLN D 141 -25.46 14.71 39.05
N ALA D 142 -24.16 14.37 39.05
CA ALA D 142 -23.41 14.37 37.79
C ALA D 142 -23.93 13.30 36.85
N LEU D 143 -24.16 12.09 37.37
CA LEU D 143 -24.77 11.03 36.57
C LEU D 143 -26.14 11.48 36.06
N HIS D 144 -26.93 12.09 36.95
CA HIS D 144 -28.30 12.54 36.55
C HIS D 144 -28.20 13.61 35.46
N ASP D 145 -27.20 14.48 35.54
CA ASP D 145 -27.00 15.49 34.51
C ASP D 145 -26.67 14.83 33.18
N ALA D 146 -25.79 13.83 33.20
CA ALA D 146 -25.47 13.09 31.98
C ALA D 146 -26.70 12.39 31.42
N LEU D 147 -27.57 11.88 32.29
CA LEU D 147 -28.76 11.17 31.82
C LEU D 147 -29.78 12.13 31.25
N SER D 148 -29.82 13.36 31.75
CA SER D 148 -30.76 14.30 31.21
C SER D 148 -30.24 14.84 29.88
N GLY D 149 -28.94 15.07 29.77
CA GLY D 149 -28.36 15.79 28.65
C GLY D 149 -27.68 17.09 29.03
N ARG D 150 -27.53 17.37 30.33
CA ARG D 150 -26.81 18.53 30.80
C ARG D 150 -25.32 18.25 30.98
N LEU D 151 -24.83 17.14 30.45
CA LEU D 151 -23.43 16.79 30.52
C LEU D 151 -23.13 15.91 29.31
N PRO D 152 -22.05 16.18 28.58
CA PRO D 152 -21.82 15.45 27.33
C PRO D 152 -21.58 13.96 27.52
N SER D 153 -20.62 13.60 28.36
CA SER D 153 -20.22 12.22 28.55
C SER D 153 -20.82 11.65 29.82
N VAL D 154 -20.97 10.33 29.85
CA VAL D 154 -21.53 9.62 31.01
C VAL D 154 -20.37 9.06 31.82
N PRO D 155 -20.29 9.35 33.12
CA PRO D 155 -19.11 8.92 33.89
C PRO D 155 -19.03 7.41 34.02
N PHE D 156 -17.98 6.83 33.43
CA PHE D 156 -17.75 5.39 33.56
C PHE D 156 -17.50 4.99 35.01
N GLU D 157 -16.75 5.80 35.75
CA GLU D 157 -16.45 5.48 37.13
C GLU D 157 -17.72 5.51 38.00
N THR D 158 -18.64 6.43 37.73
CA THR D 158 -19.89 6.44 38.47
C THR D 158 -20.73 5.20 38.17
N ILE D 159 -20.73 4.76 36.91
CA ILE D 159 -21.42 3.52 36.56
C ILE D 159 -20.78 2.36 37.31
N GLN D 160 -19.45 2.36 37.41
CA GLN D 160 -18.76 1.29 38.15
C GLN D 160 -19.13 1.31 39.62
N ALA D 161 -19.25 2.52 40.19
CA ALA D 161 -19.65 2.64 41.59
C ALA D 161 -21.06 2.08 41.81
N LEU D 162 -22.01 2.51 40.98
CA LEU D 162 -23.37 1.97 41.09
C LEU D 162 -23.38 0.46 40.93
N ASP D 163 -22.56 -0.05 40.01
CA ASP D 163 -22.46 -1.50 39.83
C ASP D 163 -22.02 -2.16 41.12
N VAL D 164 -20.91 -1.70 41.70
CA VAL D 164 -20.42 -2.25 42.96
C VAL D 164 -21.52 -2.21 44.01
N VAL D 165 -22.27 -1.11 44.08
CA VAL D 165 -23.33 -0.99 45.08
C VAL D 165 -24.39 -2.06 44.87
N MET D 166 -24.74 -2.33 43.61
CA MET D 166 -25.84 -3.24 43.33
C MET D 166 -25.44 -4.71 43.37
N ARG D 167 -24.14 -5.03 43.36
CA ARG D 167 -23.69 -6.41 43.47
C ARG D 167 -22.85 -6.65 44.72
N HIS D 168 -23.00 -5.80 45.74
CA HIS D 168 -22.30 -6.04 47.00
C HIS D 168 -22.86 -7.27 47.70
N LEU D 169 -24.18 -7.30 47.92
CA LEU D 169 -24.80 -8.39 48.65
C LEU D 169 -24.79 -9.66 47.81
N PRO D 170 -25.11 -9.60 46.52
CA PRO D 170 -24.97 -10.80 45.68
C PRO D 170 -23.54 -11.32 45.61
N SER D 171 -22.53 -10.44 45.64
CA SER D 171 -21.15 -10.91 45.58
C SER D 171 -20.80 -11.77 46.78
N MET D 172 -21.48 -11.57 47.91
CA MET D 172 -21.23 -12.35 49.11
C MET D 172 -22.16 -13.57 49.16
N ARG D 173 -23.47 -13.36 49.10
CA ARG D 173 -24.43 -14.44 49.24
C ARG D 173 -24.19 -15.56 48.24
N TYR D 174 -23.77 -15.22 47.03
CA TYR D 174 -23.73 -16.16 45.92
C TYR D 174 -22.29 -16.43 45.50
N THR D 175 -22.12 -17.26 44.47
CA THR D 175 -20.80 -17.53 43.92
C THR D 175 -20.56 -16.60 42.74
N PRO D 176 -19.64 -15.63 42.83
CA PRO D 176 -19.40 -14.73 41.69
C PRO D 176 -18.56 -15.41 40.61
N VAL D 177 -18.99 -15.24 39.36
CA VAL D 177 -18.26 -15.71 38.19
C VAL D 177 -18.39 -14.63 37.12
N GLY D 178 -17.33 -13.85 36.93
CA GLY D 178 -17.42 -12.70 36.05
C GLY D 178 -18.46 -11.72 36.58
N ARG D 179 -19.42 -11.36 35.73
CA ARG D 179 -20.54 -10.52 36.11
C ARG D 179 -21.79 -11.32 36.46
N SER D 180 -21.64 -12.61 36.72
CA SER D 180 -22.77 -13.48 37.04
C SER D 180 -22.64 -14.01 38.48
N PHE D 181 -23.75 -14.55 38.98
CA PHE D 181 -23.83 -15.16 40.30
C PHE D 181 -24.49 -16.51 40.17
N PHE D 182 -23.92 -17.54 40.80
CA PHE D 182 -24.44 -18.89 40.68
C PHE D 182 -24.68 -19.53 42.05
N THR D 183 -25.66 -20.44 42.11
CA THR D 183 -26.09 -21.12 43.33
C THR D 183 -26.46 -22.59 43.04
N ALA D 184 -26.52 -23.33 44.14
CA ALA D 184 -26.90 -24.75 44.05
C ALA D 184 -28.42 -24.79 43.98
N SER D 185 -29.00 -25.95 43.69
CA SER D 185 -30.45 -25.99 43.43
C SER D 185 -31.32 -25.52 44.59
N GLU D 186 -30.90 -25.75 45.85
CA GLU D 186 -31.77 -25.46 47.02
C GLU D 186 -33.02 -26.33 46.83
N GLY D 187 -32.83 -27.58 46.39
CA GLY D 187 -33.93 -28.51 46.10
C GLY D 187 -33.38 -29.67 45.29
N CYS D 188 -34.20 -30.27 44.45
CA CYS D 188 -33.76 -31.45 43.68
C CYS D 188 -32.59 -31.05 42.79
N SER D 189 -31.59 -31.92 42.71
CA SER D 189 -30.39 -31.62 41.89
C SER D 189 -30.63 -32.12 40.46
N ASN D 190 -29.92 -31.52 39.50
CA ASN D 190 -30.02 -31.92 38.08
C ASN D 190 -28.70 -32.56 37.77
N PRO D 191 -28.47 -33.88 38.06
CA PRO D 191 -27.14 -34.50 37.91
C PRO D 191 -26.68 -34.64 36.45
N LEU D 192 -25.42 -34.33 36.18
CA LEU D 192 -24.87 -34.37 34.79
C LEU D 192 -23.38 -34.71 34.86
N GLY D 193 -22.72 -34.93 33.73
CA GLY D 193 -21.26 -35.13 33.74
C GLY D 193 -20.82 -36.41 34.43
N GLY D 194 -19.55 -36.52 34.80
CA GLY D 194 -19.10 -37.68 35.59
C GLY D 194 -19.22 -37.29 37.06
N GLY D 195 -20.45 -37.19 37.56
CA GLY D 195 -20.65 -36.70 38.93
C GLY D 195 -20.63 -35.19 38.91
N ARG D 196 -21.54 -34.58 38.15
CA ARG D 196 -21.62 -33.11 38.06
C ARG D 196 -23.08 -32.68 38.09
N GLU D 197 -23.36 -31.38 37.98
CA GLU D 197 -24.70 -30.83 37.92
C GLU D 197 -24.60 -29.38 37.46
N VAL D 198 -25.64 -28.92 36.77
CA VAL D 198 -25.68 -27.56 36.28
C VAL D 198 -26.23 -26.66 37.37
N TRP D 199 -25.55 -25.55 37.60
CA TRP D 199 -25.99 -24.51 38.50
C TRP D 199 -26.58 -23.37 37.70
N PHE D 200 -27.74 -22.89 38.12
CA PHE D 200 -28.40 -21.76 37.47
C PHE D 200 -27.98 -20.47 38.15
N GLY D 201 -27.68 -19.45 37.35
CA GLY D 201 -27.29 -18.16 37.86
C GLY D 201 -27.81 -17.01 37.03
N PHE D 202 -27.34 -15.81 37.30
CA PHE D 202 -27.82 -14.63 36.59
C PHE D 202 -26.69 -13.62 36.39
N HIS D 203 -26.59 -13.10 35.17
CA HIS D 203 -25.78 -11.92 34.91
C HIS D 203 -26.57 -10.67 35.24
N GLN D 204 -25.87 -9.69 35.82
CA GLN D 204 -26.44 -8.43 36.23
C GLN D 204 -25.48 -7.31 35.87
N SER D 205 -26.00 -6.22 35.31
CA SER D 205 -25.18 -5.05 35.03
C SER D 205 -26.03 -3.80 35.04
N VAL D 206 -25.44 -2.69 35.49
CA VAL D 206 -26.14 -1.41 35.56
C VAL D 206 -25.87 -0.62 34.30
N ARG D 207 -26.94 -0.19 33.62
CA ARG D 207 -26.80 0.48 32.34
C ARG D 207 -27.57 1.80 32.38
N PRO D 208 -27.06 2.84 31.74
CA PRO D 208 -27.86 4.06 31.60
C PRO D 208 -28.78 3.97 30.39
N SER D 209 -29.92 4.64 30.48
CA SER D 209 -30.91 4.57 29.38
C SER D 209 -31.66 5.91 29.28
N LEU D 210 -32.58 6.01 28.32
CA LEU D 210 -33.41 7.24 28.21
C LEU D 210 -34.24 7.37 29.50
N TRP D 211 -34.76 6.24 30.00
CA TRP D 211 -35.52 6.27 31.28
C TRP D 211 -34.56 6.12 32.47
N LYS D 212 -33.65 7.07 32.67
CA LYS D 212 -32.72 7.07 33.84
C LYS D 212 -31.87 5.79 33.90
N MET D 213 -31.59 5.30 35.10
CA MET D 213 -30.75 4.08 35.29
C MET D 213 -31.60 2.82 35.09
N MET D 214 -30.95 1.69 34.79
CA MET D 214 -31.68 0.41 34.60
C MET D 214 -30.80 -0.78 34.98
N LEU D 215 -31.37 -1.79 35.65
CA LEU D 215 -30.65 -2.99 36.04
C LEU D 215 -30.96 -4.06 35.00
N ASN D 216 -29.92 -4.47 34.25
CA ASN D 216 -30.05 -5.43 33.17
C ASN D 216 -29.72 -6.81 33.70
N ILE D 217 -30.68 -7.73 33.59
CA ILE D 217 -30.61 -9.06 34.20
C ILE D 217 -30.88 -10.10 33.12
N ASP D 218 -30.08 -11.15 33.11
CA ASP D 218 -30.40 -12.33 32.32
C ASP D 218 -30.01 -13.57 33.12
N VAL D 219 -30.62 -14.70 32.79
CA VAL D 219 -30.34 -15.96 33.47
C VAL D 219 -29.40 -16.79 32.61
N SER D 220 -28.70 -17.71 33.27
CA SER D 220 -27.71 -18.55 32.59
C SER D 220 -27.47 -19.78 33.45
N ALA D 221 -26.55 -20.63 33.01
CA ALA D 221 -26.20 -21.83 33.77
C ALA D 221 -24.78 -22.25 33.44
N THR D 222 -24.15 -22.92 34.41
CA THR D 222 -22.80 -23.44 34.24
C THR D 222 -22.76 -24.83 34.88
N ALA D 223 -21.57 -25.43 34.93
CA ALA D 223 -21.41 -26.80 35.42
C ALA D 223 -20.55 -26.81 36.67
N PHE D 224 -20.94 -27.62 37.64
CA PHE D 224 -20.20 -27.78 38.89
C PHE D 224 -20.09 -29.26 39.22
N TYR D 225 -19.09 -29.60 40.01
CA TYR D 225 -19.05 -30.90 40.67
C TYR D 225 -20.00 -30.84 41.87
N LYS D 226 -20.62 -31.98 42.21
CA LYS D 226 -21.79 -31.95 43.07
C LYS D 226 -21.47 -32.13 44.55
N ALA D 227 -20.30 -31.67 44.99
CA ALA D 227 -19.93 -31.61 46.41
C ALA D 227 -20.33 -32.90 47.13
N GLN D 228 -19.91 -34.03 46.57
CA GLN D 228 -20.23 -35.34 47.12
C GLN D 228 -18.98 -36.00 47.69
N PRO D 229 -19.13 -36.92 48.66
CA PRO D 229 -17.97 -37.68 49.13
C PRO D 229 -17.31 -38.42 47.98
N VAL D 230 -15.97 -38.46 48.00
CA VAL D 230 -15.22 -38.95 46.85
C VAL D 230 -15.57 -40.39 46.52
N ILE D 231 -16.09 -41.15 47.48
CA ILE D 231 -16.59 -42.48 47.15
C ILE D 231 -17.67 -42.38 46.09
N GLU D 232 -18.70 -41.56 46.35
CA GLU D 232 -19.75 -41.34 45.36
C GLU D 232 -19.18 -40.76 44.07
N PHE D 233 -18.17 -39.88 44.20
CA PHE D 233 -17.56 -39.26 43.02
C PHE D 233 -17.08 -40.32 42.04
N VAL D 234 -16.21 -41.22 42.50
CA VAL D 234 -15.66 -42.24 41.61
C VAL D 234 -16.76 -43.19 41.15
N CYS D 235 -17.68 -43.54 42.04
CA CYS D 235 -18.78 -44.43 41.65
C CYS D 235 -19.51 -43.89 40.43
N GLU D 236 -19.94 -42.63 40.50
CA GLU D 236 -20.64 -42.04 39.36
C GLU D 236 -19.72 -41.90 38.15
N VAL D 237 -18.43 -41.68 38.37
CA VAL D 237 -17.48 -41.65 37.26
C VAL D 237 -17.34 -43.03 36.62
N LEU D 238 -17.33 -44.08 37.43
CA LEU D 238 -17.24 -45.45 36.94
C LEU D 238 -18.59 -46.17 36.94
N ASP D 239 -19.68 -45.46 37.27
CA ASP D 239 -21.04 -45.99 37.21
C ASP D 239 -21.22 -47.25 38.06
N PHE D 240 -21.10 -47.08 39.38
CA PHE D 240 -21.39 -48.15 40.33
C PHE D 240 -22.56 -47.76 41.21
N LYS D 241 -23.53 -48.67 41.34
CA LYS D 241 -24.69 -48.43 42.19
C LYS D 241 -24.27 -48.14 43.63
N SER D 242 -23.18 -48.75 44.09
CA SER D 242 -22.68 -48.53 45.44
C SER D 242 -21.19 -48.80 45.46
N ILE D 243 -20.57 -48.56 46.62
CA ILE D 243 -19.15 -48.81 46.77
C ILE D 243 -18.83 -50.28 46.91
N GLU D 244 -19.78 -51.10 47.39
CA GLU D 244 -19.58 -52.54 47.46
C GLU D 244 -19.44 -53.17 46.09
N GLU D 245 -19.80 -52.45 45.02
CA GLU D 245 -19.56 -52.94 43.66
C GLU D 245 -18.11 -53.36 43.48
N GLN D 246 -17.19 -52.46 43.84
CA GLN D 246 -15.75 -52.71 43.67
C GLN D 246 -15.24 -53.57 44.82
N GLN D 247 -15.61 -54.86 44.77
CA GLN D 247 -15.09 -55.86 45.69
C GLN D 247 -13.83 -56.53 45.14
N LYS D 248 -13.09 -55.83 44.29
CA LYS D 248 -11.88 -56.32 43.64
C LYS D 248 -10.90 -55.16 43.52
N THR D 251 -9.08 -51.66 38.12
CA THR D 251 -8.49 -51.93 36.81
C THR D 251 -7.87 -50.65 36.27
N ASP D 252 -7.15 -50.79 35.15
CA ASP D 252 -6.38 -49.67 34.64
C ASP D 252 -7.25 -48.62 33.95
N SER D 253 -8.17 -49.07 33.10
CA SER D 253 -9.10 -48.13 32.46
C SER D 253 -10.00 -47.45 33.48
N GLN D 254 -10.22 -48.07 34.65
CA GLN D 254 -11.03 -47.44 35.69
C GLN D 254 -10.25 -46.34 36.40
N ARG D 255 -8.95 -46.55 36.61
CA ARG D 255 -8.15 -45.53 37.29
C ARG D 255 -8.00 -44.27 36.45
N VAL D 256 -7.76 -44.42 35.15
CA VAL D 256 -7.46 -43.27 34.30
C VAL D 256 -8.70 -42.39 34.13
N LYS D 257 -9.89 -42.98 34.14
CA LYS D 257 -11.10 -42.18 34.06
C LYS D 257 -11.23 -41.28 35.28
N PHE D 258 -11.00 -41.82 36.47
CA PHE D 258 -10.99 -40.99 37.68
C PHE D 258 -9.81 -40.03 37.69
N THR D 259 -8.70 -40.40 37.04
CA THR D 259 -7.52 -39.53 37.02
C THR D 259 -7.79 -38.27 36.21
N LYS D 260 -8.36 -38.43 35.01
CA LYS D 260 -8.70 -37.28 34.18
C LYS D 260 -9.73 -36.39 34.87
N GLU D 261 -10.70 -37.00 35.55
CA GLU D 261 -11.77 -36.25 36.18
C GLU D 261 -11.22 -35.28 37.22
N ILE D 262 -10.59 -35.81 38.28
CA ILE D 262 -9.93 -34.98 39.28
C ILE D 262 -8.43 -35.04 39.04
N LYS D 263 -7.84 -33.90 38.73
CA LYS D 263 -6.40 -33.75 38.64
C LYS D 263 -5.90 -32.48 39.33
N GLY D 264 -6.76 -31.49 39.53
CA GLY D 264 -6.44 -30.37 40.40
C GLY D 264 -7.63 -29.83 41.19
N LEU D 265 -8.64 -30.67 41.45
CA LEU D 265 -9.75 -30.24 42.28
C LEU D 265 -9.28 -30.02 43.71
N LYS D 266 -10.08 -29.27 44.48
CA LYS D 266 -9.78 -29.01 45.89
C LYS D 266 -10.63 -29.92 46.76
N VAL D 267 -10.01 -30.52 47.78
CA VAL D 267 -10.69 -31.47 48.65
C VAL D 267 -10.48 -31.10 50.11
N GLU D 268 -11.44 -31.50 50.94
CA GLU D 268 -11.38 -31.34 52.38
C GLU D 268 -11.63 -32.71 53.03
N ILE D 269 -10.92 -32.97 54.12
CA ILE D 269 -10.93 -34.28 54.75
C ILE D 269 -11.90 -34.27 55.94
N THR D 270 -12.33 -35.47 56.34
CA THR D 270 -13.29 -35.64 57.43
C THR D 270 -12.67 -36.26 58.67
N HIS D 271 -11.43 -36.75 58.60
CA HIS D 271 -10.87 -37.52 59.71
C HIS D 271 -10.73 -36.67 60.97
N CYS D 272 -10.55 -35.36 60.81
CA CYS D 272 -10.57 -34.43 61.94
C CYS D 272 -11.96 -33.83 62.08
N GLY D 273 -12.32 -33.46 63.32
CA GLY D 273 -13.61 -32.84 63.56
C GLY D 273 -13.70 -31.39 63.16
N GLN D 274 -12.57 -30.82 62.77
CA GLN D 274 -12.48 -29.45 62.29
C GLN D 274 -11.36 -29.42 61.25
N MET D 275 -10.82 -28.23 60.98
CA MET D 275 -9.69 -28.09 60.07
C MET D 275 -9.90 -28.85 58.76
N LYS D 276 -11.10 -28.72 58.19
CA LYS D 276 -11.31 -29.17 56.82
C LYS D 276 -10.32 -28.42 55.94
N ARG D 277 -9.32 -29.13 55.40
CA ARG D 277 -8.14 -28.48 54.82
C ARG D 277 -8.35 -28.16 53.35
N LYS D 278 -7.92 -26.96 52.95
CA LYS D 278 -8.10 -26.47 51.58
C LYS D 278 -6.89 -26.79 50.70
N TYR D 279 -6.51 -28.07 50.64
CA TYR D 279 -5.33 -28.50 49.90
C TYR D 279 -5.72 -29.15 48.58
N ARG D 280 -4.93 -28.90 47.54
CA ARG D 280 -5.24 -29.31 46.18
C ARG D 280 -4.67 -30.69 45.87
N VAL D 281 -5.33 -31.40 44.97
CA VAL D 281 -4.99 -32.78 44.65
C VAL D 281 -4.11 -32.82 43.41
N CYS D 282 -3.51 -33.98 43.16
CA CYS D 282 -2.76 -34.25 41.94
C CYS D 282 -3.12 -35.67 41.50
N ASN D 283 -2.34 -36.23 40.58
CA ASN D 283 -2.66 -37.54 40.01
C ASN D 283 -2.75 -38.59 41.12
N VAL D 284 -3.26 -39.76 40.73
CA VAL D 284 -3.49 -40.87 41.65
C VAL D 284 -2.42 -41.95 41.44
N THR D 285 -2.35 -42.88 42.38
CA THR D 285 -1.39 -43.98 42.32
C THR D 285 -2.12 -45.29 42.03
N PRO D 288 -2.62 -49.37 46.49
CA PRO D 288 -3.64 -48.87 47.42
C PRO D 288 -3.10 -48.57 48.79
N ALA D 289 -4.01 -48.39 49.73
CA ALA D 289 -3.68 -48.24 51.13
C ALA D 289 -2.62 -49.26 51.58
N SER D 290 -2.55 -50.42 50.91
CA SER D 290 -1.66 -51.50 51.36
C SER D 290 -0.31 -51.56 50.64
N HIS D 291 -0.30 -51.58 49.31
CA HIS D 291 0.89 -51.98 48.54
C HIS D 291 1.86 -50.84 48.28
N GLN D 292 1.56 -49.66 48.82
CA GLN D 292 2.36 -48.44 48.49
C GLN D 292 3.48 -48.15 49.48
N THR D 293 4.72 -48.49 49.13
CA THR D 293 5.84 -48.10 49.97
C THR D 293 5.92 -46.58 50.03
N PHE D 294 5.83 -46.03 51.25
CA PHE D 294 5.91 -44.59 51.46
C PHE D 294 7.16 -44.27 52.26
N PRO D 295 8.26 -43.84 51.63
CA PRO D 295 9.48 -43.49 52.37
C PRO D 295 9.53 -42.03 52.75
N THR D 307 3.03 -48.45 55.11
CA THR D 307 2.25 -48.05 53.94
C THR D 307 1.17 -47.04 54.37
N VAL D 308 0.38 -46.56 53.42
CA VAL D 308 -0.61 -45.54 53.77
C VAL D 308 -1.68 -46.11 54.69
N ALA D 309 -2.09 -47.37 54.49
CA ALA D 309 -3.11 -47.96 55.35
C ALA D 309 -2.63 -48.03 56.80
N GLN D 310 -1.37 -48.44 57.00
CA GLN D 310 -0.80 -48.56 58.34
C GLN D 310 -0.99 -47.26 59.13
N TYR D 311 -0.68 -46.12 58.51
CA TYR D 311 -0.74 -44.85 59.23
C TYR D 311 -2.13 -44.61 59.80
N PHE D 312 -3.17 -45.13 59.15
CA PHE D 312 -4.54 -44.94 59.60
C PHE D 312 -4.99 -45.98 60.62
N LYS D 313 -4.13 -46.94 60.95
CA LYS D 313 -4.40 -47.86 62.06
C LYS D 313 -3.69 -47.46 63.34
N ASP D 314 -2.60 -46.69 63.24
CA ASP D 314 -1.74 -46.41 64.38
C ASP D 314 -2.03 -45.04 65.00
N ARG D 315 -1.93 -43.97 64.22
CA ARG D 315 -2.19 -42.64 64.77
C ARG D 315 -3.68 -42.42 64.98
N HIS D 316 -4.49 -42.67 63.95
CA HIS D 316 -5.93 -42.51 64.03
C HIS D 316 -6.60 -43.88 64.13
N LYS D 317 -7.72 -43.92 64.86
CA LYS D 317 -8.47 -45.16 65.04
C LYS D 317 -9.43 -45.35 63.85
N LEU D 318 -8.83 -45.60 62.68
CA LEU D 318 -9.59 -45.69 61.44
C LEU D 318 -9.16 -46.93 60.67
N VAL D 319 -9.83 -48.05 60.94
CA VAL D 319 -9.69 -49.25 60.12
C VAL D 319 -10.53 -49.02 58.87
N LEU D 320 -9.87 -48.91 57.72
CA LEU D 320 -10.56 -48.54 56.49
C LEU D 320 -11.65 -49.54 56.17
N ARG D 321 -12.82 -49.02 55.77
CA ARG D 321 -13.90 -49.89 55.30
C ARG D 321 -13.62 -50.42 53.91
N TYR D 322 -12.75 -49.76 53.15
CA TYR D 322 -12.39 -50.19 51.79
C TYR D 322 -10.91 -49.95 51.59
N PRO D 323 -9.97 -50.84 52.03
CA PRO D 323 -8.54 -50.54 51.90
C PRO D 323 -8.01 -50.88 50.50
N HIS D 324 -8.89 -51.14 49.54
CA HIS D 324 -8.47 -51.55 48.17
C HIS D 324 -8.44 -50.35 47.22
N LEU D 325 -8.75 -49.15 47.69
CA LEU D 325 -8.85 -47.96 46.79
C LEU D 325 -7.46 -47.35 46.54
N PRO D 326 -7.17 -46.64 45.41
CA PRO D 326 -5.85 -46.02 45.24
C PRO D 326 -5.73 -44.72 46.02
N CYS D 327 -4.52 -44.19 46.02
CA CYS D 327 -4.20 -42.97 46.74
C CYS D 327 -4.23 -41.75 45.81
N LEU D 328 -4.37 -40.59 46.44
CA LEU D 328 -4.33 -39.30 45.70
C LEU D 328 -2.97 -38.67 46.00
N GLN D 329 -2.60 -37.62 45.28
CA GLN D 329 -1.34 -36.90 45.60
C GLN D 329 -1.74 -35.45 45.90
N VAL D 330 -1.05 -34.77 46.83
CA VAL D 330 -1.49 -33.39 47.20
C VAL D 330 -0.26 -32.46 47.20
N GLY D 331 -0.47 -31.18 46.86
CA GLY D 331 0.62 -30.24 46.90
C GLY D 331 1.73 -30.67 45.96
N GLN D 332 2.97 -30.31 46.32
CA GLN D 332 4.12 -30.80 45.58
C GLN D 332 4.37 -32.27 45.93
N GLU D 333 5.18 -32.92 45.10
CA GLU D 333 5.48 -34.35 45.28
C GLU D 333 5.66 -34.71 46.75
N THR D 337 2.44 -36.77 50.43
CA THR D 337 1.09 -36.72 51.01
C THR D 337 0.15 -37.57 50.16
N TYR D 338 -0.14 -38.78 50.64
CA TYR D 338 -0.94 -39.76 49.91
C TYR D 338 -2.08 -40.21 50.81
N LEU D 339 -3.31 -39.80 50.46
CA LEU D 339 -4.46 -39.96 51.34
C LEU D 339 -5.53 -40.83 50.69
N PRO D 340 -6.32 -41.55 51.48
CA PRO D 340 -7.41 -42.36 50.91
C PRO D 340 -8.48 -41.49 50.28
N LEU D 341 -9.41 -42.16 49.59
CA LEU D 341 -10.51 -41.50 48.92
C LEU D 341 -11.82 -41.57 49.72
N GLU D 342 -11.84 -42.32 50.82
CA GLU D 342 -13.02 -42.42 51.67
C GLU D 342 -13.03 -41.41 52.80
N VAL D 343 -12.14 -40.42 52.78
CA VAL D 343 -11.96 -39.54 53.92
C VAL D 343 -12.24 -38.08 53.55
N CYS D 344 -12.07 -37.74 52.28
CA CYS D 344 -12.18 -36.35 51.84
C CYS D 344 -13.37 -36.16 50.91
N ASN D 345 -13.70 -34.90 50.70
CA ASN D 345 -14.87 -34.48 49.94
C ASN D 345 -14.44 -33.56 48.80
N ILE D 346 -15.41 -33.15 47.98
CA ILE D 346 -15.21 -32.14 46.95
C ILE D 346 -15.82 -30.83 47.45
N VAL D 347 -15.02 -29.76 47.48
CA VAL D 347 -15.51 -28.50 47.99
C VAL D 347 -16.58 -27.95 47.06
N ALA D 348 -17.58 -27.27 47.65
CA ALA D 348 -18.80 -26.94 46.92
C ALA D 348 -18.52 -26.05 45.72
N GLY D 349 -18.00 -24.85 45.95
CA GLY D 349 -17.89 -23.85 44.91
C GLY D 349 -16.74 -24.07 43.94
N GLN D 350 -16.92 -25.01 43.01
CA GLN D 350 -15.88 -25.39 42.08
C GLN D 350 -16.45 -25.40 40.66
N ARG D 351 -15.76 -24.74 39.74
CA ARG D 351 -16.17 -24.72 38.34
C ARG D 351 -15.68 -25.99 37.65
N CYS D 352 -16.36 -26.34 36.55
CA CYS D 352 -16.02 -27.54 35.77
C CYS D 352 -15.80 -27.14 34.32
N ILE D 353 -14.57 -26.73 33.99
CA ILE D 353 -14.22 -26.37 32.62
C ILE D 353 -14.21 -27.60 31.71
N LYS D 354 -13.82 -28.77 32.24
CA LYS D 354 -13.72 -29.98 31.44
C LYS D 354 -14.98 -30.21 30.62
N LYS D 355 -14.81 -30.83 29.45
CA LYS D 355 -15.89 -31.02 28.50
C LYS D 355 -16.82 -32.17 28.94
N LEU D 356 -17.99 -32.23 28.31
CA LEU D 356 -19.08 -33.08 28.75
C LEU D 356 -19.29 -34.28 27.82
N THR D 357 -19.92 -35.31 28.39
CA THR D 357 -20.39 -36.47 27.66
C THR D 357 -21.71 -36.16 26.95
N ASP D 358 -22.03 -36.99 25.96
CA ASP D 358 -23.29 -36.88 25.24
C ASP D 358 -24.47 -37.23 26.16
N ASN D 359 -25.63 -36.68 25.82
CA ASN D 359 -26.88 -36.87 26.55
C ASN D 359 -26.88 -36.12 27.87
N GLN D 360 -25.70 -35.65 28.29
CA GLN D 360 -25.55 -34.69 29.37
C GLN D 360 -25.46 -33.28 28.81
N THR D 361 -24.74 -33.14 27.69
CA THR D 361 -24.81 -31.92 26.89
C THR D 361 -26.24 -31.65 26.43
N SER D 362 -27.02 -32.70 26.20
CA SER D 362 -28.41 -32.52 25.79
C SER D 362 -29.21 -31.83 26.89
N THR D 363 -29.09 -32.32 28.12
CA THR D 363 -29.77 -31.67 29.24
C THR D 363 -29.20 -30.28 29.52
N MET D 364 -27.91 -30.08 29.28
CA MET D 364 -27.31 -28.75 29.45
C MET D 364 -27.91 -27.75 28.46
N ILE D 365 -28.04 -28.16 27.19
CA ILE D 365 -28.59 -27.25 26.18
C ILE D 365 -30.10 -27.12 26.39
N ARG D 366 -30.73 -28.12 27.00
CA ARG D 366 -32.13 -27.99 27.40
C ARG D 366 -32.29 -26.92 28.49
N ALA D 367 -31.36 -26.90 29.45
CA ALA D 367 -31.45 -25.97 30.56
C ALA D 367 -31.08 -24.54 30.15
N THR D 368 -30.11 -24.39 29.24
CA THR D 368 -29.61 -23.07 28.89
C THR D 368 -30.36 -22.45 27.71
N ALA D 369 -30.61 -23.22 26.66
CA ALA D 369 -31.27 -22.69 25.45
C ALA D 369 -32.78 -22.79 25.62
N ARG D 370 -33.29 -22.00 26.56
CA ARG D 370 -34.71 -22.02 26.84
C ARG D 370 -35.47 -21.14 25.83
N SER D 371 -36.73 -21.50 25.61
CA SER D 371 -37.58 -20.67 24.77
C SER D 371 -37.71 -19.27 25.37
N ALA D 372 -38.14 -18.33 24.54
CA ALA D 372 -38.27 -16.95 25.00
C ALA D 372 -39.24 -16.82 26.17
N PRO D 373 -40.44 -17.38 26.12
CA PRO D 373 -41.32 -17.30 27.31
C PRO D 373 -40.70 -17.93 28.55
N ASP D 374 -39.99 -19.04 28.38
CA ASP D 374 -39.33 -19.69 29.51
C ASP D 374 -38.32 -18.73 30.16
N ARG D 375 -37.42 -18.17 29.36
CA ARG D 375 -36.41 -17.26 29.89
C ARG D 375 -37.03 -16.00 30.47
N GLN D 376 -38.09 -15.49 29.83
CA GLN D 376 -38.79 -14.32 30.35
C GLN D 376 -39.32 -14.61 31.75
N GLU D 377 -40.05 -15.71 31.90
CA GLU D 377 -40.57 -16.08 33.21
C GLU D 377 -39.44 -16.28 34.21
N GLU D 378 -38.32 -16.87 33.76
CA GLU D 378 -37.22 -17.14 34.67
C GLU D 378 -36.64 -15.84 35.21
N ILE D 379 -36.38 -14.88 34.32
CA ILE D 379 -35.85 -13.58 34.75
C ILE D 379 -36.85 -12.88 35.66
N SER D 380 -38.13 -12.88 35.27
CA SER D 380 -39.14 -12.18 36.06
C SER D 380 -39.25 -12.78 37.46
N LYS D 381 -39.23 -14.10 37.54
CA LYS D 381 -39.35 -14.79 38.82
C LYS D 381 -38.12 -14.53 39.69
N LEU D 382 -36.93 -14.57 39.10
CA LEU D 382 -35.73 -14.26 39.85
C LEU D 382 -35.78 -12.84 40.41
N MET D 383 -36.16 -11.87 39.56
CA MET D 383 -36.19 -10.49 40.02
C MET D 383 -37.28 -10.26 41.05
N ARG D 384 -38.35 -11.05 41.01
CA ARG D 384 -39.37 -11.00 42.04
C ARG D 384 -38.92 -11.72 43.31
N SER D 385 -37.92 -12.59 43.21
CA SER D 385 -37.41 -13.34 44.35
C SER D 385 -36.05 -12.86 44.83
N ALA D 386 -35.24 -12.27 43.95
CA ALA D 386 -33.93 -11.78 44.37
C ALA D 386 -34.03 -10.70 45.42
N ASP D 387 -35.18 -10.02 45.49
CA ASP D 387 -35.46 -9.06 46.55
C ASP D 387 -34.36 -8.00 46.63
N PHE D 388 -34.16 -7.31 45.51
CA PHE D 388 -33.27 -6.15 45.52
C PHE D 388 -33.86 -5.01 46.36
N ASN D 389 -35.19 -4.94 46.44
CA ASN D 389 -35.87 -4.03 47.33
C ASN D 389 -35.94 -4.56 48.76
N THR D 390 -35.06 -5.49 49.12
CA THR D 390 -34.77 -5.79 50.51
C THR D 390 -33.27 -5.80 50.79
N ASP D 391 -32.42 -5.69 49.75
CA ASP D 391 -30.98 -5.57 49.92
C ASP D 391 -30.68 -4.30 50.72
N PRO D 392 -30.19 -4.43 51.95
CA PRO D 392 -29.96 -3.23 52.77
C PRO D 392 -28.86 -2.33 52.26
N TYR D 393 -27.89 -2.86 51.51
CA TYR D 393 -26.80 -2.04 51.04
C TYR D 393 -27.25 -1.11 49.92
N VAL D 394 -28.07 -1.62 48.99
CA VAL D 394 -28.64 -0.74 47.98
C VAL D 394 -29.68 0.18 48.58
N ARG D 395 -30.22 -0.17 49.76
CA ARG D 395 -31.19 0.69 50.43
C ARG D 395 -30.50 1.82 51.19
N GLU D 396 -29.27 1.60 51.65
CA GLU D 396 -28.50 2.68 52.24
C GLU D 396 -28.22 3.79 51.22
N PHE D 397 -28.17 3.43 49.93
CA PHE D 397 -27.95 4.39 48.87
C PHE D 397 -29.24 4.92 48.25
N GLY D 398 -30.38 4.68 48.91
CA GLY D 398 -31.65 5.20 48.40
C GLY D 398 -32.00 4.67 47.03
N ILE D 399 -31.76 3.39 46.78
CA ILE D 399 -32.02 2.79 45.48
C ILE D 399 -33.30 1.99 45.56
N MET D 400 -34.02 1.97 44.44
CA MET D 400 -35.22 1.17 44.28
C MET D 400 -35.14 0.46 42.94
N VAL D 401 -35.59 -0.79 42.90
CA VAL D 401 -35.55 -1.61 41.69
C VAL D 401 -36.96 -2.14 41.47
N LYS D 402 -37.48 -1.94 40.26
CA LYS D 402 -38.80 -2.46 39.93
C LYS D 402 -38.75 -3.98 39.81
N ASP D 403 -39.89 -4.61 40.09
CA ASP D 403 -40.00 -6.06 39.97
C ASP D 403 -40.33 -6.52 38.57
N GLU D 404 -40.96 -5.66 37.76
CA GLU D 404 -41.39 -6.03 36.43
C GLU D 404 -40.42 -5.50 35.39
N MET D 405 -40.21 -6.30 34.34
CA MET D 405 -39.44 -5.86 33.20
C MET D 405 -40.00 -4.55 32.65
N THR D 406 -39.18 -3.86 31.85
CA THR D 406 -39.62 -2.60 31.27
C THR D 406 -40.54 -2.87 30.08
N ASP D 407 -41.70 -2.24 30.07
CA ASP D 407 -42.58 -2.30 28.90
C ASP D 407 -42.06 -1.35 27.84
N VAL D 408 -41.87 -1.86 26.63
CA VAL D 408 -41.29 -1.09 25.54
C VAL D 408 -42.13 -1.35 24.28
N THR D 409 -42.47 -0.29 23.57
CA THR D 409 -43.17 -0.42 22.31
C THR D 409 -42.14 -0.52 21.19
N GLY D 410 -41.96 -1.73 20.66
CA GLY D 410 -41.09 -1.93 19.53
C GLY D 410 -41.85 -1.81 18.24
N ARG D 411 -41.12 -1.89 17.13
CA ARG D 411 -41.71 -1.76 15.81
C ARG D 411 -41.14 -2.82 14.89
N VAL D 412 -42.02 -3.50 14.17
CA VAL D 412 -41.64 -4.53 13.21
C VAL D 412 -41.53 -3.85 11.85
N LEU D 413 -40.31 -3.73 11.35
CA LEU D 413 -40.07 -3.07 10.08
C LEU D 413 -40.52 -3.95 8.92
N GLN D 414 -40.96 -3.32 7.85
CA GLN D 414 -41.35 -4.06 6.67
C GLN D 414 -40.11 -4.70 6.05
N PRO D 415 -40.15 -5.97 5.69
CA PRO D 415 -38.99 -6.59 5.08
C PRO D 415 -38.87 -6.18 3.62
N PRO D 416 -37.67 -6.14 3.08
CA PRO D 416 -37.53 -5.85 1.66
C PRO D 416 -37.97 -7.04 0.84
N SER D 417 -38.56 -6.77 -0.31
CA SER D 417 -38.81 -7.83 -1.28
C SER D 417 -37.54 -8.10 -2.06
N ILE D 418 -37.27 -9.37 -2.32
CA ILE D 418 -36.07 -9.82 -2.99
C ILE D 418 -36.38 -10.00 -4.46
N LEU D 419 -35.50 -9.56 -5.34
CA LEU D 419 -35.68 -9.69 -6.82
C LEU D 419 -34.72 -10.75 -7.33
N TYR D 420 -35.25 -11.75 -8.02
CA TYR D 420 -34.44 -12.90 -8.41
C TYR D 420 -34.62 -13.26 -9.87
N GLY D 421 -34.08 -12.49 -10.80
CA GLY D 421 -34.18 -12.96 -12.19
C GLY D 421 -35.32 -12.30 -12.92
N GLY D 422 -35.01 -11.34 -13.77
CA GLY D 422 -36.07 -10.55 -14.40
C GLY D 422 -36.13 -9.26 -13.62
N ARG D 423 -36.75 -8.26 -14.00
CA ARG D 423 -36.88 -7.02 -13.18
C ARG D 423 -38.20 -7.13 -12.42
N ASN D 424 -39.07 -8.14 -12.84
CA ASN D 424 -40.32 -8.33 -12.07
C ASN D 424 -40.82 -9.77 -12.15
N LYS D 425 -41.75 -10.14 -11.29
CA LYS D 425 -42.41 -11.48 -11.33
C LYS D 425 -41.54 -12.54 -10.65
N ALA D 426 -40.34 -12.15 -10.23
CA ALA D 426 -39.43 -13.09 -9.56
C ALA D 426 -39.18 -12.54 -8.19
N ILE D 427 -40.16 -11.80 -7.69
CA ILE D 427 -39.99 -11.14 -6.37
C ILE D 427 -40.35 -12.12 -5.27
N ALA D 428 -39.37 -12.48 -4.44
CA ALA D 428 -39.61 -13.28 -3.24
C ALA D 428 -39.97 -12.36 -2.08
N THR D 429 -40.87 -12.83 -1.23
CA THR D 429 -41.32 -12.05 -0.07
C THR D 429 -40.89 -12.75 1.20
N PRO D 430 -39.95 -12.19 1.97
CA PRO D 430 -39.60 -12.81 3.25
C PRO D 430 -40.81 -12.90 4.16
N VAL D 431 -41.04 -14.10 4.69
CA VAL D 431 -42.11 -14.35 5.63
C VAL D 431 -41.45 -14.85 6.90
N GLN D 432 -41.54 -14.05 7.97
CA GLN D 432 -40.85 -14.34 9.22
C GLN D 432 -39.36 -14.59 8.98
N GLY D 433 -38.75 -13.68 8.23
CA GLY D 433 -37.31 -13.67 8.05
C GLY D 433 -36.77 -14.76 7.16
N VAL D 434 -37.62 -15.42 6.38
CA VAL D 434 -37.20 -16.55 5.56
C VAL D 434 -37.90 -16.50 4.21
N TRP D 435 -37.17 -16.89 3.17
CA TRP D 435 -37.74 -17.13 1.85
C TRP D 435 -36.92 -18.22 1.19
N ASP D 436 -37.44 -18.78 0.10
CA ASP D 436 -36.78 -19.89 -0.58
C ASP D 436 -36.71 -19.60 -2.08
N MET D 437 -35.78 -20.30 -2.73
CA MET D 437 -35.48 -20.12 -4.14
C MET D 437 -36.32 -21.00 -5.06
N ARG D 438 -37.18 -21.85 -4.51
CA ARG D 438 -37.86 -22.83 -5.33
C ARG D 438 -38.63 -22.15 -6.46
N ASN D 439 -38.39 -22.60 -7.68
CA ASN D 439 -39.06 -22.08 -8.87
C ASN D 439 -38.59 -20.65 -9.21
N LYS D 440 -37.33 -20.34 -8.94
CA LYS D 440 -36.73 -19.07 -9.32
C LYS D 440 -35.27 -19.28 -9.71
N GLN D 441 -34.72 -18.33 -10.46
CA GLN D 441 -33.34 -18.39 -10.93
C GLN D 441 -32.55 -17.19 -10.44
N PHE D 442 -31.23 -17.36 -10.40
CA PHE D 442 -30.33 -16.32 -9.98
C PHE D 442 -30.52 -15.05 -10.80
N HIS D 443 -30.20 -13.90 -10.20
CA HIS D 443 -30.26 -12.63 -10.92
C HIS D 443 -29.34 -12.67 -12.14
N THR D 444 -28.10 -13.09 -11.96
CA THR D 444 -27.20 -13.40 -13.06
C THR D 444 -26.46 -14.67 -12.68
N GLY D 445 -26.69 -15.75 -13.41
CA GLY D 445 -26.15 -17.06 -13.08
C GLY D 445 -24.99 -17.42 -13.99
N ILE D 446 -23.93 -17.95 -13.37
CA ILE D 446 -22.74 -18.33 -14.12
C ILE D 446 -22.97 -19.67 -14.80
N GLU D 447 -22.57 -19.74 -16.07
CA GLU D 447 -22.62 -20.98 -16.84
C GLU D 447 -21.33 -21.75 -16.59
N ILE D 448 -21.43 -22.87 -15.90
CA ILE D 448 -20.27 -23.70 -15.56
C ILE D 448 -20.14 -24.78 -16.60
N LYS D 449 -18.96 -24.87 -17.23
CA LYS D 449 -18.74 -25.86 -18.28
C LYS D 449 -17.38 -26.55 -18.17
N VAL D 450 -16.53 -26.19 -17.21
CA VAL D 450 -15.26 -26.88 -16.98
C VAL D 450 -15.03 -26.90 -15.47
N TRP D 451 -15.10 -28.09 -14.88
CA TRP D 451 -14.94 -28.24 -13.44
C TRP D 451 -14.44 -29.64 -13.13
N ALA D 452 -13.77 -29.78 -11.98
CA ALA D 452 -13.14 -31.01 -11.58
C ALA D 452 -13.55 -31.40 -10.17
N ILE D 453 -13.26 -32.64 -9.80
CA ILE D 453 -13.56 -33.20 -8.49
C ILE D 453 -12.29 -33.89 -7.97
N ALA D 454 -11.82 -33.42 -6.82
CA ALA D 454 -10.69 -34.02 -6.12
C ALA D 454 -11.23 -34.55 -4.79
N CYS D 455 -11.44 -35.87 -4.72
CA CYS D 455 -12.04 -36.49 -3.54
C CYS D 455 -10.94 -36.93 -2.60
N PHE D 456 -10.72 -36.16 -1.54
CA PHE D 456 -9.77 -36.53 -0.50
C PHE D 456 -10.39 -37.41 0.57
N ALA D 457 -11.60 -37.94 0.33
CA ALA D 457 -12.22 -38.86 1.26
C ALA D 457 -11.89 -40.30 0.88
N PRO D 458 -11.87 -41.28 1.83
CA PRO D 458 -11.68 -42.66 1.45
C PRO D 458 -12.68 -43.17 0.43
N GLN D 459 -12.24 -43.96 -0.55
CA GLN D 459 -13.14 -44.58 -1.55
C GLN D 459 -14.08 -45.55 -0.86
N ARG D 460 -13.62 -46.19 0.19
CA ARG D 460 -14.46 -47.18 0.88
C ARG D 460 -15.68 -46.47 1.43
N GLN D 461 -15.52 -45.22 1.86
CA GLN D 461 -16.63 -44.48 2.50
C GLN D 461 -17.37 -43.65 1.43
N CYS D 462 -16.64 -42.86 0.63
CA CYS D 462 -17.29 -42.12 -0.47
C CYS D 462 -17.02 -42.87 -1.76
N THR D 463 -17.87 -43.83 -2.10
CA THR D 463 -17.67 -44.64 -3.29
C THR D 463 -17.87 -43.80 -4.54
N GLU D 464 -17.68 -44.42 -5.70
CA GLU D 464 -17.94 -43.75 -6.97
C GLU D 464 -19.43 -43.62 -7.27
N VAL D 465 -20.25 -44.50 -6.70
CA VAL D 465 -21.70 -44.31 -6.80
C VAL D 465 -22.10 -42.99 -6.15
N HIS D 466 -21.56 -42.74 -4.95
CA HIS D 466 -21.83 -41.47 -4.27
C HIS D 466 -21.44 -40.30 -5.16
N LEU D 467 -20.24 -40.34 -5.74
CA LEU D 467 -19.78 -39.23 -6.58
C LEU D 467 -20.71 -39.04 -7.77
N LYS D 468 -21.05 -40.13 -8.46
CA LYS D 468 -21.84 -39.99 -9.69
C LYS D 468 -23.24 -39.47 -9.38
N SER D 469 -23.91 -40.04 -8.37
CA SER D 469 -25.25 -39.59 -8.05
C SER D 469 -25.23 -38.16 -7.50
N PHE D 470 -24.20 -37.81 -6.72
CA PHE D 470 -24.06 -36.45 -6.25
C PHE D 470 -23.89 -35.48 -7.41
N THR D 471 -23.10 -35.86 -8.41
CA THR D 471 -22.94 -35.01 -9.60
C THR D 471 -24.27 -34.83 -10.32
N GLU D 472 -24.99 -35.94 -10.52
CA GLU D 472 -26.28 -35.86 -11.20
C GLU D 472 -27.22 -34.90 -10.47
N GLN D 473 -27.31 -35.03 -9.15
CA GLN D 473 -28.23 -34.20 -8.39
C GLN D 473 -27.77 -32.74 -8.36
N LEU D 474 -26.46 -32.51 -8.19
CA LEU D 474 -25.96 -31.15 -8.19
C LEU D 474 -26.23 -30.47 -9.53
N ARG D 475 -26.13 -31.22 -10.62
CA ARG D 475 -26.41 -30.65 -11.94
C ARG D 475 -27.90 -30.36 -12.10
N LYS D 476 -28.76 -31.24 -11.60
CA LYS D 476 -30.19 -30.96 -11.62
C LYS D 476 -30.51 -29.67 -10.89
N ILE D 477 -29.98 -29.53 -9.67
CA ILE D 477 -30.22 -28.32 -8.87
C ILE D 477 -29.66 -27.10 -9.58
N SER D 478 -28.48 -27.23 -10.18
CA SER D 478 -27.87 -26.11 -10.88
C SER D 478 -28.75 -25.64 -12.03
N ARG D 479 -29.18 -26.56 -12.89
CA ARG D 479 -30.08 -26.19 -13.96
C ARG D 479 -31.32 -25.49 -13.42
N ASP D 480 -31.89 -26.01 -12.32
CA ASP D 480 -33.08 -25.38 -11.77
C ASP D 480 -32.83 -23.93 -11.33
N ALA D 481 -31.62 -23.63 -10.88
CA ALA D 481 -31.32 -22.32 -10.30
C ALA D 481 -30.77 -21.32 -11.31
N GLY D 482 -30.64 -21.69 -12.57
CA GLY D 482 -30.10 -20.78 -13.57
C GLY D 482 -28.60 -20.69 -13.59
N MET D 483 -27.90 -21.62 -12.96
CA MET D 483 -26.44 -21.69 -12.97
C MET D 483 -26.06 -23.05 -13.54
N PRO D 484 -26.34 -23.28 -14.83
CA PRO D 484 -26.27 -24.65 -15.36
C PRO D 484 -24.85 -25.18 -15.42
N ILE D 485 -24.69 -26.42 -15.01
CA ILE D 485 -23.43 -27.16 -15.13
C ILE D 485 -23.57 -28.03 -16.38
N GLN D 486 -22.90 -27.63 -17.46
CA GLN D 486 -23.07 -28.24 -18.77
C GLN D 486 -22.09 -29.39 -18.92
N GLY D 487 -22.50 -30.58 -18.49
CA GLY D 487 -21.74 -31.79 -18.70
C GLY D 487 -20.96 -32.23 -17.47
N GLN D 488 -20.36 -33.39 -17.60
CA GLN D 488 -19.69 -34.06 -16.50
C GLN D 488 -18.37 -33.39 -16.17
N PRO D 489 -17.81 -33.65 -14.98
CA PRO D 489 -16.52 -33.05 -14.63
C PRO D 489 -15.39 -33.62 -15.46
N CYS D 490 -14.54 -32.72 -15.97
CA CYS D 490 -13.43 -33.13 -16.83
C CYS D 490 -12.42 -34.01 -16.11
N PHE D 491 -12.34 -33.91 -14.79
CA PHE D 491 -11.36 -34.64 -13.99
C PHE D 491 -12.02 -35.02 -12.68
N CYS D 492 -11.83 -36.26 -12.24
CA CYS D 492 -12.46 -36.72 -11.01
C CYS D 492 -11.62 -37.87 -10.44
N LYS D 493 -10.82 -37.57 -9.42
CA LYS D 493 -9.93 -38.58 -8.87
C LYS D 493 -9.87 -38.47 -7.36
N TYR D 494 -9.49 -39.59 -6.74
CA TYR D 494 -9.23 -39.60 -5.31
C TYR D 494 -7.79 -39.16 -5.04
N ALA D 495 -7.52 -38.86 -3.77
CA ALA D 495 -6.19 -38.45 -3.33
C ALA D 495 -6.15 -38.52 -1.82
N GLN D 496 -4.96 -38.29 -1.27
CA GLN D 496 -4.76 -38.38 0.17
C GLN D 496 -3.64 -37.44 0.58
N GLY D 497 -3.78 -36.87 1.76
CA GLY D 497 -2.75 -36.03 2.33
C GLY D 497 -2.74 -34.60 1.84
N ALA D 498 -2.35 -33.68 2.73
CA ALA D 498 -2.20 -32.28 2.33
C ALA D 498 -1.12 -32.10 1.28
N ASP D 499 -0.04 -32.89 1.39
CA ASP D 499 1.08 -32.76 0.46
C ASP D 499 0.66 -32.99 -0.99
N SER D 500 -0.46 -33.68 -1.20
CA SER D 500 -0.95 -33.95 -2.54
C SER D 500 -1.64 -32.75 -3.18
N VAL D 501 -2.04 -31.76 -2.36
CA VAL D 501 -2.92 -30.70 -2.85
C VAL D 501 -2.22 -29.90 -3.95
N GLU D 502 -1.10 -29.26 -3.61
CA GLU D 502 -0.48 -28.32 -4.54
C GLU D 502 -0.14 -28.97 -5.88
N PRO D 503 0.54 -30.13 -5.94
CA PRO D 503 0.80 -30.75 -7.23
C PRO D 503 -0.46 -30.92 -8.08
N MET D 504 -1.45 -31.65 -7.53
CA MET D 504 -2.69 -31.88 -8.25
C MET D 504 -3.23 -30.59 -8.86
N PHE D 505 -3.47 -29.58 -8.01
CA PHE D 505 -4.03 -28.33 -8.51
C PHE D 505 -3.18 -27.77 -9.65
N ARG D 506 -1.86 -27.79 -9.50
CA ARG D 506 -0.98 -27.35 -10.58
C ARG D 506 -1.33 -28.10 -11.86
N HIS D 507 -1.30 -29.43 -11.80
CA HIS D 507 -1.76 -30.24 -12.93
C HIS D 507 -3.11 -29.76 -13.43
N LEU D 508 -4.08 -29.62 -12.52
CA LEU D 508 -5.41 -29.19 -12.92
C LEU D 508 -5.37 -27.83 -13.61
N LYS D 509 -4.53 -26.93 -13.12
CA LYS D 509 -4.45 -25.61 -13.73
C LYS D 509 -3.81 -25.66 -15.11
N ASN D 510 -2.93 -26.65 -15.34
CA ASN D 510 -2.10 -26.65 -16.53
C ASN D 510 -2.73 -27.43 -17.68
N THR D 511 -3.39 -28.55 -17.40
CA THR D 511 -3.87 -29.44 -18.45
C THR D 511 -5.34 -29.21 -18.81
N TYR D 512 -6.09 -28.43 -18.03
CA TYR D 512 -7.50 -28.17 -18.30
C TYR D 512 -7.69 -26.66 -18.41
N ALA D 513 -7.84 -26.17 -19.64
CA ALA D 513 -7.99 -24.75 -19.88
C ALA D 513 -9.43 -24.31 -19.70
N GLY D 514 -9.61 -23.12 -19.12
CA GLY D 514 -10.94 -22.62 -18.82
C GLY D 514 -11.53 -23.18 -17.54
N LEU D 515 -10.70 -23.69 -16.64
CA LEU D 515 -11.18 -24.33 -15.43
C LEU D 515 -11.83 -23.29 -14.51
N GLN D 516 -13.11 -23.49 -14.21
CA GLN D 516 -13.88 -22.55 -13.42
C GLN D 516 -14.01 -22.93 -11.95
N LEU D 517 -13.96 -24.22 -11.62
CA LEU D 517 -14.28 -24.64 -10.26
C LEU D 517 -13.66 -26.01 -9.97
N VAL D 518 -13.21 -26.20 -8.75
CA VAL D 518 -12.75 -27.48 -8.25
C VAL D 518 -13.57 -27.82 -7.02
N VAL D 519 -14.40 -28.85 -7.12
CA VAL D 519 -15.14 -29.36 -5.97
C VAL D 519 -14.24 -30.31 -5.20
N VAL D 520 -14.09 -30.07 -3.91
CA VAL D 520 -13.15 -30.82 -3.06
C VAL D 520 -13.96 -31.55 -1.99
N ILE D 521 -14.07 -32.86 -2.13
CA ILE D 521 -14.78 -33.66 -1.14
C ILE D 521 -13.82 -33.99 -0.02
N LEU D 522 -14.26 -33.76 1.23
CA LEU D 522 -13.43 -33.96 2.39
C LEU D 522 -14.10 -34.92 3.36
N PRO D 523 -13.32 -35.65 4.17
CA PRO D 523 -13.89 -36.60 5.13
C PRO D 523 -14.26 -36.01 6.49
N GLY D 524 -14.22 -34.69 6.65
CA GLY D 524 -14.43 -34.04 7.92
C GLY D 524 -13.28 -33.10 8.23
N LYS D 525 -13.12 -32.77 9.51
CA LYS D 525 -12.07 -31.84 9.91
C LYS D 525 -10.69 -32.42 9.56
N THR D 526 -10.01 -31.81 8.59
CA THR D 526 -8.74 -32.32 8.09
C THR D 526 -7.82 -31.16 7.73
N PRO D 527 -6.50 -31.35 7.88
CA PRO D 527 -5.54 -30.32 7.40
C PRO D 527 -5.67 -30.03 5.91
N VAL D 528 -6.33 -30.92 5.16
CA VAL D 528 -6.47 -30.76 3.72
C VAL D 528 -7.20 -29.47 3.39
N TYR D 529 -8.12 -29.04 4.26
CA TYR D 529 -8.89 -27.83 3.97
C TYR D 529 -8.01 -26.59 3.95
N ALA D 530 -7.23 -26.37 5.01
CA ALA D 530 -6.32 -25.25 5.03
C ALA D 530 -5.39 -25.28 3.83
N GLU D 531 -4.88 -26.46 3.48
CA GLU D 531 -3.96 -26.50 2.34
C GLU D 531 -4.70 -26.20 1.02
N VAL D 532 -5.91 -26.72 0.86
CA VAL D 532 -6.70 -26.43 -0.34
C VAL D 532 -6.90 -24.93 -0.50
N LYS D 533 -7.24 -24.24 0.60
CA LYS D 533 -7.51 -22.82 0.49
C LYS D 533 -6.24 -22.02 0.29
N ARG D 534 -5.14 -22.41 0.96
CA ARG D 534 -3.88 -21.72 0.72
C ARG D 534 -3.45 -21.85 -0.72
N VAL D 535 -3.60 -23.04 -1.31
CA VAL D 535 -3.15 -23.25 -2.68
C VAL D 535 -4.06 -22.54 -3.67
N GLY D 536 -5.37 -22.71 -3.52
CA GLY D 536 -6.31 -22.14 -4.48
C GLY D 536 -6.44 -20.63 -4.40
N ASP D 537 -6.28 -20.06 -3.20
CA ASP D 537 -6.49 -18.64 -3.00
C ASP D 537 -5.22 -17.81 -3.14
N THR D 538 -4.09 -18.29 -2.62
CA THR D 538 -2.87 -17.49 -2.57
C THR D 538 -1.79 -17.94 -3.55
N VAL D 539 -1.70 -19.23 -3.87
CA VAL D 539 -0.61 -19.71 -4.71
C VAL D 539 -1.01 -19.66 -6.19
N LEU D 540 -2.09 -20.34 -6.53
CA LEU D 540 -2.51 -20.45 -7.93
C LEU D 540 -3.64 -19.52 -8.32
N GLY D 541 -4.59 -19.26 -7.42
CA GLY D 541 -5.67 -18.35 -7.71
C GLY D 541 -6.80 -19.03 -8.43
N MET D 542 -7.25 -20.16 -7.88
CA MET D 542 -8.31 -20.96 -8.46
C MET D 542 -9.48 -21.03 -7.49
N ALA D 543 -10.68 -21.07 -8.03
CA ALA D 543 -11.88 -21.19 -7.20
C ALA D 543 -12.06 -22.63 -6.76
N THR D 544 -12.32 -22.82 -5.46
CA THR D 544 -12.59 -24.14 -4.91
C THR D 544 -13.87 -24.09 -4.09
N GLN D 545 -14.57 -25.22 -4.07
CA GLN D 545 -15.76 -25.40 -3.25
C GLN D 545 -15.65 -26.74 -2.57
N CYS D 546 -15.42 -26.73 -1.26
CA CYS D 546 -15.31 -27.98 -0.53
C CYS D 546 -16.69 -28.44 -0.08
N VAL D 547 -16.80 -29.75 0.17
CA VAL D 547 -18.04 -30.37 0.61
C VAL D 547 -17.69 -31.58 1.45
N GLN D 548 -18.40 -31.74 2.57
CA GLN D 548 -18.15 -32.86 3.45
C GLN D 548 -18.60 -34.17 2.82
N MET D 549 -17.93 -35.26 3.21
CA MET D 549 -18.28 -36.58 2.70
C MET D 549 -19.76 -36.88 2.90
N LYS D 550 -20.30 -36.58 4.08
CA LYS D 550 -21.66 -37.01 4.41
C LYS D 550 -22.70 -36.35 3.51
N ASN D 551 -22.35 -35.26 2.84
CA ASN D 551 -23.26 -34.58 1.94
C ASN D 551 -23.04 -34.98 0.49
N VAL D 552 -22.13 -35.91 0.24
CA VAL D 552 -22.01 -36.58 -1.04
C VAL D 552 -22.65 -37.97 -0.99
N GLN D 553 -22.48 -38.66 0.13
CA GLN D 553 -23.10 -39.97 0.30
C GLN D 553 -24.62 -39.87 0.15
N ARG D 554 -25.22 -38.92 0.86
CA ARG D 554 -26.67 -38.68 0.79
C ARG D 554 -26.90 -37.18 0.63
N THR D 555 -27.63 -36.81 -0.41
CA THR D 555 -27.84 -35.43 -0.77
C THR D 555 -29.28 -35.01 -0.49
N THR D 556 -29.46 -33.71 -0.27
CA THR D 556 -30.78 -33.12 -0.13
C THR D 556 -30.87 -31.92 -1.06
N PRO D 557 -32.07 -31.58 -1.52
CA PRO D 557 -32.19 -30.36 -2.35
C PRO D 557 -31.73 -29.11 -1.63
N GLN D 558 -32.05 -28.98 -0.34
CA GLN D 558 -31.68 -27.77 0.40
C GLN D 558 -30.17 -27.58 0.45
N THR D 559 -29.44 -28.64 0.80
CA THR D 559 -27.99 -28.54 0.94
C THR D 559 -27.33 -28.27 -0.40
N LEU D 560 -27.77 -28.97 -1.45
CA LEU D 560 -27.24 -28.69 -2.78
C LEU D 560 -27.56 -27.26 -3.22
N SER D 561 -28.72 -26.73 -2.81
CA SER D 561 -29.11 -25.39 -3.21
C SER D 561 -28.22 -24.33 -2.55
N ASN D 562 -27.98 -24.47 -1.24
CA ASN D 562 -27.07 -23.54 -0.58
C ASN D 562 -25.67 -23.67 -1.15
N LEU D 563 -25.27 -24.89 -1.51
CA LEU D 563 -23.99 -25.10 -2.17
C LEU D 563 -23.93 -24.38 -3.50
N CYS D 564 -25.04 -24.37 -4.25
CA CYS D 564 -25.08 -23.65 -5.52
C CYS D 564 -25.02 -22.15 -5.29
N LEU D 565 -25.65 -21.65 -4.23
CA LEU D 565 -25.52 -20.23 -3.88
C LEU D 565 -24.06 -19.86 -3.76
N LYS D 566 -23.32 -20.64 -2.95
CA LYS D 566 -21.91 -20.32 -2.73
C LYS D 566 -21.11 -20.45 -4.03
N ILE D 567 -21.38 -21.49 -4.83
CA ILE D 567 -20.65 -21.65 -6.09
C ILE D 567 -20.90 -20.47 -7.01
N ASN D 568 -22.18 -20.11 -7.18
CA ASN D 568 -22.53 -19.00 -8.07
C ASN D 568 -21.80 -17.73 -7.67
N VAL D 569 -21.81 -17.37 -6.38
CA VAL D 569 -21.16 -16.12 -6.02
C VAL D 569 -19.64 -16.26 -6.15
N LYS D 570 -19.10 -17.46 -5.96
CA LYS D 570 -17.66 -17.65 -6.11
C LYS D 570 -17.19 -17.58 -7.56
N LEU D 571 -18.11 -17.63 -8.54
CA LEU D 571 -17.75 -17.53 -9.95
C LEU D 571 -18.20 -16.22 -10.57
N GLY D 572 -18.46 -15.20 -9.75
CA GLY D 572 -18.82 -13.88 -10.25
C GLY D 572 -20.30 -13.64 -10.46
N GLY D 573 -21.16 -14.59 -10.10
CA GLY D 573 -22.58 -14.42 -10.30
C GLY D 573 -23.20 -13.46 -9.30
N VAL D 574 -24.49 -13.18 -9.53
CA VAL D 574 -25.29 -12.34 -8.65
C VAL D 574 -26.56 -13.12 -8.34
N ASN D 575 -26.67 -13.60 -7.10
CA ASN D 575 -27.79 -14.48 -6.74
C ASN D 575 -29.10 -13.72 -6.70
N ASN D 576 -29.11 -12.53 -6.11
CA ASN D 576 -30.31 -11.71 -6.06
C ASN D 576 -29.92 -10.32 -5.60
N ILE D 577 -30.85 -9.39 -5.75
CA ILE D 577 -30.68 -8.01 -5.34
C ILE D 577 -31.92 -7.59 -4.56
N LEU D 578 -31.75 -6.60 -3.70
CA LEU D 578 -32.90 -5.94 -3.11
C LEU D 578 -33.75 -5.34 -4.23
N LEU D 579 -35.07 -5.39 -4.05
CA LEU D 579 -35.96 -4.77 -5.01
C LEU D 579 -35.61 -3.28 -5.12
N PRO D 580 -35.13 -2.80 -6.27
CA PRO D 580 -34.58 -1.44 -6.32
C PRO D 580 -35.53 -0.38 -5.81
N GLN D 581 -36.81 -0.44 -6.21
CA GLN D 581 -37.73 0.62 -5.85
C GLN D 581 -38.04 0.65 -4.36
N GLY D 582 -37.87 -0.49 -3.66
CA GLY D 582 -38.12 -0.58 -2.24
C GLY D 582 -37.02 -0.06 -1.34
N ARG D 583 -35.90 0.40 -1.89
CA ARG D 583 -34.76 0.77 -1.08
C ARG D 583 -34.89 2.19 -0.54
N PRO D 584 -34.21 2.49 0.56
CA PRO D 584 -34.27 3.85 1.10
C PRO D 584 -33.63 4.85 0.15
N PRO D 585 -33.79 6.15 0.41
CA PRO D 585 -33.28 7.17 -0.53
C PRO D 585 -31.76 7.20 -0.65
N VAL D 586 -31.01 6.55 0.25
CA VAL D 586 -29.56 6.64 0.19
C VAL D 586 -29.05 6.15 -1.15
N PHE D 587 -29.79 5.25 -1.80
CA PHE D 587 -29.38 4.66 -3.07
C PHE D 587 -29.65 5.56 -4.27
N GLN D 588 -30.13 6.79 -4.04
CA GLN D 588 -30.29 7.72 -5.15
C GLN D 588 -28.95 8.30 -5.60
N GLN D 589 -27.87 8.05 -4.87
CA GLN D 589 -26.53 8.50 -5.21
C GLN D 589 -25.55 7.37 -4.96
N PRO D 590 -24.40 7.37 -5.65
CA PRO D 590 -23.44 6.28 -5.47
C PRO D 590 -22.98 6.19 -4.03
N VAL D 591 -23.18 5.01 -3.43
CA VAL D 591 -22.84 4.78 -2.04
C VAL D 591 -22.09 3.46 -1.94
N ILE D 592 -21.08 3.41 -1.08
CA ILE D 592 -20.31 2.21 -0.84
C ILE D 592 -20.53 1.77 0.61
N PHE D 593 -20.72 0.47 0.80
CA PHE D 593 -20.90 -0.11 2.12
C PHE D 593 -19.65 -0.89 2.50
N LEU D 594 -19.06 -0.53 3.64
CA LEU D 594 -17.89 -1.24 4.15
C LEU D 594 -18.27 -2.03 5.40
N GLY D 595 -17.66 -3.20 5.54
CA GLY D 595 -17.80 -4.01 6.74
C GLY D 595 -16.43 -4.38 7.29
N ALA D 596 -16.21 -4.23 8.59
CA ALA D 596 -14.88 -4.42 9.16
C ALA D 596 -14.95 -5.22 10.44
N ASP D 597 -13.98 -6.13 10.62
CA ASP D 597 -13.93 -6.97 11.80
C ASP D 597 -12.49 -7.35 12.11
N VAL D 598 -12.20 -7.53 13.39
CA VAL D 598 -10.89 -7.97 13.85
C VAL D 598 -11.06 -9.23 14.68
N THR D 599 -10.28 -10.27 14.36
CA THR D 599 -10.26 -11.52 15.10
C THR D 599 -8.91 -11.67 15.79
N HIS D 600 -8.94 -12.07 17.06
CA HIS D 600 -7.74 -12.22 17.88
C HIS D 600 -7.58 -13.68 18.28
N PRO D 601 -6.35 -14.15 18.49
CA PRO D 601 -6.15 -15.53 18.92
C PRO D 601 -6.12 -15.64 20.43
N PRO D 602 -6.36 -16.82 20.97
CA PRO D 602 -6.21 -17.01 22.42
C PRO D 602 -4.74 -16.95 22.83
N ALA D 603 -4.53 -16.54 24.07
CA ALA D 603 -3.18 -16.45 24.65
C ALA D 603 -2.25 -15.64 23.75
N GLY D 606 -0.40 -18.02 21.96
CA GLY D 606 0.92 -17.40 21.97
C GLY D 606 0.95 -16.08 21.22
N LYS D 607 2.15 -15.66 20.81
CA LYS D 607 2.32 -14.40 20.09
C LYS D 607 1.86 -14.58 18.64
N LYS D 608 0.56 -14.88 18.50
CA LYS D 608 -0.01 -15.04 17.18
C LYS D 608 -0.69 -13.76 16.73
N PRO D 609 -0.55 -13.38 15.47
CA PRO D 609 -1.04 -12.07 15.02
C PRO D 609 -2.56 -11.99 15.07
N SER D 610 -3.06 -10.78 15.29
CA SER D 610 -4.47 -10.51 15.08
C SER D 610 -4.71 -10.25 13.60
N ILE D 611 -5.93 -10.55 13.15
CA ILE D 611 -6.30 -10.38 11.74
C ILE D 611 -7.40 -9.33 11.66
N ALA D 612 -7.19 -8.32 10.83
CA ALA D 612 -8.20 -7.30 10.56
C ALA D 612 -8.64 -7.41 9.11
N ALA D 613 -9.95 -7.54 8.89
CA ALA D 613 -10.53 -7.69 7.56
C ALA D 613 -11.52 -6.56 7.30
N VAL D 614 -11.51 -6.07 6.07
CA VAL D 614 -12.40 -5.00 5.64
C VAL D 614 -12.91 -5.35 4.25
N VAL D 615 -14.22 -5.28 4.06
CA VAL D 615 -14.84 -5.58 2.78
C VAL D 615 -15.60 -4.34 2.31
N GLY D 616 -15.70 -4.20 1.00
CA GLY D 616 -16.37 -3.07 0.40
C GLY D 616 -17.28 -3.47 -0.76
N SER D 617 -18.49 -2.92 -0.78
CA SER D 617 -19.43 -3.25 -1.84
C SER D 617 -18.91 -2.73 -3.18
N MET D 618 -19.31 -3.42 -4.25
CA MET D 618 -18.77 -3.18 -5.58
C MET D 618 -19.85 -2.93 -6.62
N ASP D 619 -21.10 -2.75 -6.20
CA ASP D 619 -22.17 -2.40 -7.11
C ASP D 619 -23.21 -1.58 -6.36
N ALA D 620 -24.23 -1.14 -7.08
CA ALA D 620 -25.29 -0.31 -6.53
C ALA D 620 -26.41 -1.12 -5.88
N HIS D 621 -26.33 -2.45 -5.95
CA HIS D 621 -27.47 -3.29 -5.56
C HIS D 621 -27.82 -3.15 -4.08
N PRO D 622 -26.89 -3.36 -3.13
CA PRO D 622 -25.50 -3.83 -3.22
C PRO D 622 -25.36 -5.33 -2.93
N ASN D 623 -24.74 -6.07 -3.84
CA ASN D 623 -24.54 -7.51 -3.67
C ASN D 623 -23.07 -7.90 -3.67
N ARG D 624 -22.31 -7.57 -4.71
CA ARG D 624 -20.95 -8.04 -4.82
C ARG D 624 -20.04 -7.26 -3.87
N TYR D 625 -19.15 -7.98 -3.19
CA TYR D 625 -18.24 -7.37 -2.25
C TYR D 625 -16.82 -7.81 -2.57
N CYS D 626 -15.88 -6.92 -2.27
CA CYS D 626 -14.46 -7.14 -2.43
C CYS D 626 -13.82 -7.14 -1.05
N ALA D 627 -12.78 -7.94 -0.87
CA ALA D 627 -12.18 -8.10 0.44
C ALA D 627 -10.75 -7.55 0.48
N THR D 628 -10.34 -7.13 1.67
CA THR D 628 -8.97 -6.79 1.99
C THR D 628 -8.71 -7.28 3.40
N VAL D 629 -7.46 -7.64 3.69
CA VAL D 629 -7.12 -8.25 4.96
C VAL D 629 -5.68 -7.91 5.32
N ARG D 630 -5.42 -7.82 6.62
CA ARG D 630 -4.08 -7.54 7.13
C ARG D 630 -3.87 -8.30 8.42
N VAL D 631 -2.62 -8.59 8.72
CA VAL D 631 -2.20 -9.05 10.05
C VAL D 631 -1.67 -7.85 10.80
N GLN D 632 -1.91 -7.81 12.12
CA GLN D 632 -1.46 -6.71 12.94
C GLN D 632 -1.19 -7.21 14.35
N GLN D 633 -0.66 -6.30 15.18
CA GLN D 633 -0.11 -6.65 16.49
C GLN D 633 -1.05 -7.57 17.25
N HIS D 634 -0.44 -8.49 18.02
CA HIS D 634 -1.21 -9.42 18.84
C HIS D 634 -2.19 -8.67 19.73
N ARG D 635 -3.47 -8.97 19.55
CA ARG D 635 -4.54 -8.42 20.38
C ARG D 635 -4.56 -6.89 20.35
N GLN D 636 -4.80 -6.36 19.14
CA GLN D 636 -5.07 -4.95 18.93
C GLN D 636 -6.42 -4.84 18.25
N GLU D 637 -7.35 -4.11 18.88
CA GLU D 637 -8.68 -3.96 18.31
C GLU D 637 -8.72 -2.91 17.21
N ILE D 638 -7.92 -1.84 17.35
CA ILE D 638 -7.84 -0.84 16.31
C ILE D 638 -7.31 -1.47 15.04
N ILE D 639 -7.92 -1.12 13.90
CA ILE D 639 -7.45 -1.58 12.60
C ILE D 639 -6.35 -0.64 12.15
N GLN D 640 -5.10 -1.11 12.20
CA GLN D 640 -3.96 -0.24 11.98
C GLN D 640 -3.93 0.30 10.56
N ASP D 641 -4.07 -0.58 9.57
CA ASP D 641 -3.91 -0.21 8.16
C ASP D 641 -5.24 0.13 7.48
N LEU D 642 -6.20 0.70 8.21
CA LEU D 642 -7.52 0.91 7.61
C LEU D 642 -7.44 1.84 6.40
N ALA D 643 -6.55 2.82 6.42
CA ALA D 643 -6.46 3.78 5.33
C ALA D 643 -6.10 3.08 4.02
N ALA D 644 -5.10 2.20 4.05
CA ALA D 644 -4.70 1.45 2.87
C ALA D 644 -5.85 0.59 2.33
N MET D 645 -6.53 -0.12 3.24
CA MET D 645 -7.58 -1.03 2.81
C MET D 645 -8.76 -0.28 2.22
N VAL D 646 -9.11 0.85 2.83
CA VAL D 646 -10.19 1.68 2.29
C VAL D 646 -9.80 2.24 0.94
N ARG D 647 -8.51 2.61 0.78
CA ARG D 647 -8.06 3.06 -0.53
C ARG D 647 -8.29 1.99 -1.58
N GLU D 648 -7.92 0.74 -1.26
CA GLU D 648 -8.16 -0.37 -2.19
C GLU D 648 -9.64 -0.45 -2.55
N LEU D 649 -10.51 -0.39 -1.53
CA LEU D 649 -11.93 -0.62 -1.77
C LEU D 649 -12.54 0.51 -2.59
N LEU D 650 -12.15 1.75 -2.33
CA LEU D 650 -12.64 2.87 -3.13
C LEU D 650 -12.16 2.75 -4.57
N ILE D 651 -10.90 2.37 -4.77
CA ILE D 651 -10.40 2.20 -6.13
C ILE D 651 -11.23 1.14 -6.86
N GLN D 652 -11.49 0.02 -6.20
CA GLN D 652 -12.27 -1.04 -6.86
C GLN D 652 -13.72 -0.62 -7.09
N PHE D 653 -14.30 0.17 -6.19
CA PHE D 653 -15.64 0.66 -6.40
C PHE D 653 -15.71 1.54 -7.65
N TYR D 654 -14.79 2.51 -7.76
CA TYR D 654 -14.77 3.35 -8.95
C TYR D 654 -14.52 2.53 -10.20
N LYS D 655 -13.67 1.51 -10.08
CA LYS D 655 -13.35 0.67 -11.23
C LYS D 655 -14.57 -0.12 -11.68
N SER D 656 -15.42 -0.54 -10.76
CA SER D 656 -16.54 -1.41 -11.10
C SER D 656 -17.81 -0.65 -11.47
N THR D 657 -18.03 0.53 -10.89
CA THR D 657 -19.28 1.25 -11.09
C THR D 657 -19.17 2.51 -11.94
N ARG D 658 -17.96 2.95 -12.28
CA ARG D 658 -17.74 4.22 -12.98
C ARG D 658 -18.14 5.43 -12.15
N PHE D 659 -18.43 5.25 -10.86
CA PHE D 659 -18.76 6.35 -9.98
C PHE D 659 -17.85 6.33 -8.77
N LYS D 660 -17.56 7.51 -8.26
CA LYS D 660 -16.90 7.63 -6.97
C LYS D 660 -17.95 7.76 -5.88
N PRO D 661 -17.85 6.98 -4.80
CA PRO D 661 -18.90 7.05 -3.78
C PRO D 661 -19.02 8.46 -3.21
N THR D 662 -20.26 8.93 -3.09
CA THR D 662 -20.55 10.16 -2.39
C THR D 662 -20.84 9.95 -0.92
N ARG D 663 -21.06 8.70 -0.51
CA ARG D 663 -21.29 8.35 0.89
C ARG D 663 -20.57 7.04 1.19
N ILE D 664 -20.11 6.92 2.43
CA ILE D 664 -19.43 5.74 2.94
C ILE D 664 -20.18 5.26 4.17
N ILE D 665 -20.78 4.07 4.09
CA ILE D 665 -21.48 3.47 5.22
C ILE D 665 -20.60 2.38 5.78
N PHE D 666 -20.16 2.56 7.03
CA PHE D 666 -19.12 1.73 7.64
C PHE D 666 -19.73 0.98 8.82
N TYR D 667 -19.92 -0.34 8.65
CA TYR D 667 -20.38 -1.21 9.74
C TYR D 667 -19.18 -1.89 10.38
N ARG D 668 -18.96 -1.62 11.66
CA ARG D 668 -17.77 -2.03 12.40
C ARG D 668 -18.20 -3.01 13.49
N ASP D 669 -17.65 -4.22 13.45
CA ASP D 669 -18.09 -5.30 14.31
C ASP D 669 -17.15 -5.48 15.50
N GLY D 670 -17.72 -5.79 16.66
CA GLY D 670 -16.95 -6.24 17.80
C GLY D 670 -16.13 -5.16 18.47
N VAL D 671 -16.78 -4.08 18.89
CA VAL D 671 -16.10 -2.97 19.54
C VAL D 671 -16.87 -2.61 20.79
N SER D 672 -16.17 -2.57 21.92
CA SER D 672 -16.80 -2.25 23.20
C SER D 672 -17.00 -0.75 23.34
N GLU D 673 -17.87 -0.37 24.27
CA GLU D 673 -18.08 1.04 24.57
C GLU D 673 -16.77 1.73 24.92
N GLY D 674 -15.97 1.10 25.79
CA GLY D 674 -14.73 1.68 26.25
C GLY D 674 -13.69 1.88 25.17
N GLN D 675 -13.92 1.34 23.98
CA GLN D 675 -13.03 1.54 22.85
C GLN D 675 -13.53 2.58 21.85
N PHE D 676 -14.78 3.04 21.99
CA PHE D 676 -15.36 3.92 20.99
C PHE D 676 -14.40 5.05 20.64
N GLN D 677 -14.09 5.90 21.63
CA GLN D 677 -13.24 7.07 21.38
C GLN D 677 -11.96 6.68 20.64
N GLN D 678 -11.35 5.56 21.01
CA GLN D 678 -10.17 5.11 20.30
C GLN D 678 -10.50 4.87 18.83
N VAL D 679 -11.38 3.90 18.55
CA VAL D 679 -11.60 3.50 17.16
C VAL D 679 -12.05 4.71 16.34
N LEU D 680 -13.02 5.45 16.87
CA LEU D 680 -13.52 6.62 16.17
C LEU D 680 -12.37 7.54 15.79
N HIS D 681 -11.49 7.84 16.76
CA HIS D 681 -10.38 8.74 16.48
C HIS D 681 -9.49 8.18 15.39
N HIS D 682 -9.18 6.88 15.46
CA HIS D 682 -8.20 6.34 14.53
C HIS D 682 -8.81 6.00 13.18
N GLU D 683 -9.99 5.36 13.20
CA GLU D 683 -10.53 4.78 11.98
C GLU D 683 -11.26 5.83 11.14
N LEU D 684 -12.09 6.67 11.76
CA LEU D 684 -12.70 7.76 11.02
C LEU D 684 -11.64 8.56 10.28
N LEU D 685 -10.64 9.06 11.01
CA LEU D 685 -9.53 9.75 10.36
C LEU D 685 -8.96 8.90 9.24
N ALA D 686 -8.69 7.62 9.53
CA ALA D 686 -8.11 6.76 8.51
C ALA D 686 -8.96 6.76 7.25
N ILE D 687 -10.27 6.62 7.42
CA ILE D 687 -11.14 6.65 6.25
C ILE D 687 -10.96 7.95 5.49
N ARG D 688 -11.02 9.07 6.22
CA ARG D 688 -10.80 10.37 5.59
C ARG D 688 -9.46 10.40 4.87
N GLU D 689 -8.42 9.84 5.49
CA GLU D 689 -7.12 9.80 4.82
C GLU D 689 -7.26 9.15 3.46
N ALA D 690 -7.85 7.95 3.41
CA ALA D 690 -7.97 7.23 2.15
C ALA D 690 -8.56 8.13 1.08
N CYS D 691 -9.50 8.99 1.47
CA CYS D 691 -10.16 9.84 0.50
C CYS D 691 -9.23 10.93 -0.03
N ILE D 692 -8.53 11.63 0.87
CA ILE D 692 -7.76 12.79 0.41
C ILE D 692 -6.54 12.34 -0.38
N LYS D 693 -5.97 11.18 -0.07
CA LYS D 693 -4.84 10.67 -0.84
C LYS D 693 -5.24 10.27 -2.25
N LEU D 694 -6.54 10.13 -2.53
CA LEU D 694 -7.01 9.90 -3.88
C LEU D 694 -7.32 11.20 -4.61
N GLU D 695 -7.96 12.15 -3.92
CA GLU D 695 -8.27 13.46 -4.48
C GLU D 695 -8.29 14.49 -3.37
N LYS D 696 -7.83 15.71 -3.69
CA LYS D 696 -7.72 16.75 -2.67
C LYS D 696 -9.05 16.96 -1.95
N ASP D 697 -10.10 17.27 -2.70
CA ASP D 697 -11.39 17.65 -2.13
C ASP D 697 -12.43 16.55 -2.25
N TYR D 698 -12.00 15.29 -2.19
CA TYR D 698 -12.91 14.15 -2.23
C TYR D 698 -13.30 13.82 -0.80
N GLN D 699 -14.49 14.25 -0.39
CA GLN D 699 -14.94 14.16 1.00
C GLN D 699 -16.35 13.59 1.04
N PRO D 700 -16.51 12.29 0.79
CA PRO D 700 -17.83 11.68 0.94
C PRO D 700 -18.21 11.59 2.41
N GLY D 701 -19.52 11.62 2.66
CA GLY D 701 -20.00 11.55 4.02
C GLY D 701 -19.84 10.16 4.60
N ILE D 702 -19.39 10.11 5.86
CA ILE D 702 -19.08 8.87 6.54
C ILE D 702 -20.12 8.61 7.61
N THR D 703 -20.70 7.41 7.60
CA THR D 703 -21.56 6.95 8.69
C THR D 703 -20.87 5.76 9.33
N PHE D 704 -20.37 5.95 10.55
CA PHE D 704 -19.61 4.97 11.30
C PHE D 704 -20.51 4.37 12.36
N ILE D 705 -20.82 3.08 12.20
CA ILE D 705 -21.77 2.32 13.00
C ILE D 705 -21.07 1.09 13.55
N VAL D 706 -21.06 0.93 14.87
CA VAL D 706 -20.55 -0.29 15.49
C VAL D 706 -21.72 -1.21 15.80
N VAL D 707 -21.58 -2.48 15.45
CA VAL D 707 -22.62 -3.49 15.61
C VAL D 707 -22.15 -4.46 16.68
N GLN D 708 -23.05 -4.79 17.61
CA GLN D 708 -22.71 -5.61 18.78
C GLN D 708 -23.72 -6.73 18.92
N LYS D 709 -23.24 -7.97 18.88
CA LYS D 709 -24.04 -9.12 19.26
C LYS D 709 -23.83 -9.54 20.71
N ARG D 710 -22.68 -9.17 21.30
CA ARG D 710 -22.31 -9.62 22.63
C ARG D 710 -22.82 -8.62 23.65
N HIS D 711 -24.05 -8.83 24.10
CA HIS D 711 -24.65 -8.06 25.19
C HIS D 711 -25.70 -8.93 25.85
N HIS D 712 -26.38 -8.40 26.85
CA HIS D 712 -27.32 -9.16 27.66
C HIS D 712 -28.72 -8.55 27.59
N THR D 713 -29.07 -8.03 26.42
CA THR D 713 -30.39 -7.45 26.21
C THR D 713 -31.30 -8.51 25.59
N ARG D 714 -32.47 -8.69 26.18
CA ARG D 714 -33.46 -9.63 25.69
C ARG D 714 -34.79 -8.90 25.54
N LEU D 715 -35.51 -9.22 24.46
CA LEU D 715 -36.82 -8.65 24.21
C LEU D 715 -37.84 -9.79 24.08
N PHE D 716 -39.04 -9.58 24.64
CA PHE D 716 -40.07 -10.60 24.68
C PHE D 716 -41.40 -10.01 24.26
N CYS D 717 -42.18 -10.76 23.48
CA CYS D 717 -43.52 -10.32 23.15
C CYS D 717 -44.37 -10.24 24.43
N THR D 718 -45.13 -9.15 24.54
CA THR D 718 -46.12 -9.06 25.61
C THR D 718 -47.35 -9.89 25.28
N ASP D 719 -47.75 -9.92 24.01
CA ASP D 719 -48.91 -10.69 23.56
C ASP D 719 -48.45 -12.04 23.03
N LYS D 720 -49.03 -13.11 23.57
CA LYS D 720 -48.70 -14.46 23.13
C LYS D 720 -48.92 -14.62 21.63
N ASN D 721 -49.84 -13.85 21.05
CA ASN D 721 -50.16 -14.00 19.64
C ASN D 721 -49.01 -13.53 18.76
N GLU D 722 -48.18 -12.61 19.26
CA GLU D 722 -47.08 -12.07 18.48
C GLU D 722 -45.88 -12.99 18.43
N ARG D 723 -45.79 -13.96 19.33
CA ARG D 723 -44.67 -14.89 19.33
C ARG D 723 -44.58 -15.61 17.99
N VAL D 724 -43.39 -16.17 17.72
CA VAL D 724 -43.13 -16.82 16.45
C VAL D 724 -42.33 -18.08 16.70
N GLY D 725 -42.85 -19.23 16.28
CA GLY D 725 -42.11 -20.47 16.29
C GLY D 725 -42.16 -21.20 17.62
N LYS D 726 -41.61 -22.42 17.60
CA LYS D 726 -41.51 -23.24 18.81
C LYS D 726 -40.87 -22.48 19.95
N SER D 727 -39.96 -21.55 19.65
CA SER D 727 -39.26 -20.81 20.68
C SER D 727 -39.98 -19.54 21.10
N GLY D 728 -40.95 -19.08 20.32
CA GLY D 728 -41.78 -17.96 20.71
C GLY D 728 -41.05 -16.63 20.81
N ASN D 729 -40.15 -16.36 19.86
CA ASN D 729 -39.38 -15.14 19.89
C ASN D 729 -40.12 -13.99 19.20
N ILE D 730 -39.58 -12.79 19.36
CA ILE D 730 -40.06 -11.62 18.65
C ILE D 730 -39.89 -11.84 17.15
N PRO D 731 -40.75 -11.28 16.30
CA PRO D 731 -40.61 -11.49 14.86
C PRO D 731 -39.37 -10.80 14.31
N ALA D 732 -38.83 -11.37 13.23
CA ALA D 732 -37.72 -10.74 12.53
C ALA D 732 -38.11 -9.33 12.12
N GLY D 733 -37.17 -8.40 12.28
CA GLY D 733 -37.42 -7.01 11.99
C GLY D 733 -37.82 -6.18 13.19
N THR D 734 -37.83 -6.74 14.38
CA THR D 734 -38.28 -6.02 15.56
C THR D 734 -37.25 -4.98 15.95
N THR D 735 -37.67 -3.73 16.12
CA THR D 735 -36.76 -2.63 16.39
C THR D 735 -37.17 -1.90 17.66
N VAL D 736 -36.17 -1.51 18.45
CA VAL D 736 -36.39 -0.78 19.68
C VAL D 736 -35.34 0.31 19.80
N ASP D 737 -35.77 1.57 19.85
CA ASP D 737 -34.84 2.68 20.06
C ASP D 737 -35.35 3.63 21.14
N THR D 738 -36.11 3.12 22.10
CA THR D 738 -36.63 3.93 23.19
C THR D 738 -36.46 3.20 24.52
N LYS D 739 -36.32 4.00 25.58
CA LYS D 739 -36.42 3.58 26.98
C LYS D 739 -35.26 2.73 27.49
N ILE D 740 -34.48 2.12 26.60
CA ILE D 740 -33.41 1.24 27.07
C ILE D 740 -32.14 1.54 26.29
N THR D 741 -32.25 2.40 25.29
CA THR D 741 -31.12 2.77 24.45
C THR D 741 -30.39 3.95 25.10
N HIS D 742 -29.40 4.50 24.41
CA HIS D 742 -28.55 5.51 25.02
C HIS D 742 -29.36 6.76 25.38
N PRO D 743 -29.02 7.44 26.47
CA PRO D 743 -29.80 8.63 26.85
C PRO D 743 -29.62 9.83 25.93
N THR D 744 -28.52 9.89 25.18
CA THR D 744 -28.28 11.03 24.29
C THR D 744 -27.81 10.64 22.89
N GLU D 745 -27.26 9.46 22.68
CA GLU D 745 -26.62 9.11 21.43
C GLU D 745 -27.56 8.29 20.54
N PHE D 746 -27.06 7.97 19.35
CA PHE D 746 -27.87 7.39 18.26
C PHE D 746 -27.62 5.87 18.23
N ASP D 747 -28.38 5.14 19.03
CA ASP D 747 -28.26 3.68 19.04
C ASP D 747 -29.64 3.06 19.03
N PHE D 748 -29.68 1.79 18.61
CA PHE D 748 -30.95 1.09 18.51
C PHE D 748 -30.71 -0.41 18.45
N TYR D 749 -31.66 -1.16 19.01
CA TYR D 749 -31.68 -2.60 18.89
C TYR D 749 -32.51 -2.99 17.67
N LEU D 750 -31.99 -3.92 16.88
CA LEU D 750 -32.71 -4.47 15.75
C LEU D 750 -32.50 -5.98 15.78
N CYS D 751 -33.60 -6.71 15.91
CA CYS D 751 -33.61 -8.15 15.72
C CYS D 751 -34.09 -8.39 14.30
N SER D 752 -33.13 -8.64 13.41
CA SER D 752 -33.41 -8.78 11.99
C SER D 752 -33.62 -10.22 11.57
N HIS D 753 -33.35 -11.18 12.47
CA HIS D 753 -33.42 -12.59 12.15
C HIS D 753 -34.52 -13.26 12.97
N ALA D 754 -34.98 -14.40 12.47
CA ALA D 754 -35.94 -15.22 13.20
C ALA D 754 -35.18 -16.21 14.09
N GLY D 755 -35.54 -16.25 15.36
CA GLY D 755 -34.96 -17.22 16.27
C GLY D 755 -35.53 -18.61 16.03
N ILE D 756 -34.66 -19.61 16.05
CA ILE D 756 -35.04 -20.99 15.79
C ILE D 756 -35.25 -21.72 17.11
N GLN D 757 -34.18 -21.85 17.91
CA GLN D 757 -34.28 -22.44 19.23
C GLN D 757 -33.53 -21.56 20.21
N GLY D 758 -34.05 -21.47 21.43
CA GLY D 758 -33.52 -20.54 22.41
C GLY D 758 -34.22 -19.20 22.34
N THR D 759 -33.52 -18.19 22.84
CA THR D 759 -34.02 -16.82 22.83
C THR D 759 -33.14 -15.99 21.90
N SER D 760 -33.77 -15.21 21.03
CA SER D 760 -33.03 -14.42 20.06
C SER D 760 -32.17 -13.39 20.77
N ARG D 761 -31.03 -13.06 20.15
CA ARG D 761 -30.18 -11.97 20.59
C ARG D 761 -30.32 -10.82 19.61
N PRO D 762 -31.08 -9.77 19.94
CA PRO D 762 -31.17 -8.63 19.01
C PRO D 762 -29.83 -7.93 18.90
N SER D 763 -29.45 -7.59 17.67
CA SER D 763 -28.20 -6.87 17.47
C SER D 763 -28.35 -5.42 17.91
N HIS D 764 -27.29 -4.88 18.48
CA HIS D 764 -27.27 -3.48 18.89
C HIS D 764 -26.43 -2.70 17.89
N TYR D 765 -26.88 -1.50 17.55
CA TYR D 765 -26.19 -0.62 16.61
C TYR D 765 -25.99 0.73 17.27
N HIS D 766 -24.79 1.28 17.15
CA HIS D 766 -24.41 2.53 17.81
C HIS D 766 -23.69 3.38 16.79
N VAL D 767 -24.28 4.52 16.42
CA VAL D 767 -23.69 5.38 15.40
C VAL D 767 -22.65 6.27 16.08
N LEU D 768 -21.37 5.98 15.81
CA LEU D 768 -20.30 6.83 16.31
C LEU D 768 -20.06 8.04 15.43
N TRP D 769 -20.53 8.02 14.18
CA TRP D 769 -20.38 9.21 13.36
C TRP D 769 -21.39 9.16 12.23
N ASP D 770 -21.88 10.34 11.80
CA ASP D 770 -22.81 10.39 10.68
C ASP D 770 -22.75 11.77 10.04
N ASP D 771 -21.98 11.89 8.95
CA ASP D 771 -22.01 13.08 8.13
C ASP D 771 -23.28 13.20 7.30
N ASN D 772 -23.95 12.08 7.03
CA ASN D 772 -25.08 12.05 6.10
C ASN D 772 -26.41 12.35 6.77
N ARG D 773 -26.40 12.71 8.05
CA ARG D 773 -27.60 13.18 8.74
C ARG D 773 -28.77 12.21 8.55
N PHE D 774 -28.48 10.92 8.72
CA PHE D 774 -29.51 9.89 8.61
C PHE D 774 -30.60 10.09 9.65
N SER D 775 -31.85 9.87 9.25
CA SER D 775 -32.94 9.73 10.20
C SER D 775 -32.98 8.30 10.74
N SER D 776 -33.54 8.15 11.94
CA SER D 776 -33.61 6.84 12.56
C SER D 776 -34.28 5.83 11.65
N ASP D 777 -35.41 6.21 11.04
CA ASP D 777 -36.13 5.28 10.19
C ASP D 777 -35.27 4.85 9.01
N GLU D 778 -34.64 5.80 8.32
CA GLU D 778 -33.86 5.44 7.15
C GLU D 778 -32.72 4.51 7.51
N LEU D 779 -31.98 4.83 8.58
CA LEU D 779 -30.84 4.01 8.96
C LEU D 779 -31.28 2.62 9.40
N GLN D 780 -32.34 2.54 10.20
CA GLN D 780 -32.82 1.24 10.67
C GLN D 780 -33.31 0.37 9.52
N ILE D 781 -34.07 0.98 8.59
CA ILE D 781 -34.56 0.24 7.44
C ILE D 781 -33.42 -0.19 6.53
N LEU D 782 -32.41 0.67 6.36
CA LEU D 782 -31.24 0.31 5.56
C LEU D 782 -30.50 -0.86 6.17
N THR D 783 -30.27 -0.82 7.48
CA THR D 783 -29.63 -1.93 8.18
C THR D 783 -30.42 -3.21 7.99
N TYR D 784 -31.74 -3.13 8.16
CA TYR D 784 -32.58 -4.31 8.00
C TYR D 784 -32.47 -4.88 6.60
N GLN D 785 -32.53 -4.01 5.58
CA GLN D 785 -32.44 -4.49 4.20
C GLN D 785 -31.09 -5.13 3.93
N LEU D 786 -30.01 -4.52 4.42
CA LEU D 786 -28.69 -5.12 4.25
C LEU D 786 -28.63 -6.50 4.90
N CYS D 787 -29.40 -6.72 5.96
CA CYS D 787 -29.45 -8.04 6.56
C CYS D 787 -30.11 -9.09 5.66
N HIS D 788 -30.68 -8.67 4.52
CA HIS D 788 -31.29 -9.57 3.55
C HIS D 788 -30.43 -9.79 2.31
N THR D 789 -29.18 -9.33 2.32
CA THR D 789 -28.31 -9.44 1.15
C THR D 789 -27.19 -10.45 1.35
N TYR D 790 -27.23 -11.24 2.41
CA TYR D 790 -26.22 -12.25 2.67
C TYR D 790 -26.37 -13.39 1.66
N VAL D 791 -25.33 -13.60 0.84
CA VAL D 791 -25.45 -14.49 -0.31
C VAL D 791 -25.48 -15.97 0.08
N ARG D 792 -24.97 -16.34 1.24
CA ARG D 792 -24.86 -17.75 1.58
C ARG D 792 -26.20 -18.39 1.96
N CYS D 793 -27.28 -17.62 2.03
CA CYS D 793 -28.55 -18.22 2.43
C CYS D 793 -29.69 -17.25 2.14
N THR D 794 -30.87 -17.80 1.90
CA THR D 794 -32.06 -17.01 1.61
C THR D 794 -32.87 -16.76 2.88
N ARG D 795 -32.23 -16.08 3.84
CA ARG D 795 -32.91 -15.66 5.05
C ARG D 795 -32.23 -14.41 5.61
N SER D 796 -33.01 -13.58 6.28
CA SER D 796 -32.47 -12.41 6.97
C SER D 796 -31.56 -12.85 8.11
N VAL D 797 -30.32 -12.37 8.09
CA VAL D 797 -29.32 -12.80 9.05
C VAL D 797 -29.21 -11.76 10.17
N SER D 798 -28.52 -12.13 11.24
CA SER D 798 -28.56 -11.34 12.47
C SER D 798 -27.79 -10.03 12.36
N ILE D 799 -26.93 -9.88 11.37
CA ILE D 799 -26.18 -8.64 11.21
C ILE D 799 -26.06 -8.32 9.73
N PRO D 800 -25.76 -7.06 9.39
CA PRO D 800 -25.68 -6.68 7.98
C PRO D 800 -24.62 -7.48 7.25
N ALA D 801 -24.94 -7.85 6.02
CA ALA D 801 -24.04 -8.69 5.23
C ALA D 801 -22.58 -8.22 5.22
N PRO D 802 -22.28 -6.92 5.12
CA PRO D 802 -20.85 -6.52 5.10
C PRO D 802 -20.06 -6.99 6.31
N ALA D 803 -20.59 -6.82 7.51
CA ALA D 803 -19.85 -7.18 8.72
C ALA D 803 -19.63 -8.69 8.79
N TYR D 804 -20.64 -9.47 8.41
CA TYR D 804 -20.51 -10.92 8.35
C TYR D 804 -19.46 -11.36 7.34
N TYR D 805 -19.47 -10.73 6.15
CA TYR D 805 -18.43 -11.03 5.16
C TYR D 805 -17.05 -10.71 5.72
N ALA D 806 -16.94 -9.64 6.50
CA ALA D 806 -15.64 -9.30 7.09
C ALA D 806 -15.19 -10.40 8.04
N HIS D 807 -16.11 -10.89 8.86
CA HIS D 807 -15.81 -12.04 9.72
C HIS D 807 -15.30 -13.22 8.90
N LEU D 808 -15.99 -13.52 7.80
CA LEU D 808 -15.58 -14.64 6.94
C LEU D 808 -14.18 -14.41 6.38
N VAL D 809 -13.87 -13.18 5.98
CA VAL D 809 -12.56 -12.88 5.41
C VAL D 809 -11.47 -13.13 6.45
N ALA D 810 -11.70 -12.71 7.70
CA ALA D 810 -10.71 -12.98 8.73
C ALA D 810 -10.57 -14.47 8.99
N PHE D 811 -11.69 -15.21 8.97
CA PHE D 811 -11.66 -16.66 9.13
C PHE D 811 -10.76 -17.30 8.07
N ARG D 812 -11.02 -17.00 6.80
CA ARG D 812 -10.21 -17.58 5.74
C ARG D 812 -8.75 -17.16 5.88
N ALA D 813 -8.52 -15.93 6.32
CA ALA D 813 -7.15 -15.46 6.50
C ALA D 813 -6.43 -16.31 7.54
N ARG D 814 -7.08 -16.60 8.67
CA ARG D 814 -6.44 -17.45 9.66
C ARG D 814 -6.14 -18.82 9.06
N TYR D 815 -7.01 -19.31 8.19
CA TYR D 815 -6.73 -20.59 7.55
C TYR D 815 -5.51 -20.49 6.63
N HIS D 816 -5.33 -19.34 5.98
CA HIS D 816 -4.20 -19.16 5.07
C HIS D 816 -2.86 -19.09 5.78
N LEU D 817 -2.84 -19.02 7.11
CA LEU D 817 -1.61 -18.88 7.87
C LEU D 817 -1.09 -20.19 8.44
N VAL D 818 -1.65 -21.32 8.03
CA VAL D 818 -1.23 -22.62 8.55
C VAL D 818 -0.02 -23.09 7.76
N ASP D 819 1.01 -23.58 8.49
CA ASP D 819 2.29 -23.91 7.85
C ASP D 819 2.26 -25.28 7.18
N LYS D 820 2.15 -26.34 7.98
CA LYS D 820 2.15 -27.73 7.51
C LYS D 820 2.86 -27.94 6.18
N ASP D 838 8.35 -14.39 10.79
CA ASP D 838 8.56 -12.99 10.49
C ASP D 838 7.25 -12.30 10.14
N HIS D 839 7.12 -11.03 10.52
CA HIS D 839 5.88 -10.30 10.29
C HIS D 839 5.61 -10.18 8.79
N GLN D 840 6.60 -9.75 8.02
CA GLN D 840 6.43 -9.65 6.57
C GLN D 840 6.01 -11.00 5.99
N ALA D 841 6.57 -12.10 6.51
CA ALA D 841 6.18 -13.41 6.04
C ALA D 841 4.69 -13.65 6.25
N LEU D 842 4.19 -13.33 7.44
CA LEU D 842 2.77 -13.52 7.73
C LEU D 842 1.92 -12.66 6.83
N ALA D 843 2.25 -11.37 6.73
CA ALA D 843 1.51 -10.48 5.83
C ALA D 843 1.51 -11.02 4.41
N LYS D 844 2.60 -11.66 3.99
CA LYS D 844 2.68 -12.23 2.66
C LYS D 844 1.76 -13.42 2.52
N ALA D 845 1.73 -14.30 3.54
CA ALA D 845 0.94 -15.52 3.45
C ALA D 845 -0.54 -15.23 3.25
N VAL D 846 -1.03 -14.10 3.78
CA VAL D 846 -2.44 -13.80 3.76
C VAL D 846 -2.83 -12.92 2.57
N GLN D 847 -1.91 -12.70 1.64
CA GLN D 847 -2.19 -11.93 0.43
C GLN D 847 -2.72 -12.86 -0.64
N VAL D 848 -3.93 -12.57 -1.13
CA VAL D 848 -4.62 -13.44 -2.07
C VAL D 848 -4.14 -13.17 -3.49
N HIS D 849 -4.10 -14.23 -4.29
CA HIS D 849 -3.67 -14.14 -5.68
C HIS D 849 -4.47 -13.10 -6.44
N GLN D 850 -3.84 -12.51 -7.47
CA GLN D 850 -4.45 -11.44 -8.24
C GLN D 850 -5.80 -11.84 -8.83
N ASP D 851 -5.98 -13.13 -9.12
CA ASP D 851 -7.20 -13.59 -9.79
C ASP D 851 -8.36 -13.69 -8.82
N THR D 852 -8.11 -14.15 -7.60
CA THR D 852 -9.15 -14.21 -6.57
C THR D 852 -9.25 -12.93 -5.74
N LEU D 853 -8.27 -12.04 -5.86
CA LEU D 853 -8.21 -10.87 -4.97
C LEU D 853 -9.46 -10.01 -5.06
N ARG D 854 -10.03 -9.86 -6.26
CA ARG D 854 -11.20 -9.04 -6.47
C ARG D 854 -12.49 -9.86 -6.55
N THR D 855 -12.46 -11.10 -6.09
CA THR D 855 -13.62 -11.98 -6.12
C THR D 855 -13.96 -12.43 -4.71
N MET D 856 -15.18 -12.97 -4.56
CA MET D 856 -15.70 -13.35 -3.25
C MET D 856 -15.27 -14.77 -2.88
N TYR D 857 -13.96 -14.97 -2.85
CA TYR D 857 -13.38 -16.26 -2.46
C TYR D 857 -13.84 -16.69 -1.08
N PHE D 858 -14.25 -15.75 -0.24
CA PHE D 858 -14.61 -16.02 1.14
C PHE D 858 -16.05 -16.51 1.30
N ALA D 859 -16.82 -16.57 0.22
CA ALA D 859 -18.22 -17.00 0.31
C ALA D 859 -18.36 -18.46 0.78
BA BA G . 21.14 6.16 -22.97
BA BA H . 6.77 20.85 -43.44
BA BA I . -14.38 -9.49 16.48
#